data_6QL4
#
_entry.id   6QL4
#
_cell.length_a   147.400
_cell.length_b   147.400
_cell.length_c   344.680
_cell.angle_alpha   90.000
_cell.angle_beta   90.000
_cell.angle_gamma   90.000
#
_symmetry.space_group_name_H-M   'P 41 2 2'
#
loop_
_entity.id
_entity.type
_entity.pdbx_description
1 polymer 'Putative mitochondrial dynamin protein'
2 non-polymer 1,2-ETHANEDIOL
#
_entity_poly.entity_id   1
_entity_poly.type   'polypeptide(L)'
_entity_poly.pdbx_seq_one_letter_code
;(MSE)SAQLRAAAAITPAARRVISGPAAVRRFHHYHHLPTGGIQRVEIAARGLRRSVQFPALANAYHNNAVIVRNASFTR
LLPKLALKFIRVPALFGG(MSE)(MSE)LGAVGWVQYQAIKVSNSAQEFYGNIKATVADTAFSVWSSAVDIAEQTKRGWE
NTKNQFEIPEWLDRI(MSE)KGEGLAGEGSGSGEGGPNGGPEPPRQSRAGAATVAGASATVYGYGASDNDDRTPEEI
(MSE)RDDN(MSE)(MSE)FITKK(MSE)IEIRNLLQKVGQGSTVTLPSIVVIGSQSSGKSSVLEAIVGHEFLPKGSN
(MSE)ITRRPIELTLVNDPEAKVDYGEFPDLGLARVTDFSLIQKTLTELNQSVPESECVTDDPIRLTIHSPNIPDLSLID
LPGYIQVAGENQPRELKRKITELCDKYIRGPNIILAISAADTDLANSTALQASRRVDPRGERTIGVITK(MSE)DLVEPE
KGAAILSDRQYPLKLGYVGVISKLPPQSGLFRRDTGNLLASINRNEKNYFGSHPTEFGPDSGVSTGV(MSE)TLRKKLLQ
VLEQQ(MSE)SSKLNETTEAIQRELEETTYQFKVQYNEQP(MSE)SAESYLAASLDDFKHQFHEFASSFGRPQLQTLLKD
ALDQKVLDQLAARYWNRPIEDLSPAPREPDNIIDLPKADPDSPYWHRQLDTACSGLTRLGVGRLAATVAASAIQQHVEKL
LDKSSFAKHPSARKVISDAAATVLADRSYATSDGIEISLKPYKFDPDIQPNEWAQGREHVVGVLQAELEQCQAA(MSE)K
ALENSVGGRKKLKEV(MSE)SFVDKARKGEIIVEGDHPSGAGGFSAALLARGREAVFLRDRADILSLRIQAAKSRQCKTL
TNKYYCPEVFLDAVATKLAQTAVLFLNVE(MSE)LNDFYVRFPREVEAKLHEH(MSE)HAGGGLEKFAREDPKVRRHLDL
IRRKELLETVLGKIEELHRISSGTAGTLGLRGAGDLKKRIGAPSSSGRRSFF
;
_entity_poly.pdbx_strand_id   A,B
#
loop_
_chem_comp.id
_chem_comp.type
_chem_comp.name
_chem_comp.formula
EDO non-polymer 1,2-ETHANEDIOL 'C2 H6 O2'
#
# COMPACT_ATOMS: atom_id res chain seq x y z
N ARG A 223 -57.49 50.44 -41.28
CA ARG A 223 -57.55 49.29 -42.18
C ARG A 223 -56.19 49.09 -42.85
N ASP A 224 -55.17 49.75 -42.31
CA ASP A 224 -53.83 49.74 -42.91
C ASP A 224 -52.94 48.68 -42.25
N ASP A 225 -53.40 47.43 -42.39
CA ASP A 225 -52.60 46.28 -41.96
C ASP A 225 -51.22 46.29 -42.63
N ASN A 226 -51.17 46.65 -43.92
CA ASN A 226 -49.90 46.72 -44.63
C ASN A 226 -49.01 47.82 -44.05
N MSE A 227 -49.60 48.91 -43.57
CA MSE A 227 -48.87 49.97 -42.87
C MSE A 227 -48.28 49.47 -41.56
O MSE A 227 -47.13 49.78 -41.21
CB MSE A 227 -49.77 51.18 -42.62
CG MSE A 227 -49.98 52.09 -43.82
SE MSE A 227 -48.69 53.54 -43.87
CE MSE A 227 -49.08 54.34 -42.13
N MSE A 228 -49.08 48.70 -40.82
CA MSE A 228 -48.59 48.06 -39.60
C MSE A 228 -47.37 47.17 -39.90
O MSE A 228 -46.34 47.26 -39.23
CB MSE A 228 -49.70 47.23 -38.94
CG MSE A 228 -49.44 46.85 -37.49
SE MSE A 228 -49.82 48.28 -36.22
CE MSE A 228 -51.76 48.20 -36.23
N PHE A 229 -47.49 46.35 -40.94
CA PHE A 229 -46.40 45.44 -41.30
C PHE A 229 -45.16 46.20 -41.75
N ILE A 230 -45.33 47.26 -42.54
CA ILE A 230 -44.18 47.98 -43.06
C ILE A 230 -43.45 48.71 -41.93
N THR A 231 -44.21 49.27 -40.99
CA THR A 231 -43.57 49.90 -39.83
C THR A 231 -42.85 48.87 -38.98
N LYS A 232 -43.41 47.67 -38.84
CA LYS A 232 -42.72 46.60 -38.12
C LYS A 232 -41.40 46.25 -38.79
N LYS A 233 -41.41 46.03 -40.10
CA LYS A 233 -40.17 45.71 -40.80
C LYS A 233 -39.13 46.81 -40.61
N MSE A 234 -39.57 48.07 -40.66
CA MSE A 234 -38.64 49.18 -40.54
C MSE A 234 -38.06 49.35 -39.12
O MSE A 234 -36.89 49.71 -38.98
CB MSE A 234 -39.30 50.48 -40.97
CG MSE A 234 -39.61 50.56 -42.45
SE MSE A 234 -39.89 52.40 -43.01
CE MSE A 234 -38.10 53.07 -42.62
N ILE A 235 -38.86 49.10 -38.08
CA ILE A 235 -38.26 49.12 -36.74
C ILE A 235 -37.29 47.95 -36.58
N GLU A 236 -37.61 46.78 -37.15
CA GLU A 236 -36.65 45.68 -37.10
C GLU A 236 -35.33 46.08 -37.72
N ILE A 237 -35.37 46.65 -38.93
CA ILE A 237 -34.12 47.01 -39.59
C ILE A 237 -33.41 48.13 -38.82
N ARG A 238 -34.16 48.99 -38.14
CA ARG A 238 -33.52 49.98 -37.28
C ARG A 238 -32.74 49.30 -36.16
N ASN A 239 -33.37 48.38 -35.45
CA ASN A 239 -32.67 47.69 -34.37
C ASN A 239 -31.44 46.97 -34.88
N LEU A 240 -31.52 46.39 -36.08
CA LEU A 240 -30.34 45.76 -36.67
C LEU A 240 -29.22 46.76 -36.87
N LEU A 241 -29.52 47.90 -37.50
CA LEU A 241 -28.50 48.93 -37.68
C LEU A 241 -27.91 49.37 -36.35
N GLN A 242 -28.74 49.44 -35.31
CA GLN A 242 -28.24 49.76 -33.99
C GLN A 242 -27.30 48.67 -33.48
N LYS A 243 -27.55 47.42 -33.86
CA LYS A 243 -26.71 46.32 -33.42
C LYS A 243 -25.39 46.22 -34.19
N VAL A 244 -25.30 46.85 -35.36
CA VAL A 244 -23.97 46.92 -35.99
C VAL A 244 -23.06 47.88 -35.25
N GLY A 245 -23.61 48.79 -34.45
CA GLY A 245 -22.80 49.64 -33.60
C GLY A 245 -23.16 51.11 -33.66
N GLN A 246 -22.74 51.85 -32.64
CA GLN A 246 -23.04 53.27 -32.56
C GLN A 246 -21.98 54.04 -33.33
N GLY A 247 -22.42 54.99 -34.14
CA GLY A 247 -21.51 55.71 -35.00
C GLY A 247 -20.81 54.87 -36.06
N SER A 248 -21.09 53.57 -36.15
CA SER A 248 -20.49 52.75 -37.17
C SER A 248 -21.42 52.54 -38.36
N THR A 249 -22.54 53.23 -38.41
CA THR A 249 -23.49 53.14 -39.51
C THR A 249 -24.50 54.25 -39.35
N VAL A 250 -25.25 54.47 -40.41
CA VAL A 250 -26.40 55.36 -40.35
C VAL A 250 -27.60 54.59 -39.80
N THR A 251 -28.47 55.27 -39.08
CA THR A 251 -29.64 54.66 -38.47
C THR A 251 -30.91 55.33 -39.01
N LEU A 252 -32.05 54.84 -38.54
CA LEU A 252 -33.36 55.39 -38.84
C LEU A 252 -33.90 56.17 -37.64
N PRO A 253 -34.71 57.18 -37.88
CA PRO A 253 -35.26 57.98 -36.77
C PRO A 253 -36.19 57.18 -35.89
N SER A 254 -36.59 57.79 -34.78
CA SER A 254 -37.50 57.19 -33.81
C SER A 254 -38.05 58.31 -32.93
N ILE A 255 -38.94 57.94 -32.01
CA ILE A 255 -39.56 58.93 -31.12
C ILE A 255 -38.67 59.10 -29.90
N VAL A 256 -38.28 60.34 -29.64
CA VAL A 256 -37.56 60.71 -28.42
C VAL A 256 -38.51 61.50 -27.54
N VAL A 257 -38.62 61.12 -26.27
CA VAL A 257 -39.54 61.75 -25.34
C VAL A 257 -38.73 62.58 -24.34
N ILE A 258 -39.26 63.76 -23.99
CA ILE A 258 -38.63 64.66 -23.03
C ILE A 258 -39.72 65.28 -22.18
N GLY A 259 -39.37 65.57 -20.92
CA GLY A 259 -40.30 66.21 -20.00
C GLY A 259 -39.67 66.77 -18.73
N SER A 260 -40.14 67.94 -18.29
CA SER A 260 -39.70 68.57 -17.05
C SER A 260 -40.03 67.68 -15.85
N GLN A 261 -39.67 68.08 -14.63
CA GLN A 261 -39.81 67.18 -13.48
C GLN A 261 -41.25 66.70 -13.32
N SER A 262 -42.19 67.63 -13.18
CA SER A 262 -43.60 67.25 -13.17
C SER A 262 -44.03 66.70 -14.51
N SER A 263 -43.62 67.37 -15.60
CA SER A 263 -43.91 66.93 -16.95
C SER A 263 -43.27 65.59 -17.28
N GLY A 264 -42.20 65.20 -16.57
CA GLY A 264 -41.50 63.97 -16.81
C GLY A 264 -42.02 62.82 -15.97
N LYS A 265 -42.53 63.13 -14.77
CA LYS A 265 -43.33 62.15 -14.05
C LYS A 265 -44.59 61.83 -14.84
N SER A 266 -45.26 62.87 -15.35
CA SER A 266 -46.36 62.65 -16.28
C SER A 266 -45.89 62.01 -17.57
N SER A 267 -44.60 62.15 -17.89
CA SER A 267 -44.05 61.49 -19.08
C SER A 267 -43.96 59.98 -18.86
N VAL A 268 -43.24 59.55 -17.82
CA VAL A 268 -43.09 58.13 -17.56
C VAL A 268 -44.45 57.49 -17.33
N LEU A 269 -45.36 58.19 -16.66
CA LEU A 269 -46.70 57.68 -16.47
C LEU A 269 -47.45 57.55 -17.80
N GLU A 270 -47.27 58.54 -18.68
CA GLU A 270 -47.86 58.47 -20.01
C GLU A 270 -47.35 57.25 -20.77
N ALA A 271 -46.02 57.09 -20.84
CA ALA A 271 -45.46 55.93 -21.52
C ALA A 271 -45.99 54.64 -20.93
N ILE A 272 -46.15 54.59 -19.60
CA ILE A 272 -46.79 53.44 -18.95
C ILE A 272 -48.14 53.16 -19.61
N VAL A 273 -49.05 54.13 -19.55
CA VAL A 273 -50.40 53.88 -20.05
C VAL A 273 -50.47 53.72 -21.56
N GLY A 274 -49.40 54.07 -22.28
CA GLY A 274 -49.39 53.92 -23.73
C GLY A 274 -49.48 52.50 -24.22
N HIS A 275 -49.28 51.51 -23.33
CA HIS A 275 -49.33 50.11 -23.72
C HIS A 275 -49.86 49.24 -22.59
N GLU A 276 -49.22 49.28 -21.44
CA GLU A 276 -49.60 48.54 -20.23
C GLU A 276 -48.63 48.94 -19.12
N PHE A 277 -49.02 48.66 -17.87
CA PHE A 277 -48.20 49.00 -16.72
C PHE A 277 -46.83 48.34 -16.82
N LEU A 278 -45.79 49.16 -16.74
CA LEU A 278 -44.40 48.70 -16.71
C LEU A 278 -43.65 49.55 -15.71
N PRO A 279 -42.48 49.07 -15.22
CA PRO A 279 -41.75 49.79 -14.17
C PRO A 279 -41.20 51.13 -14.65
N LYS A 280 -41.63 52.20 -13.99
CA LYS A 280 -41.09 53.53 -14.23
C LYS A 280 -41.01 54.28 -12.90
N GLY A 281 -40.50 55.50 -12.96
CA GLY A 281 -40.59 56.41 -11.82
C GLY A 281 -39.84 55.90 -10.61
N SER A 282 -40.49 55.99 -9.45
CA SER A 282 -39.91 55.63 -8.15
C SER A 282 -38.69 56.53 -7.94
N ASN A 283 -37.54 55.99 -7.57
CA ASN A 283 -36.28 56.73 -7.54
C ASN A 283 -35.41 56.18 -8.68
N MSE A 284 -35.24 57.00 -9.73
CA MSE A 284 -34.53 56.58 -10.93
C MSE A 284 -33.32 57.46 -11.21
O MSE A 284 -33.39 58.70 -11.17
CB MSE A 284 -35.48 56.57 -12.14
CG MSE A 284 -35.93 57.95 -12.67
SE MSE A 284 -36.92 59.06 -11.39
CE MSE A 284 -38.25 59.87 -12.57
N ILE A 285 -32.17 56.82 -11.48
CA ILE A 285 -30.99 57.54 -11.93
C ILE A 285 -31.25 58.19 -13.28
N THR A 286 -32.04 57.53 -14.13
CA THR A 286 -32.33 57.98 -15.51
C THR A 286 -31.06 58.34 -16.28
N ARG A 287 -29.90 57.86 -15.83
CA ARG A 287 -28.63 58.19 -16.49
C ARG A 287 -28.51 57.53 -17.86
N ARG A 288 -29.25 56.46 -18.10
CA ARG A 288 -29.18 55.73 -19.35
C ARG A 288 -30.53 55.74 -20.05
N PRO A 289 -30.58 56.03 -21.35
CA PRO A 289 -31.86 55.96 -22.07
C PRO A 289 -32.37 54.53 -22.18
N ILE A 290 -33.63 54.42 -22.58
CA ILE A 290 -34.31 53.12 -22.70
C ILE A 290 -34.94 53.05 -24.09
N GLU A 291 -34.36 52.24 -24.97
CA GLU A 291 -34.88 52.05 -26.33
C GLU A 291 -36.01 51.04 -26.30
N LEU A 292 -37.25 51.53 -26.23
CA LEU A 292 -38.43 50.67 -26.29
C LEU A 292 -38.79 50.39 -27.74
N THR A 293 -38.74 49.13 -28.13
CA THR A 293 -39.16 48.69 -29.45
C THR A 293 -40.35 47.75 -29.29
N LEU A 294 -41.49 48.15 -29.82
CA LEU A 294 -42.73 47.41 -29.63
C LEU A 294 -43.07 46.61 -30.87
N VAL A 295 -43.76 45.49 -30.67
CA VAL A 295 -44.14 44.59 -31.75
C VAL A 295 -45.65 44.39 -31.71
N ASN A 296 -46.30 44.54 -32.86
CA ASN A 296 -47.68 44.07 -32.97
C ASN A 296 -47.69 42.57 -32.73
N ASP A 297 -48.54 42.12 -31.82
CA ASP A 297 -48.47 40.76 -31.29
C ASP A 297 -49.77 40.01 -31.51
N PRO A 298 -50.09 39.66 -32.74
CA PRO A 298 -51.09 38.61 -32.96
C PRO A 298 -50.45 37.25 -32.75
N GLU A 299 -51.29 36.25 -32.56
CA GLU A 299 -50.92 34.85 -32.40
C GLU A 299 -50.32 34.56 -31.02
N ALA A 300 -49.89 35.58 -30.27
CA ALA A 300 -49.40 35.38 -28.90
C ALA A 300 -50.38 36.01 -27.92
N LYS A 301 -50.79 35.24 -26.91
CA LYS A 301 -51.85 35.61 -25.99
C LYS A 301 -51.33 35.97 -24.61
N VAL A 302 -50.02 36.00 -24.41
CA VAL A 302 -49.41 36.34 -23.13
C VAL A 302 -48.65 37.65 -23.28
N ASP A 303 -48.81 38.52 -22.30
CA ASP A 303 -48.10 39.79 -22.26
C ASP A 303 -46.69 39.54 -21.73
N TYR A 304 -45.71 39.50 -22.63
CA TYR A 304 -44.34 39.20 -22.26
C TYR A 304 -43.39 40.23 -22.88
N GLY A 305 -42.42 40.66 -22.09
CA GLY A 305 -41.37 41.54 -22.56
C GLY A 305 -40.02 40.91 -22.32
N GLU A 306 -39.12 41.05 -23.28
CA GLU A 306 -37.81 40.42 -23.24
C GLU A 306 -36.72 41.45 -23.44
N PHE A 307 -35.52 41.11 -22.97
CA PHE A 307 -34.31 41.90 -23.12
C PHE A 307 -33.45 41.32 -24.23
N PRO A 308 -32.92 42.13 -25.13
CA PRO A 308 -32.13 41.61 -26.24
C PRO A 308 -30.75 41.15 -25.82
N ASP A 309 -30.12 41.89 -24.89
CA ASP A 309 -28.82 41.48 -24.38
C ASP A 309 -28.91 40.15 -23.67
N LEU A 310 -29.95 39.95 -22.86
CA LEU A 310 -30.24 38.64 -22.29
C LEU A 310 -31.18 37.87 -23.23
N GLY A 311 -30.63 37.57 -24.42
CA GLY A 311 -31.45 37.05 -25.49
C GLY A 311 -32.12 35.74 -25.13
N LEU A 312 -33.24 35.47 -25.80
CA LEU A 312 -34.07 34.28 -25.63
C LEU A 312 -34.65 34.14 -24.24
N ALA A 313 -34.49 35.15 -23.39
CA ALA A 313 -35.05 35.13 -22.04
C ALA A 313 -36.30 36.01 -22.01
N ARG A 314 -37.43 35.42 -21.68
CA ARG A 314 -38.71 36.11 -21.64
C ARG A 314 -39.15 36.33 -20.20
N VAL A 315 -39.88 37.43 -19.97
CA VAL A 315 -40.38 37.79 -18.65
C VAL A 315 -41.88 37.96 -18.74
N THR A 316 -42.61 37.23 -17.90
CA THR A 316 -44.07 37.27 -17.96
C THR A 316 -44.64 38.40 -17.13
N ASP A 317 -44.24 38.52 -15.87
CA ASP A 317 -44.70 39.55 -14.97
C ASP A 317 -43.75 40.73 -15.00
N PHE A 318 -44.30 41.93 -15.15
CA PHE A 318 -43.51 43.16 -15.22
C PHE A 318 -42.98 43.60 -13.86
N SER A 319 -43.27 42.86 -12.79
CA SER A 319 -42.57 43.08 -11.53
C SER A 319 -41.13 42.59 -11.61
N LEU A 320 -40.91 41.45 -12.28
CA LEU A 320 -39.55 41.01 -12.53
C LEU A 320 -38.82 42.01 -13.44
N ILE A 321 -39.53 42.54 -14.45
CA ILE A 321 -38.97 43.62 -15.24
C ILE A 321 -38.67 44.83 -14.36
N GLN A 322 -39.49 45.05 -13.33
CA GLN A 322 -39.23 46.14 -12.40
C GLN A 322 -37.88 45.96 -11.71
N LYS A 323 -37.71 44.80 -11.05
CA LYS A 323 -36.47 44.55 -10.33
C LYS A 323 -35.26 44.57 -11.27
N THR A 324 -35.41 44.05 -12.49
CA THR A 324 -34.28 43.97 -13.41
C THR A 324 -33.89 45.35 -13.91
N LEU A 325 -34.81 46.07 -14.57
CA LEU A 325 -34.41 47.33 -15.18
C LEU A 325 -34.14 48.40 -14.13
N THR A 326 -34.79 48.32 -12.97
CA THR A 326 -34.41 49.23 -11.88
C THR A 326 -33.07 48.84 -11.26
N GLU A 327 -32.70 47.56 -11.33
CA GLU A 327 -31.34 47.17 -10.95
C GLU A 327 -30.33 47.75 -11.93
N LEU A 328 -30.64 47.72 -13.23
CA LEU A 328 -29.79 48.39 -14.20
C LEU A 328 -29.74 49.89 -13.95
N ASN A 329 -30.84 50.47 -13.47
CA ASN A 329 -30.84 51.86 -13.04
C ASN A 329 -29.80 52.06 -11.96
N GLN A 330 -29.99 51.43 -10.80
CA GLN A 330 -29.04 51.59 -9.70
C GLN A 330 -27.61 51.22 -10.10
N SER A 331 -27.43 50.45 -11.17
CA SER A 331 -26.08 50.14 -11.64
C SER A 331 -25.48 51.30 -12.43
N VAL A 332 -26.28 51.94 -13.28
CA VAL A 332 -25.81 53.01 -14.17
C VAL A 332 -24.71 52.50 -15.11
N THR A 339 -20.93 54.76 -19.02
CA THR A 339 -20.99 54.15 -20.35
C THR A 339 -21.95 54.91 -21.27
N ASP A 340 -23.05 55.41 -20.70
CA ASP A 340 -24.10 56.15 -21.39
C ASP A 340 -24.86 55.30 -22.40
N ASP A 341 -24.60 54.00 -22.44
CA ASP A 341 -25.27 53.14 -23.40
C ASP A 341 -26.75 52.99 -23.03
N PRO A 342 -27.64 53.05 -24.01
CA PRO A 342 -29.07 52.86 -23.70
C PRO A 342 -29.47 51.40 -23.71
N ILE A 343 -30.25 51.00 -22.70
CA ILE A 343 -30.75 49.64 -22.62
C ILE A 343 -31.88 49.45 -23.62
N ARG A 344 -31.78 48.39 -24.43
CA ARG A 344 -32.82 48.09 -25.40
C ARG A 344 -33.87 47.18 -24.77
N LEU A 345 -35.08 47.27 -25.29
CA LEU A 345 -36.23 46.54 -24.73
C LEU A 345 -37.19 46.18 -25.85
N THR A 346 -37.88 45.06 -25.66
CA THR A 346 -38.85 44.56 -26.62
C THR A 346 -40.02 43.97 -25.86
N ILE A 347 -41.23 44.42 -26.19
CA ILE A 347 -42.45 43.98 -25.51
C ILE A 347 -43.49 43.60 -26.56
N HIS A 348 -44.15 42.46 -26.35
CA HIS A 348 -45.15 41.94 -27.27
C HIS A 348 -46.49 41.91 -26.57
N SER A 349 -47.50 42.52 -27.17
CA SER A 349 -48.85 42.50 -26.66
C SER A 349 -49.81 42.70 -27.82
N PRO A 350 -50.88 41.92 -27.90
CA PRO A 350 -51.85 42.13 -29.00
C PRO A 350 -52.55 43.47 -28.93
N ASN A 351 -52.62 44.08 -27.75
CA ASN A 351 -53.29 45.36 -27.60
C ASN A 351 -52.44 46.50 -28.16
N ILE A 352 -51.11 46.38 -28.04
CA ILE A 352 -50.19 47.49 -28.32
C ILE A 352 -49.85 47.54 -29.81
N PRO A 353 -49.77 48.74 -30.40
CA PRO A 353 -49.24 48.86 -31.76
C PRO A 353 -47.73 48.98 -31.74
N ASP A 354 -47.09 48.37 -32.73
CA ASP A 354 -45.64 48.38 -32.82
C ASP A 354 -45.13 49.80 -33.00
N LEU A 355 -44.07 50.14 -32.27
CA LEU A 355 -43.59 51.50 -32.21
C LEU A 355 -42.08 51.46 -32.02
N SER A 356 -41.50 52.61 -31.65
CA SER A 356 -40.06 52.69 -31.43
C SER A 356 -39.68 53.96 -30.68
N LEU A 357 -40.09 54.07 -29.43
CA LEU A 357 -39.77 55.24 -28.63
C LEU A 357 -38.58 54.97 -27.73
N ILE A 358 -37.84 56.02 -27.42
CA ILE A 358 -36.71 55.95 -26.50
C ILE A 358 -36.90 57.01 -25.42
N ASP A 359 -36.75 56.60 -24.16
CA ASP A 359 -36.97 57.46 -23.00
C ASP A 359 -35.61 57.81 -22.39
N LEU A 360 -35.22 59.07 -22.50
CA LEU A 360 -34.03 59.60 -21.86
C LEU A 360 -34.43 60.38 -20.60
N PRO A 361 -33.46 60.77 -19.77
CA PRO A 361 -33.81 61.47 -18.52
C PRO A 361 -34.58 62.76 -18.77
N GLY A 362 -35.61 62.98 -17.95
CA GLY A 362 -36.32 64.24 -17.98
C GLY A 362 -35.55 65.35 -17.28
N TYR A 363 -35.84 66.58 -17.68
CA TYR A 363 -35.10 67.73 -17.17
C TYR A 363 -35.45 67.96 -15.70
N ILE A 364 -34.48 68.47 -14.95
CA ILE A 364 -34.67 68.70 -13.52
C ILE A 364 -34.39 70.16 -13.17
N LEU A 375 -23.83 68.24 -13.26
CA LEU A 375 -24.64 67.03 -13.17
C LEU A 375 -25.91 67.19 -14.00
N LYS A 376 -26.73 68.17 -13.62
CA LYS A 376 -27.92 68.49 -14.39
C LYS A 376 -27.55 69.07 -15.76
N ARG A 377 -26.37 69.68 -15.87
CA ARG A 377 -25.88 70.14 -17.16
C ARG A 377 -25.57 68.98 -18.10
N LYS A 378 -25.14 67.84 -17.56
CA LYS A 378 -24.82 66.69 -18.39
C LYS A 378 -26.08 66.04 -18.97
N ILE A 379 -27.12 65.89 -18.15
CA ILE A 379 -28.39 65.34 -18.62
C ILE A 379 -28.93 66.17 -19.78
N THR A 380 -28.88 67.50 -19.66
CA THR A 380 -29.33 68.37 -20.74
C THR A 380 -28.41 68.26 -21.95
N GLU A 381 -27.13 67.94 -21.74
CA GLU A 381 -26.22 67.72 -22.87
C GLU A 381 -26.63 66.49 -23.68
N LEU A 382 -26.87 65.37 -22.99
CA LEU A 382 -27.29 64.17 -23.69
C LEU A 382 -28.66 64.37 -24.35
N CYS A 383 -29.58 65.03 -23.66
CA CYS A 383 -30.89 65.32 -24.25
C CYS A 383 -30.74 66.13 -25.53
N ASP A 384 -30.08 67.29 -25.44
CA ASP A 384 -29.84 68.12 -26.62
C ASP A 384 -29.23 67.31 -27.76
N LYS A 385 -28.21 66.50 -27.45
CA LYS A 385 -27.60 65.65 -28.47
C LYS A 385 -28.61 64.73 -29.14
N TYR A 386 -29.54 64.18 -28.36
CA TYR A 386 -30.51 63.25 -28.93
C TYR A 386 -31.57 63.98 -29.76
N ILE A 387 -31.98 65.18 -29.33
CA ILE A 387 -33.08 65.86 -30.01
C ILE A 387 -32.62 66.61 -31.25
N ARG A 388 -31.34 66.98 -31.34
CA ARG A 388 -30.89 67.81 -32.46
C ARG A 388 -31.05 67.07 -33.79
N GLY A 389 -30.79 65.77 -33.81
CA GLY A 389 -30.95 64.98 -35.00
C GLY A 389 -32.42 64.74 -35.34
N PRO A 390 -32.73 64.57 -36.62
CA PRO A 390 -34.14 64.51 -37.05
C PRO A 390 -34.88 63.27 -36.57
N ASN A 391 -35.00 63.12 -35.26
CA ASN A 391 -35.95 62.19 -34.67
C ASN A 391 -37.28 62.91 -34.49
N ILE A 392 -38.36 62.12 -34.44
CA ILE A 392 -39.69 62.66 -34.16
C ILE A 392 -39.80 62.81 -32.64
N ILE A 393 -39.69 64.04 -32.16
CA ILE A 393 -39.59 64.30 -30.73
C ILE A 393 -40.99 64.40 -30.13
N LEU A 394 -41.19 63.71 -29.01
CA LEU A 394 -42.47 63.67 -28.30
C LEU A 394 -42.30 64.45 -27.00
N ALA A 395 -42.85 65.65 -26.95
CA ALA A 395 -42.78 66.49 -25.76
C ALA A 395 -44.08 66.36 -24.96
N ILE A 396 -43.94 66.30 -23.63
CA ILE A 396 -45.07 66.23 -22.73
C ILE A 396 -45.03 67.44 -21.81
N SER A 397 -46.20 67.79 -21.28
CA SER A 397 -46.30 68.96 -20.40
C SER A 397 -47.48 68.80 -19.46
N ALA A 398 -47.22 68.97 -18.17
CA ALA A 398 -48.30 68.93 -17.18
C ALA A 398 -49.15 70.19 -17.26
N ALA A 399 -50.46 70.03 -17.07
CA ALA A 399 -51.36 71.16 -17.22
C ALA A 399 -51.16 72.22 -16.15
N ASP A 400 -50.57 71.84 -15.01
CA ASP A 400 -50.32 72.80 -13.93
C ASP A 400 -49.31 73.86 -14.35
N THR A 401 -48.20 73.44 -14.93
CA THR A 401 -47.15 74.36 -15.34
C THR A 401 -47.59 75.18 -16.54
N ASP A 402 -47.15 76.43 -16.56
CA ASP A 402 -47.32 77.27 -17.74
C ASP A 402 -46.61 76.63 -18.94
N LEU A 403 -47.11 76.93 -20.14
CA LEU A 403 -46.52 76.35 -21.35
C LEU A 403 -45.14 76.92 -21.62
N ALA A 404 -44.96 78.24 -21.44
CA ALA A 404 -43.66 78.85 -21.63
C ALA A 404 -42.66 78.46 -20.55
N ASN A 405 -43.12 77.84 -19.47
CA ASN A 405 -42.24 77.40 -18.38
C ASN A 405 -41.74 75.97 -18.55
N SER A 406 -42.39 75.16 -19.38
CA SER A 406 -42.01 73.76 -19.53
C SER A 406 -40.73 73.65 -20.36
N THR A 407 -39.68 73.09 -19.76
CA THR A 407 -38.41 72.88 -20.46
C THR A 407 -38.55 71.87 -21.60
N ALA A 408 -39.54 70.97 -21.53
CA ALA A 408 -39.76 70.02 -22.61
C ALA A 408 -40.15 70.75 -23.89
N LEU A 409 -41.23 71.53 -23.84
CA LEU A 409 -41.66 72.28 -25.02
C LEU A 409 -40.65 73.36 -25.37
N GLN A 410 -39.99 73.95 -24.37
CA GLN A 410 -39.04 75.01 -24.64
C GLN A 410 -37.83 74.50 -25.42
N ALA A 411 -37.31 73.34 -25.04
CA ALA A 411 -36.21 72.74 -25.80
C ALA A 411 -36.71 72.21 -27.15
N SER A 412 -37.92 71.66 -27.18
CA SER A 412 -38.54 71.27 -28.44
C SER A 412 -38.49 72.41 -29.45
N ARG A 413 -38.84 73.61 -29.01
CA ARG A 413 -38.76 74.80 -29.85
C ARG A 413 -37.33 75.28 -30.03
N ARG A 414 -36.41 74.92 -29.12
CA ARG A 414 -35.02 75.31 -29.28
C ARG A 414 -34.38 74.61 -30.47
N VAL A 415 -34.56 73.29 -30.55
CA VAL A 415 -33.98 72.54 -31.67
C VAL A 415 -34.91 72.45 -32.88
N ASP A 416 -36.19 72.74 -32.71
CA ASP A 416 -37.16 72.69 -33.79
C ASP A 416 -37.94 74.00 -33.81
N PRO A 417 -37.44 75.01 -34.53
CA PRO A 417 -38.17 76.28 -34.59
C PRO A 417 -39.48 76.18 -35.35
N ARG A 418 -39.50 75.42 -36.45
CA ARG A 418 -40.72 75.30 -37.23
C ARG A 418 -41.80 74.50 -36.54
N GLY A 419 -41.43 73.69 -35.54
CA GLY A 419 -42.40 72.79 -34.93
C GLY A 419 -42.93 71.75 -35.88
N GLU A 420 -42.13 71.37 -36.88
CA GLU A 420 -42.58 70.43 -37.90
C GLU A 420 -42.37 68.98 -37.51
N ARG A 421 -41.38 68.68 -36.66
CA ARG A 421 -41.05 67.31 -36.34
C ARG A 421 -41.27 67.00 -34.86
N THR A 422 -42.07 67.79 -34.16
CA THR A 422 -42.34 67.57 -32.74
C THR A 422 -43.85 67.61 -32.50
N ILE A 423 -44.35 66.63 -31.74
CA ILE A 423 -45.73 66.63 -31.30
C ILE A 423 -45.74 66.80 -29.79
N GLY A 424 -46.83 67.40 -29.29
CA GLY A 424 -46.95 67.73 -27.89
C GLY A 424 -48.07 66.95 -27.24
N VAL A 425 -47.88 66.62 -25.96
CA VAL A 425 -48.88 65.92 -25.17
C VAL A 425 -49.05 66.67 -23.86
N ILE A 426 -50.28 67.06 -23.56
CA ILE A 426 -50.61 67.73 -22.30
C ILE A 426 -51.19 66.69 -21.36
N THR A 427 -50.47 66.41 -20.30
CA THR A 427 -50.81 65.36 -19.34
C THR A 427 -51.35 65.98 -18.05
N LYS A 428 -51.81 65.10 -17.16
CA LYS A 428 -52.46 65.50 -15.91
C LYS A 428 -53.61 66.47 -16.18
N MSE A 429 -54.33 66.23 -17.27
CA MSE A 429 -55.29 67.21 -17.76
C MSE A 429 -56.67 67.04 -17.13
O MSE A 429 -57.60 67.77 -17.48
CB MSE A 429 -55.41 67.13 -19.28
CG MSE A 429 -55.66 68.48 -19.95
SE MSE A 429 -55.95 68.37 -21.87
CE MSE A 429 -55.62 70.22 -22.35
N ASP A 430 -56.83 66.10 -16.20
CA ASP A 430 -58.12 65.96 -15.56
C ASP A 430 -58.36 67.06 -14.54
N LEU A 431 -57.29 67.58 -13.94
CA LEU A 431 -57.44 68.58 -12.88
C LEU A 431 -57.32 70.01 -13.40
N VAL A 432 -58.01 70.29 -14.52
CA VAL A 432 -58.17 71.65 -15.03
C VAL A 432 -59.58 71.79 -15.57
N GLU A 433 -60.06 73.04 -15.61
CA GLU A 433 -61.34 73.32 -16.24
C GLU A 433 -61.22 73.03 -17.74
N PRO A 434 -62.31 72.57 -18.37
CA PRO A 434 -62.27 72.39 -19.82
C PRO A 434 -62.11 73.69 -20.59
N GLU A 435 -62.33 74.84 -19.93
CA GLU A 435 -61.90 76.11 -20.51
C GLU A 435 -60.38 76.16 -20.60
N LYS A 436 -59.69 75.64 -19.58
CA LYS A 436 -58.25 75.43 -19.69
C LYS A 436 -57.93 74.39 -20.75
N GLY A 437 -58.73 73.33 -20.82
CA GLY A 437 -58.49 72.28 -21.80
C GLY A 437 -58.45 72.82 -23.22
N ALA A 438 -59.42 73.65 -23.58
CA ALA A 438 -59.41 74.26 -24.91
C ALA A 438 -58.26 75.25 -25.04
N ALA A 439 -57.86 75.88 -23.94
CA ALA A 439 -56.79 76.87 -23.98
C ALA A 439 -55.43 76.20 -24.18
N ILE A 440 -55.16 75.15 -23.43
CA ILE A 440 -53.85 74.50 -23.52
C ILE A 440 -53.76 73.67 -24.79
N LEU A 441 -54.73 72.78 -25.00
CA LEU A 441 -54.66 71.84 -26.12
C LEU A 441 -54.74 72.56 -27.46
N SER A 442 -55.64 73.54 -27.57
CA SER A 442 -55.73 74.38 -28.76
C SER A 442 -55.05 75.70 -28.42
N ASP A 443 -53.81 75.85 -28.89
CA ASP A 443 -53.04 77.06 -28.64
C ASP A 443 -52.54 77.61 -29.96
N ARG A 444 -52.52 78.94 -30.06
CA ARG A 444 -51.91 79.61 -31.20
C ARG A 444 -50.61 80.29 -30.84
N GLN A 445 -50.28 80.39 -29.55
CA GLN A 445 -49.04 81.06 -29.14
C GLN A 445 -47.82 80.30 -29.66
N TYR A 446 -47.79 78.98 -29.44
CA TYR A 446 -46.68 78.13 -29.87
C TYR A 446 -47.24 76.99 -30.71
N PRO A 447 -47.72 77.29 -31.92
CA PRO A 447 -48.34 76.25 -32.75
C PRO A 447 -47.30 75.36 -33.41
N LEU A 448 -47.75 74.19 -33.84
CA LEU A 448 -46.89 73.25 -34.52
C LEU A 448 -47.75 72.29 -35.33
N LYS A 449 -47.18 71.75 -36.41
CA LYS A 449 -47.84 70.68 -37.11
C LYS A 449 -47.94 69.45 -36.20
N LEU A 450 -48.73 68.48 -36.65
CA LEU A 450 -48.97 67.23 -35.91
C LEU A 450 -49.79 67.50 -34.65
N GLY A 451 -49.88 68.76 -34.24
CA GLY A 451 -50.75 69.18 -33.15
C GLY A 451 -50.38 68.66 -31.78
N TYR A 452 -51.09 69.13 -30.76
CA TYR A 452 -50.98 68.61 -29.41
C TYR A 452 -52.07 67.58 -29.17
N VAL A 453 -51.84 66.74 -28.17
CA VAL A 453 -52.79 65.68 -27.79
C VAL A 453 -52.86 65.63 -26.28
N GLY A 454 -53.98 66.02 -25.70
CA GLY A 454 -54.16 65.98 -24.26
C GLY A 454 -54.69 64.63 -23.80
N VAL A 455 -54.08 64.10 -22.74
CA VAL A 455 -54.50 62.84 -22.15
C VAL A 455 -54.34 62.92 -20.63
N ILE A 456 -55.21 62.20 -19.92
CA ILE A 456 -55.07 61.99 -18.49
C ILE A 456 -54.68 60.53 -18.29
N SER A 457 -53.43 60.31 -17.86
CA SER A 457 -52.87 58.98 -17.72
C SER A 457 -52.75 58.64 -16.24
N LYS A 458 -53.24 57.45 -15.87
CA LYS A 458 -53.07 56.89 -14.52
C LYS A 458 -53.76 55.53 -14.46
N GLY A 471 -55.74 43.39 -12.84
CA GLY A 471 -55.25 43.51 -14.20
C GLY A 471 -56.16 44.34 -15.09
N ASN A 472 -55.95 44.25 -16.40
CA ASN A 472 -56.76 44.97 -17.40
C ASN A 472 -56.63 46.48 -17.24
N LEU A 473 -55.41 46.93 -16.92
CA LEU A 473 -55.19 48.35 -16.66
C LEU A 473 -55.26 49.17 -17.95
N LEU A 474 -54.82 48.59 -19.07
CA LEU A 474 -54.95 49.24 -20.36
C LEU A 474 -56.40 49.59 -20.66
N ALA A 475 -57.28 48.59 -20.65
CA ALA A 475 -58.69 48.83 -20.91
C ALA A 475 -59.31 49.73 -19.84
N SER A 476 -58.83 49.65 -18.60
CA SER A 476 -59.37 50.50 -17.55
C SER A 476 -59.12 51.98 -17.85
N ILE A 477 -57.86 52.33 -18.12
CA ILE A 477 -57.51 53.70 -18.51
C ILE A 477 -58.26 54.11 -19.77
N ASN A 478 -58.48 53.16 -20.68
CA ASN A 478 -59.28 53.45 -21.87
C ASN A 478 -60.70 53.89 -21.48
N ARG A 479 -61.36 53.11 -20.62
CA ARG A 479 -62.71 53.46 -20.18
C ARG A 479 -62.73 54.80 -19.47
N ASN A 480 -61.71 55.08 -18.64
CA ASN A 480 -61.64 56.39 -17.99
C ASN A 480 -61.55 57.50 -19.01
N GLU A 481 -60.74 57.32 -20.05
CA GLU A 481 -60.67 58.32 -21.12
C GLU A 481 -62.02 58.51 -21.78
N LYS A 482 -62.74 57.41 -22.05
CA LYS A 482 -64.02 57.54 -22.74
C LYS A 482 -65.05 58.27 -21.87
N ASN A 483 -65.10 57.96 -20.57
CA ASN A 483 -66.18 58.50 -19.74
C ASN A 483 -65.86 59.90 -19.23
N TYR A 484 -64.58 60.25 -19.08
CA TYR A 484 -64.25 61.57 -18.53
C TYR A 484 -64.76 62.67 -19.45
N PHE A 485 -64.73 62.44 -20.76
CA PHE A 485 -65.08 63.48 -21.72
C PHE A 485 -66.58 63.68 -21.84
N GLY A 486 -67.39 62.72 -21.40
CA GLY A 486 -68.80 62.96 -21.25
C GLY A 486 -69.13 64.01 -20.20
N SER A 487 -68.24 64.18 -19.20
CA SER A 487 -68.46 65.22 -18.20
C SER A 487 -68.46 66.61 -18.83
N HIS A 488 -67.67 66.81 -19.87
CA HIS A 488 -67.62 68.08 -20.60
C HIS A 488 -67.45 67.77 -22.07
N PRO A 489 -68.51 67.32 -22.75
CA PRO A 489 -68.37 66.85 -24.14
C PRO A 489 -68.29 67.96 -25.17
N THR A 490 -68.99 69.08 -24.92
CA THR A 490 -68.98 70.17 -25.89
C THR A 490 -67.61 70.83 -25.98
N GLU A 491 -66.84 70.82 -24.90
CA GLU A 491 -65.59 71.55 -24.85
C GLU A 491 -64.48 70.83 -25.62
N PHE A 492 -64.28 69.53 -25.32
CA PHE A 492 -63.32 68.69 -26.05
C PHE A 492 -64.02 67.39 -26.45
N GLY A 493 -64.85 67.47 -27.49
CA GLY A 493 -65.53 66.31 -28.00
C GLY A 493 -65.60 66.32 -29.51
N PRO A 494 -66.55 65.57 -30.07
CA PRO A 494 -66.71 65.53 -31.53
C PRO A 494 -67.01 66.91 -32.09
N ASP A 495 -66.30 67.27 -33.16
CA ASP A 495 -66.31 68.54 -33.88
C ASP A 495 -65.57 69.64 -33.11
N SER A 496 -65.18 69.42 -31.87
CA SER A 496 -64.23 70.33 -31.24
C SER A 496 -62.86 70.15 -31.88
N GLY A 497 -62.18 71.28 -32.11
CA GLY A 497 -60.93 71.23 -32.87
C GLY A 497 -59.84 70.40 -32.21
N VAL A 498 -59.87 70.29 -30.89
CA VAL A 498 -58.82 69.60 -30.14
C VAL A 498 -58.92 68.09 -30.34
N SER A 499 -57.86 67.37 -29.97
CA SER A 499 -57.79 65.92 -30.10
C SER A 499 -57.23 65.32 -28.83
N THR A 500 -57.87 64.24 -28.35
CA THR A 500 -57.61 63.74 -27.01
C THR A 500 -57.70 62.22 -26.99
N GLY A 501 -57.42 61.66 -25.82
CA GLY A 501 -57.49 60.23 -25.59
C GLY A 501 -56.22 59.50 -26.00
N VAL A 502 -56.07 58.29 -25.48
CA VAL A 502 -54.79 57.59 -25.63
C VAL A 502 -54.70 56.93 -27.00
N MSE A 503 -55.81 56.40 -27.49
CA MSE A 503 -55.85 55.72 -28.78
C MSE A 503 -55.45 56.66 -29.91
O MSE A 503 -54.69 56.29 -30.81
CB MSE A 503 -57.24 55.14 -29.05
CG MSE A 503 -57.33 53.62 -28.90
SE MSE A 503 -57.21 53.04 -27.04
CE MSE A 503 -57.10 51.11 -27.32
N THR A 504 -55.96 57.89 -29.86
CA THR A 504 -55.61 58.88 -30.89
C THR A 504 -54.13 59.24 -30.82
N LEU A 505 -53.60 59.44 -29.62
CA LEU A 505 -52.17 59.69 -29.47
C LEU A 505 -51.36 58.57 -30.08
N ARG A 506 -51.72 57.32 -29.79
CA ARG A 506 -50.99 56.18 -30.34
C ARG A 506 -51.06 56.15 -31.86
N LYS A 507 -52.27 56.34 -32.41
CA LYS A 507 -52.43 56.33 -33.86
C LYS A 507 -51.55 57.40 -34.50
N LYS A 508 -51.58 58.62 -33.95
CA LYS A 508 -50.75 59.69 -34.48
C LYS A 508 -49.27 59.33 -34.42
N LEU A 509 -48.82 58.78 -33.29
CA LEU A 509 -47.42 58.36 -33.17
C LEU A 509 -47.05 57.38 -34.28
N LEU A 510 -47.91 56.38 -34.51
CA LEU A 510 -47.66 55.43 -35.59
C LEU A 510 -47.51 56.14 -36.93
N GLN A 511 -48.45 57.03 -37.25
CA GLN A 511 -48.41 57.69 -38.55
C GLN A 511 -47.14 58.53 -38.73
N VAL A 512 -46.85 59.41 -37.76
CA VAL A 512 -45.69 60.30 -37.91
C VAL A 512 -44.41 59.49 -37.99
N LEU A 513 -44.25 58.50 -37.11
CA LEU A 513 -43.06 57.67 -37.15
C LEU A 513 -42.90 57.00 -38.51
N GLU A 514 -44.00 56.41 -39.02
CA GLU A 514 -43.95 55.77 -40.33
C GLU A 514 -43.50 56.75 -41.41
N GLN A 515 -44.04 57.97 -41.40
CA GLN A 515 -43.70 58.94 -42.44
C GLN A 515 -42.23 59.34 -42.37
N GLN A 516 -41.78 59.77 -41.18
CA GLN A 516 -40.40 60.23 -41.04
C GLN A 516 -39.41 59.11 -41.38
N MSE A 517 -39.59 57.94 -40.79
CA MSE A 517 -38.73 56.80 -41.06
C MSE A 517 -38.69 56.46 -42.55
O MSE A 517 -37.62 56.33 -43.13
CB MSE A 517 -39.19 55.57 -40.29
CG MSE A 517 -38.88 55.60 -38.81
SE MSE A 517 -38.79 53.80 -38.12
CE MSE A 517 -40.35 53.08 -39.04
N SER A 518 -39.88 56.33 -43.16
CA SER A 518 -39.93 56.01 -44.58
C SER A 518 -39.18 57.04 -45.41
N SER A 519 -39.25 58.32 -45.02
CA SER A 519 -38.51 59.35 -45.76
C SER A 519 -37.01 59.12 -45.65
N LYS A 520 -36.50 58.96 -44.42
CA LYS A 520 -35.06 58.75 -44.26
C LYS A 520 -34.58 57.42 -44.85
N LEU A 521 -35.52 56.51 -45.14
CA LEU A 521 -35.19 55.14 -45.52
C LEU A 521 -34.32 55.08 -46.78
N ASN A 522 -34.64 55.89 -47.78
CA ASN A 522 -33.91 55.79 -49.05
C ASN A 522 -32.44 56.18 -48.87
N GLU A 523 -32.20 57.34 -48.26
CA GLU A 523 -30.83 57.80 -48.10
C GLU A 523 -30.06 56.87 -47.18
N THR A 524 -30.68 56.43 -46.08
CA THR A 524 -30.02 55.45 -45.23
C THR A 524 -29.65 54.20 -46.01
N THR A 525 -30.57 53.73 -46.87
CA THR A 525 -30.30 52.52 -47.64
C THR A 525 -29.08 52.70 -48.55
N GLU A 526 -29.01 53.81 -49.27
CA GLU A 526 -27.86 54.03 -50.14
C GLU A 526 -26.58 54.06 -49.33
N ALA A 527 -26.59 54.74 -48.18
CA ALA A 527 -25.40 54.79 -47.34
C ALA A 527 -24.99 53.41 -46.85
N ILE A 528 -25.96 52.58 -46.47
CA ILE A 528 -25.65 51.23 -46.00
C ILE A 528 -25.01 50.42 -47.13
N GLN A 529 -25.54 50.54 -48.35
CA GLN A 529 -24.91 49.85 -49.47
C GLN A 529 -23.46 50.27 -49.63
N ARG A 530 -23.19 51.57 -49.45
CA ARG A 530 -21.81 52.05 -49.56
C ARG A 530 -20.92 51.43 -48.49
N GLU A 531 -21.37 51.44 -47.23
CA GLU A 531 -20.52 50.92 -46.16
C GLU A 531 -20.36 49.41 -46.25
N LEU A 532 -21.33 48.70 -46.81
CA LEU A 532 -21.13 47.28 -47.09
C LEU A 532 -20.06 47.09 -48.16
N GLU A 533 -20.08 47.92 -49.20
CA GLU A 533 -19.02 47.86 -50.21
C GLU A 533 -17.66 48.06 -49.56
N GLU A 534 -17.53 49.07 -48.71
CA GLU A 534 -16.24 49.36 -48.09
C GLU A 534 -15.80 48.25 -47.14
N THR A 535 -16.72 47.74 -46.32
CA THR A 535 -16.36 46.66 -45.41
C THR A 535 -15.91 45.42 -46.18
N THR A 536 -16.58 45.11 -47.29
CA THR A 536 -16.13 43.99 -48.11
C THR A 536 -14.74 44.25 -48.67
N TYR A 537 -14.48 45.49 -49.10
CA TYR A 537 -13.16 45.84 -49.62
C TYR A 537 -12.07 45.63 -48.58
N GLN A 538 -12.27 46.16 -47.37
CA GLN A 538 -11.28 45.94 -46.31
C GLN A 538 -11.13 44.46 -45.98
N PHE A 539 -12.22 43.69 -46.03
CA PHE A 539 -12.10 42.27 -45.79
C PHE A 539 -11.25 41.59 -46.85
N LYS A 540 -11.27 42.10 -48.08
CA LYS A 540 -10.45 41.51 -49.13
C LYS A 540 -8.99 41.93 -48.99
N VAL A 541 -8.73 43.22 -48.78
CA VAL A 541 -7.35 43.70 -48.81
C VAL A 541 -6.59 43.31 -47.54
N GLN A 542 -7.22 43.41 -46.36
CA GLN A 542 -6.41 43.22 -45.15
C GLN A 542 -6.39 41.79 -44.62
N TYR A 543 -7.48 41.04 -44.75
CA TYR A 543 -7.49 39.66 -44.28
C TYR A 543 -7.61 38.63 -45.39
N ASN A 544 -7.58 39.05 -46.66
CA ASN A 544 -7.64 38.14 -47.80
C ASN A 544 -8.89 37.26 -47.72
N GLU A 545 -9.94 37.79 -47.08
CA GLU A 545 -11.23 37.13 -46.95
C GLU A 545 -11.12 35.81 -46.20
N GLN A 546 -10.15 35.70 -45.29
CA GLN A 546 -9.96 34.46 -44.56
C GLN A 546 -10.99 34.35 -43.44
N PRO A 547 -11.82 33.30 -43.42
CA PRO A 547 -12.81 33.18 -42.35
C PRO A 547 -12.14 32.89 -41.02
N MSE A 548 -12.78 33.37 -39.96
CA MSE A 548 -12.21 33.26 -38.62
C MSE A 548 -13.29 33.02 -37.58
O MSE A 548 -14.37 33.60 -37.65
CB MSE A 548 -11.43 34.53 -38.28
CG MSE A 548 -10.75 34.50 -36.91
SE MSE A 548 -9.15 33.40 -36.91
CE MSE A 548 -7.95 34.55 -37.93
N SER A 549 -13.01 32.13 -36.63
CA SER A 549 -13.88 31.93 -35.48
C SER A 549 -13.04 31.79 -34.23
N ALA A 550 -13.66 32.07 -33.09
CA ALA A 550 -12.97 31.96 -31.81
C ALA A 550 -12.43 30.53 -31.61
N GLU A 551 -13.27 29.53 -31.86
CA GLU A 551 -12.83 28.16 -31.70
C GLU A 551 -11.68 27.83 -32.66
N SER A 552 -11.72 28.39 -33.87
CA SER A 552 -10.64 28.16 -34.82
C SER A 552 -9.33 28.75 -34.31
N TYR A 553 -9.39 29.98 -33.77
CA TYR A 553 -8.20 30.59 -33.20
C TYR A 553 -7.65 29.76 -32.04
N LEU A 554 -8.52 29.38 -31.11
CA LEU A 554 -8.08 28.59 -29.97
C LEU A 554 -7.43 27.28 -30.41
N ALA A 555 -8.06 26.58 -31.37
CA ALA A 555 -7.50 25.33 -31.83
C ALA A 555 -6.14 25.53 -32.47
N ALA A 556 -6.02 26.53 -33.36
CA ALA A 556 -4.76 26.73 -34.07
C ALA A 556 -3.64 27.11 -33.11
N SER A 557 -3.92 28.01 -32.17
CA SER A 557 -2.91 28.40 -31.20
C SER A 557 -2.54 27.24 -30.29
N LEU A 558 -3.51 26.40 -29.92
CA LEU A 558 -3.20 25.24 -29.11
C LEU A 558 -2.30 24.26 -29.85
N ASP A 559 -2.56 24.06 -31.15
CA ASP A 559 -1.67 23.21 -31.93
C ASP A 559 -0.26 23.79 -32.02
N ASP A 560 -0.17 25.12 -32.17
CA ASP A 560 1.14 25.75 -32.16
C ASP A 560 1.87 25.48 -30.86
N PHE A 561 1.17 25.64 -29.73
CA PHE A 561 1.81 25.35 -28.44
C PHE A 561 2.20 23.88 -28.34
N LYS A 562 1.38 22.99 -28.89
CA LYS A 562 1.71 21.57 -28.81
C LYS A 562 2.94 21.24 -29.64
N HIS A 563 3.09 21.88 -30.80
CA HIS A 563 4.29 21.65 -31.60
C HIS A 563 5.53 22.18 -30.89
N GLN A 564 5.42 23.37 -30.30
CA GLN A 564 6.52 23.92 -29.51
C GLN A 564 6.91 22.98 -28.37
N PHE A 565 5.90 22.45 -27.67
CA PHE A 565 6.18 21.51 -26.58
C PHE A 565 6.83 20.24 -27.11
N HIS A 566 6.41 19.78 -28.28
CA HIS A 566 7.03 18.60 -28.89
C HIS A 566 8.52 18.84 -29.14
N GLU A 567 8.86 20.00 -29.72
CA GLU A 567 10.27 20.32 -29.91
C GLU A 567 11.00 20.32 -28.57
N PHE A 568 10.39 20.89 -27.53
CA PHE A 568 11.05 20.89 -26.22
C PHE A 568 11.28 19.46 -25.73
N ALA A 569 10.27 18.61 -25.83
CA ALA A 569 10.39 17.25 -25.33
C ALA A 569 11.47 16.48 -26.08
N SER A 570 11.56 16.70 -27.39
CA SER A 570 12.69 16.12 -28.13
C SER A 570 14.01 16.70 -27.65
N SER A 571 14.00 17.92 -27.12
CA SER A 571 15.23 18.53 -26.65
C SER A 571 15.66 18.03 -25.27
N PHE A 572 14.71 17.73 -24.39
CA PHE A 572 15.02 17.57 -22.98
C PHE A 572 15.76 16.27 -22.69
N GLY A 573 15.05 15.15 -22.75
CA GLY A 573 15.73 13.89 -22.54
C GLY A 573 16.23 13.70 -21.11
N ARG A 574 17.33 12.97 -21.02
CA ARG A 574 17.85 12.40 -19.78
C ARG A 574 19.15 13.00 -19.26
N PRO A 575 20.13 13.34 -20.10
CA PRO A 575 21.36 13.95 -19.55
C PRO A 575 21.12 15.26 -18.82
N GLN A 576 20.08 16.02 -19.20
CA GLN A 576 19.75 17.22 -18.44
C GLN A 576 19.36 16.87 -17.02
N LEU A 577 18.53 15.85 -16.86
CA LEU A 577 18.24 15.34 -15.53
C LEU A 577 19.52 14.89 -14.83
N GLN A 578 20.46 14.32 -15.59
CA GLN A 578 21.73 13.88 -15.01
C GLN A 578 22.47 15.04 -14.36
N THR A 579 22.64 16.15 -15.09
CA THR A 579 23.35 17.29 -14.52
C THR A 579 22.57 17.91 -13.36
N LEU A 580 21.24 18.02 -13.49
CA LEU A 580 20.45 18.62 -12.42
C LEU A 580 20.59 17.83 -11.12
N LEU A 581 20.32 16.52 -11.19
CA LEU A 581 20.41 15.69 -10.00
C LEU A 581 21.83 15.66 -9.45
N LYS A 582 22.83 15.51 -10.32
CA LYS A 582 24.20 15.44 -9.84
C LYS A 582 24.61 16.72 -9.13
N ASP A 583 24.07 17.86 -9.56
CA ASP A 583 24.36 19.11 -8.86
C ASP A 583 23.70 19.15 -7.49
N ALA A 584 22.41 18.78 -7.43
CA ALA A 584 21.73 18.75 -6.14
C ALA A 584 22.44 17.82 -5.16
N LEU A 585 22.82 16.63 -5.62
CA LEU A 585 23.56 15.70 -4.76
C LEU A 585 24.95 16.21 -4.43
N ASP A 586 25.54 17.05 -5.28
CA ASP A 586 26.77 17.72 -4.88
C ASP A 586 26.54 18.58 -3.65
N GLN A 587 25.48 19.41 -3.69
CA GLN A 587 25.15 20.22 -2.53
C GLN A 587 24.90 19.34 -1.30
N LYS A 588 24.26 18.19 -1.49
CA LYS A 588 24.01 17.29 -0.36
C LYS A 588 25.32 16.72 0.19
N VAL A 589 26.26 16.35 -0.69
CA VAL A 589 27.57 15.89 -0.26
C VAL A 589 28.23 16.95 0.60
N LEU A 590 28.21 18.20 0.12
CA LEU A 590 28.74 19.30 0.93
C LEU A 590 28.09 19.34 2.31
N ASP A 591 26.75 19.23 2.33
CA ASP A 591 26.03 19.24 3.60
C ASP A 591 26.55 18.17 4.55
N GLN A 592 26.67 16.93 4.05
CA GLN A 592 27.11 15.82 4.91
C GLN A 592 28.52 16.04 5.41
N LEU A 593 29.45 16.33 4.49
CA LEU A 593 30.84 16.54 4.89
C LEU A 593 30.95 17.61 5.96
N ALA A 594 30.23 18.74 5.79
CA ALA A 594 30.29 19.79 6.80
C ALA A 594 29.69 19.34 8.12
N ALA A 595 28.54 18.65 8.07
CA ALA A 595 27.86 18.26 9.29
C ALA A 595 28.60 17.17 10.08
N ARG A 596 29.45 16.39 9.42
CA ARG A 596 30.12 15.28 10.08
C ARG A 596 31.58 15.57 10.39
N TYR A 597 32.23 16.44 9.63
CA TYR A 597 33.68 16.61 9.72
C TYR A 597 34.11 18.01 10.16
N TRP A 598 33.49 19.06 9.64
CA TRP A 598 34.05 20.40 9.73
C TRP A 598 33.47 21.19 10.90
N ASN A 599 33.76 22.48 10.94
CA ASN A 599 33.36 23.35 12.03
C ASN A 599 31.86 23.64 11.99
N ARG A 600 31.38 24.33 13.04
CA ARG A 600 29.96 24.61 13.21
C ARG A 600 29.72 26.12 13.25
N PRO A 601 28.45 26.56 13.29
CA PRO A 601 28.17 27.97 13.56
C PRO A 601 28.74 28.41 14.90
N ILE A 602 28.70 29.72 15.14
CA ILE A 602 29.44 30.35 16.23
C ILE A 602 28.49 31.13 17.12
N GLU A 603 28.60 30.92 18.43
CA GLU A 603 27.96 31.76 19.44
C GLU A 603 28.99 32.03 20.54
N ASP A 604 28.60 32.82 21.55
CA ASP A 604 29.57 33.38 22.48
C ASP A 604 30.16 32.34 23.42
N LEU A 605 29.43 31.27 23.72
CA LEU A 605 29.95 30.23 24.62
C LEU A 605 31.17 29.57 24.00
N SER A 606 32.21 29.36 24.83
CA SER A 606 33.46 28.80 24.33
C SER A 606 33.25 27.35 23.87
N PRO A 607 34.06 26.89 22.93
CA PRO A 607 33.78 25.62 22.26
C PRO A 607 34.16 24.40 23.10
N ALA A 608 33.39 23.33 22.90
CA ALA A 608 33.81 22.03 23.38
C ALA A 608 35.09 21.63 22.64
N PRO A 609 36.00 20.90 23.30
CA PRO A 609 37.36 20.77 22.76
C PRO A 609 37.45 20.00 21.44
N ARG A 610 36.73 18.88 21.32
CA ARG A 610 36.81 18.02 20.14
C ARG A 610 38.26 17.56 19.91
N GLU A 611 39.05 17.60 21.00
CA GLU A 611 40.51 17.44 21.06
C GLU A 611 41.06 16.11 20.55
N PRO A 612 40.47 14.96 20.91
CA PRO A 612 41.17 13.69 20.64
C PRO A 612 41.52 13.47 19.18
N ASP A 613 40.66 13.90 18.27
CA ASP A 613 40.91 13.81 16.84
C ASP A 613 40.48 15.11 16.18
N ASN A 614 41.24 15.54 15.18
CA ASN A 614 40.97 16.78 14.45
C ASN A 614 41.05 16.52 12.95
N ILE A 615 40.39 17.41 12.20
CA ILE A 615 40.19 17.23 10.77
C ILE A 615 41.48 17.32 9.97
N ILE A 616 42.54 17.92 10.52
CA ILE A 616 43.75 18.12 9.74
C ILE A 616 44.76 16.99 9.88
N ASP A 617 44.66 16.19 10.94
CA ASP A 617 45.57 15.07 11.12
C ASP A 617 45.15 13.83 10.33
N LEU A 618 44.09 13.95 9.53
CA LEU A 618 43.55 12.79 8.82
C LEU A 618 44.57 12.07 7.96
N PRO A 619 45.36 12.72 7.10
CA PRO A 619 46.33 11.97 6.28
C PRO A 619 47.29 11.12 7.09
N LYS A 620 47.74 11.60 8.25
CA LYS A 620 48.64 10.85 9.11
C LYS A 620 47.90 10.45 10.38
N ALA A 621 47.01 9.48 10.24
CA ALA A 621 46.27 8.93 11.36
C ALA A 621 46.26 7.41 11.24
N ASP A 622 45.82 6.75 12.29
CA ASP A 622 45.81 5.29 12.33
C ASP A 622 44.83 4.75 11.30
N PRO A 623 45.26 3.90 10.36
CA PRO A 623 44.31 3.38 9.36
C PRO A 623 43.17 2.60 9.98
N ASP A 624 43.40 1.94 11.11
CA ASP A 624 42.34 1.23 11.83
C ASP A 624 41.82 2.09 12.99
N SER A 625 41.32 3.27 12.64
CA SER A 625 40.82 4.19 13.65
C SER A 625 39.32 4.04 13.76
N PRO A 626 38.79 3.63 14.92
CA PRO A 626 37.34 3.45 15.04
C PRO A 626 36.57 4.74 14.86
N TYR A 627 37.16 5.89 15.24
CA TYR A 627 36.48 7.16 15.09
C TYR A 627 36.30 7.51 13.62
N TRP A 628 37.39 7.45 12.85
CA TRP A 628 37.29 7.82 11.44
C TRP A 628 36.47 6.81 10.65
N HIS A 629 36.62 5.52 10.96
CA HIS A 629 35.76 4.51 10.34
C HIS A 629 34.29 4.82 10.59
N ARG A 630 33.92 5.04 11.86
CA ARG A 630 32.54 5.36 12.17
C ARG A 630 32.10 6.66 11.50
N GLN A 631 33.01 7.61 11.33
CA GLN A 631 32.63 8.91 10.78
C GLN A 631 32.29 8.81 9.31
N LEU A 632 33.19 8.21 8.51
CA LEU A 632 32.87 8.04 7.10
C LEU A 632 31.69 7.09 6.90
N ASP A 633 31.56 6.07 7.74
CA ASP A 633 30.47 5.12 7.56
C ASP A 633 29.12 5.77 7.85
N THR A 634 29.02 6.55 8.93
CA THR A 634 27.77 7.25 9.20
C THR A 634 27.52 8.36 8.20
N ALA A 635 28.59 8.91 7.59
CA ALA A 635 28.40 9.89 6.53
C ALA A 635 27.75 9.25 5.31
N CYS A 636 28.28 8.11 4.86
CA CYS A 636 27.69 7.43 3.71
C CYS A 636 26.29 6.95 4.01
N SER A 637 26.08 6.34 5.19
CA SER A 637 24.75 5.90 5.56
C SER A 637 23.76 7.07 5.60
N GLY A 638 24.22 8.23 6.09
CA GLY A 638 23.36 9.39 6.12
C GLY A 638 23.02 9.91 4.73
N LEU A 639 24.01 9.94 3.84
CA LEU A 639 23.77 10.41 2.48
C LEU A 639 22.80 9.51 1.73
N THR A 640 22.99 8.19 1.83
CA THR A 640 22.15 7.27 1.07
C THR A 640 20.75 7.19 1.67
N ARG A 641 20.66 7.10 3.00
CA ARG A 641 19.36 7.05 3.66
C ARG A 641 18.83 8.45 3.87
N LEU A 642 18.91 9.27 2.83
CA LEU A 642 18.32 10.60 2.79
C LEU A 642 17.20 10.55 1.75
N GLY A 643 16.29 11.52 1.82
CA GLY A 643 15.20 11.52 0.87
C GLY A 643 15.67 11.84 -0.55
N VAL A 644 16.56 11.01 -1.08
CA VAL A 644 17.08 11.21 -2.43
C VAL A 644 15.96 11.04 -3.46
N GLY A 645 14.99 10.19 -3.17
CA GLY A 645 13.84 10.07 -4.05
C GLY A 645 13.04 11.35 -4.13
N ARG A 646 12.67 11.91 -2.97
CA ARG A 646 11.91 13.15 -2.96
C ARG A 646 12.73 14.30 -3.53
N LEU A 647 14.04 14.29 -3.31
CA LEU A 647 14.89 15.33 -3.88
C LEU A 647 14.87 15.27 -5.39
N ALA A 648 15.05 14.08 -5.96
CA ALA A 648 14.98 13.95 -7.41
C ALA A 648 13.61 14.36 -7.95
N ALA A 649 12.54 13.95 -7.27
CA ALA A 649 11.19 14.27 -7.75
C ALA A 649 10.93 15.76 -7.74
N THR A 650 11.30 16.45 -6.66
CA THR A 650 11.02 17.87 -6.57
C THR A 650 11.95 18.69 -7.46
N VAL A 651 13.20 18.25 -7.61
CA VAL A 651 14.13 18.93 -8.51
C VAL A 651 13.66 18.81 -9.95
N ALA A 652 13.36 17.58 -10.39
CA ALA A 652 12.87 17.39 -11.76
C ALA A 652 11.54 18.11 -11.96
N ALA A 653 10.69 18.14 -10.93
CA ALA A 653 9.43 18.86 -11.03
C ALA A 653 9.66 20.34 -11.27
N SER A 654 10.50 20.97 -10.43
CA SER A 654 10.76 22.39 -10.62
C SER A 654 11.41 22.66 -11.98
N ALA A 655 12.26 21.75 -12.44
CA ALA A 655 12.89 21.95 -13.75
C ALA A 655 11.87 21.90 -14.87
N ILE A 656 11.04 20.85 -14.88
CA ILE A 656 10.03 20.70 -15.94
C ILE A 656 9.08 21.87 -15.92
N GLN A 657 8.59 22.24 -14.72
CA GLN A 657 7.65 23.35 -14.62
C GLN A 657 8.29 24.65 -15.10
N GLN A 658 9.57 24.85 -14.78
CA GLN A 658 10.28 26.03 -15.25
C GLN A 658 10.34 26.07 -16.78
N HIS A 659 10.67 24.94 -17.40
CA HIS A 659 10.69 24.87 -18.85
C HIS A 659 9.30 25.11 -19.44
N VAL A 660 8.25 24.64 -18.76
CA VAL A 660 6.90 24.83 -19.26
C VAL A 660 6.52 26.30 -19.20
N GLU A 661 6.90 26.99 -18.13
CA GLU A 661 6.56 28.41 -18.03
C GLU A 661 7.35 29.24 -19.02
N LYS A 662 8.63 28.89 -19.23
CA LYS A 662 9.43 29.60 -20.23
C LYS A 662 8.86 29.38 -21.63
N LEU A 663 8.59 28.12 -21.97
CA LEU A 663 7.96 27.80 -23.25
C LEU A 663 6.66 28.55 -23.45
N LEU A 664 5.89 28.70 -22.36
CA LEU A 664 4.68 29.50 -22.43
C LEU A 664 5.00 30.96 -22.70
N ASP A 665 6.07 31.48 -22.09
CA ASP A 665 6.47 32.87 -22.31
C ASP A 665 6.75 33.12 -23.78
N LYS A 666 7.49 32.21 -24.44
CA LYS A 666 7.76 32.37 -25.86
C LYS A 666 6.59 31.93 -26.74
N SER A 667 5.58 31.28 -26.17
CA SER A 667 4.51 30.66 -26.93
C SER A 667 3.44 31.66 -27.36
N SER A 668 2.44 31.13 -28.05
CA SER A 668 1.29 31.91 -28.52
C SER A 668 0.36 32.31 -27.38
N PHE A 669 0.58 31.79 -26.17
CA PHE A 669 -0.25 32.10 -25.02
C PHE A 669 0.38 33.17 -24.15
N ALA A 670 1.26 34.01 -24.72
CA ALA A 670 1.82 35.13 -23.96
C ALA A 670 0.71 36.03 -23.43
N LYS A 671 -0.21 36.42 -24.30
CA LYS A 671 -1.43 37.09 -23.86
C LYS A 671 -2.40 36.03 -23.34
N HIS A 672 -3.65 36.41 -23.08
CA HIS A 672 -4.66 35.52 -22.50
C HIS A 672 -4.11 34.90 -21.21
N PRO A 673 -3.90 35.70 -20.16
CA PRO A 673 -3.29 35.14 -18.94
C PRO A 673 -4.11 34.06 -18.28
N SER A 674 -5.44 34.07 -18.47
CA SER A 674 -6.30 33.03 -17.90
C SER A 674 -5.97 31.66 -18.49
N ALA A 675 -5.96 31.55 -19.82
CA ALA A 675 -5.65 30.28 -20.45
C ALA A 675 -4.22 29.84 -20.11
N ARG A 676 -3.28 30.79 -20.08
CA ARG A 676 -1.92 30.48 -19.68
C ARG A 676 -1.89 29.87 -18.29
N LYS A 677 -2.65 30.45 -17.35
CA LYS A 677 -2.68 29.87 -16.00
C LYS A 677 -3.28 28.48 -16.02
N VAL A 678 -4.28 28.25 -16.89
CA VAL A 678 -4.85 26.90 -16.98
C VAL A 678 -3.79 25.90 -17.42
N ILE A 679 -2.97 26.28 -18.42
CA ILE A 679 -1.93 25.38 -18.90
C ILE A 679 -0.92 25.10 -17.79
N SER A 680 -0.39 26.17 -17.19
CA SER A 680 0.62 26.00 -16.14
C SER A 680 0.09 25.12 -15.01
N ASP A 681 -1.14 25.38 -14.58
CA ASP A 681 -1.72 24.59 -13.49
C ASP A 681 -1.92 23.13 -13.92
N ALA A 682 -2.20 22.88 -15.20
CA ALA A 682 -2.31 21.51 -15.68
C ALA A 682 -0.97 20.79 -15.56
N ALA A 683 0.10 21.42 -16.05
CA ALA A 683 1.43 20.82 -15.88
C ALA A 683 1.72 20.54 -14.41
N ALA A 684 1.41 21.51 -13.55
CA ALA A 684 1.68 21.36 -12.12
C ALA A 684 0.92 20.17 -11.54
N THR A 685 -0.33 19.97 -11.95
CA THR A 685 -1.10 18.87 -11.38
C THR A 685 -0.62 17.52 -11.90
N VAL A 686 -0.15 17.45 -13.15
CA VAL A 686 0.40 16.18 -13.64
C VAL A 686 1.66 15.83 -12.86
N LEU A 687 2.59 16.78 -12.77
CA LEU A 687 3.82 16.52 -12.04
C LEU A 687 3.54 16.14 -10.60
N ALA A 688 2.57 16.80 -9.96
CA ALA A 688 2.22 16.47 -8.59
C ALA A 688 1.66 15.06 -8.49
N ASP A 689 0.86 14.65 -9.48
CA ASP A 689 0.33 13.28 -9.48
C ASP A 689 1.45 12.26 -9.55
N ARG A 690 2.48 12.50 -10.37
CA ARG A 690 3.53 11.50 -10.48
C ARG A 690 4.61 11.60 -9.40
N SER A 691 4.63 12.68 -8.62
CA SER A 691 5.78 12.96 -7.76
C SER A 691 6.03 11.81 -6.77
N TYR A 692 4.98 11.36 -6.07
CA TYR A 692 5.19 10.34 -5.05
C TYR A 692 5.64 9.03 -5.66
N ALA A 693 4.94 8.53 -6.68
CA ALA A 693 5.30 7.27 -7.29
C ALA A 693 6.74 7.29 -7.81
N THR A 694 7.14 8.43 -8.39
CA THR A 694 8.53 8.57 -8.84
C THR A 694 9.49 8.45 -7.66
N SER A 695 9.20 9.17 -6.58
CA SER A 695 10.08 9.16 -5.41
C SER A 695 10.22 7.76 -4.83
N ASP A 696 9.10 7.14 -4.48
CA ASP A 696 9.12 5.80 -3.87
C ASP A 696 9.83 4.81 -4.78
N GLY A 697 9.51 4.83 -6.08
CA GLY A 697 10.21 3.94 -7.00
C GLY A 697 11.71 4.17 -7.00
N ILE A 698 12.13 5.43 -6.90
CA ILE A 698 13.56 5.73 -6.87
C ILE A 698 14.19 5.13 -5.63
N GLU A 699 13.52 5.26 -4.48
CA GLU A 699 14.05 4.67 -3.26
C GLU A 699 14.19 3.16 -3.38
N ILE A 700 13.18 2.51 -3.97
CA ILE A 700 13.24 1.05 -4.14
C ILE A 700 14.39 0.67 -5.06
N SER A 701 14.58 1.41 -6.15
CA SER A 701 15.68 1.12 -7.06
C SER A 701 17.03 1.35 -6.39
N LEU A 702 17.09 2.27 -5.44
CA LEU A 702 18.32 2.55 -4.71
C LEU A 702 18.57 1.57 -3.58
N LYS A 703 17.57 0.79 -3.18
CA LYS A 703 17.73 -0.14 -2.06
C LYS A 703 19.00 -0.97 -2.11
N PRO A 704 19.46 -1.51 -3.25
CA PRO A 704 20.70 -2.28 -3.22
C PRO A 704 21.95 -1.44 -3.02
N TYR A 705 21.96 -0.20 -3.51
CA TYR A 705 23.12 0.66 -3.26
C TYR A 705 23.11 1.26 -1.86
N LYS A 706 21.97 1.24 -1.18
CA LYS A 706 21.97 1.60 0.24
C LYS A 706 22.72 0.57 1.06
N PHE A 707 22.66 -0.70 0.65
CA PHE A 707 23.32 -1.77 1.40
C PHE A 707 24.82 -1.78 1.14
N ASP A 708 25.22 -1.86 -0.13
CA ASP A 708 26.63 -1.87 -0.52
C ASP A 708 26.79 -1.05 -1.79
N PRO A 709 27.09 0.24 -1.68
CA PRO A 709 27.37 1.04 -2.87
C PRO A 709 28.83 0.87 -3.33
N ASP A 710 29.18 -0.36 -3.71
CA ASP A 710 30.57 -0.66 -4.01
C ASP A 710 31.08 0.23 -5.14
N ILE A 711 32.27 0.79 -4.95
CA ILE A 711 32.83 1.80 -5.84
C ILE A 711 33.94 1.16 -6.65
N GLN A 712 33.84 1.27 -7.95
CA GLN A 712 34.87 0.77 -8.84
C GLN A 712 35.97 1.83 -9.02
N PRO A 713 37.19 1.41 -9.35
CA PRO A 713 38.28 2.39 -9.48
C PRO A 713 38.00 3.52 -10.47
N ASN A 714 37.35 3.23 -11.60
CA ASN A 714 37.04 4.28 -12.56
C ASN A 714 36.07 5.31 -11.97
N GLU A 715 35.02 4.81 -11.29
CA GLU A 715 34.12 5.70 -10.56
C GLU A 715 34.87 6.50 -9.52
N TRP A 716 35.89 5.91 -8.90
CA TRP A 716 36.69 6.63 -7.93
C TRP A 716 37.47 7.78 -8.57
N ALA A 717 38.08 7.53 -9.73
CA ALA A 717 38.78 8.60 -10.43
C ALA A 717 37.82 9.72 -10.81
N GLN A 718 36.66 9.34 -11.36
CA GLN A 718 35.63 10.34 -11.68
C GLN A 718 35.28 11.17 -10.46
N GLY A 719 35.07 10.49 -9.32
CA GLY A 719 34.77 11.19 -8.09
C GLY A 719 35.88 12.14 -7.67
N ARG A 720 37.14 11.76 -7.92
CA ARG A 720 38.24 12.65 -7.59
C ARG A 720 38.18 13.92 -8.44
N GLU A 721 38.08 13.76 -9.76
CA GLU A 721 38.04 14.92 -10.64
C GLU A 721 36.87 15.83 -10.30
N HIS A 722 35.71 15.25 -9.95
CA HIS A 722 34.56 16.08 -9.66
C HIS A 722 34.70 16.76 -8.31
N VAL A 723 35.23 16.02 -7.31
CA VAL A 723 35.40 16.58 -5.97
C VAL A 723 36.28 17.81 -6.01
N VAL A 724 37.35 17.77 -6.81
CA VAL A 724 38.23 18.94 -6.86
C VAL A 724 37.46 20.18 -7.27
N GLY A 725 36.69 20.09 -8.35
CA GLY A 725 35.91 21.23 -8.82
C GLY A 725 34.86 21.69 -7.82
N VAL A 726 34.10 20.74 -7.26
CA VAL A 726 33.03 21.10 -6.32
C VAL A 726 33.62 21.80 -5.09
N LEU A 727 34.64 21.18 -4.49
CA LEU A 727 35.24 21.73 -3.28
C LEU A 727 35.84 23.10 -3.55
N GLN A 728 36.54 23.26 -4.67
CA GLN A 728 37.15 24.56 -4.97
C GLN A 728 36.10 25.62 -5.23
N ALA A 729 34.99 25.24 -5.88
CA ALA A 729 33.89 26.17 -6.06
C ALA A 729 33.31 26.62 -4.73
N GLU A 730 33.15 25.69 -3.79
CA GLU A 730 32.69 26.07 -2.46
C GLU A 730 33.68 26.99 -1.77
N LEU A 731 34.98 26.75 -1.96
CA LEU A 731 35.99 27.64 -1.39
C LEU A 731 35.84 29.05 -1.95
N GLU A 732 35.67 29.17 -3.26
CA GLU A 732 35.51 30.48 -3.88
C GLU A 732 34.27 31.19 -3.36
N GLN A 733 33.17 30.44 -3.19
CA GLN A 733 31.97 31.04 -2.60
C GLN A 733 32.26 31.55 -1.18
N CYS A 734 33.03 30.78 -0.41
CA CYS A 734 33.35 31.21 0.95
C CYS A 734 34.17 32.49 0.95
N GLN A 735 35.19 32.56 0.09
CA GLN A 735 36.02 33.77 0.02
C GLN A 735 35.21 34.97 -0.45
N ALA A 736 34.30 34.77 -1.41
CA ALA A 736 33.46 35.87 -1.85
C ALA A 736 32.56 36.37 -0.73
N ALA A 737 31.98 35.45 0.04
CA ALA A 737 31.16 35.87 1.18
C ALA A 737 31.98 36.57 2.24
N MSE A 738 33.26 36.19 2.37
CA MSE A 738 34.17 36.81 3.32
C MSE A 738 34.47 38.26 2.92
O MSE A 738 34.36 39.17 3.74
CB MSE A 738 35.47 36.01 3.41
CG MSE A 738 36.60 36.73 4.14
SE MSE A 738 36.34 36.91 6.05
CE MSE A 738 38.04 37.78 6.47
N LYS A 739 34.84 38.45 1.65
CA LYS A 739 35.09 39.80 1.15
C LYS A 739 33.84 40.66 1.27
N ALA A 740 32.68 40.09 0.98
CA ALA A 740 31.43 40.83 1.17
C ALA A 740 31.21 41.20 2.63
N LEU A 741 31.60 40.31 3.55
CA LEU A 741 31.51 40.63 4.97
C LEU A 741 32.44 41.79 5.32
N GLU A 742 33.66 41.79 4.78
CA GLU A 742 34.60 42.89 5.03
C GLU A 742 34.04 44.21 4.54
N ASN A 743 33.63 44.27 3.27
CA ASN A 743 33.07 45.49 2.72
C ASN A 743 31.81 45.92 3.47
N SER A 744 31.07 44.96 4.02
CA SER A 744 29.86 45.29 4.76
C SER A 744 30.19 45.93 6.10
N VAL A 745 31.12 45.32 6.85
CA VAL A 745 31.43 45.82 8.19
C VAL A 745 32.22 47.11 8.11
N GLY A 746 33.04 47.28 7.09
CA GLY A 746 33.86 48.47 6.97
C GLY A 746 35.26 48.13 6.51
N GLY A 747 36.26 48.53 7.29
CA GLY A 747 37.62 48.14 6.98
C GLY A 747 37.86 46.67 7.27
N ARG A 748 38.79 46.09 6.51
CA ARG A 748 39.27 44.75 6.83
C ARG A 748 39.85 44.69 8.23
N LYS A 749 40.54 45.76 8.65
CA LYS A 749 41.17 45.78 9.96
C LYS A 749 40.14 45.74 11.09
N LYS A 750 38.98 46.36 10.90
CA LYS A 750 37.94 46.33 11.93
C LYS A 750 37.40 44.92 12.12
N LEU A 751 37.05 44.26 11.02
CA LEU A 751 36.60 42.87 11.10
C LEU A 751 37.71 41.96 11.64
N LYS A 752 38.97 42.30 11.39
CA LYS A 752 40.07 41.55 11.99
C LYS A 752 40.12 41.75 13.50
N GLU A 753 39.78 42.95 13.97
CA GLU A 753 39.72 43.19 15.42
C GLU A 753 38.58 42.40 16.05
N VAL A 754 37.39 42.45 15.43
CA VAL A 754 36.27 41.68 15.97
C VAL A 754 36.60 40.20 15.92
N MSE A 755 37.38 39.77 14.93
CA MSE A 755 37.86 38.39 14.83
C MSE A 755 38.79 38.06 16.00
O MSE A 755 38.75 36.95 16.52
CB MSE A 755 38.57 38.16 13.51
CG MSE A 755 37.65 37.76 12.36
SE MSE A 755 38.62 37.61 10.67
CE MSE A 755 37.34 36.51 9.70
N SER A 756 39.64 39.02 16.37
CA SER A 756 40.49 38.81 17.54
C SER A 756 39.66 38.65 18.80
N PHE A 757 38.57 39.42 18.92
CA PHE A 757 37.72 39.31 20.09
C PHE A 757 36.99 37.97 20.12
N VAL A 758 36.44 37.54 18.98
CA VAL A 758 35.71 36.28 18.93
C VAL A 758 36.66 35.11 19.17
N ASP A 759 37.88 35.19 18.64
CA ASP A 759 38.87 34.17 18.92
C ASP A 759 39.26 34.15 20.40
N LYS A 760 39.38 35.32 21.02
CA LYS A 760 39.67 35.38 22.45
C LYS A 760 38.56 34.71 23.26
N ALA A 761 37.30 35.00 22.92
CA ALA A 761 36.20 34.34 23.61
C ALA A 761 36.16 32.85 23.30
N ARG A 762 36.71 32.45 22.14
CA ARG A 762 36.75 31.04 21.79
C ARG A 762 37.84 30.30 22.57
N LYS A 763 38.94 30.97 22.91
CA LYS A 763 39.87 30.39 23.86
C LYS A 763 39.42 30.73 25.28
N GLY A 764 40.22 30.32 26.25
CA GLY A 764 39.93 30.67 27.62
C GLY A 764 40.31 32.08 28.02
N GLU A 765 40.89 32.85 27.11
CA GLU A 765 41.50 34.13 27.48
C GLU A 765 40.49 35.11 28.08
N ILE A 766 39.24 35.05 27.64
CA ILE A 766 38.21 35.94 28.17
C ILE A 766 36.88 35.21 28.18
N ILE A 767 36.06 35.50 29.19
CA ILE A 767 34.72 34.96 29.29
C ILE A 767 33.77 36.13 29.57
N VAL A 768 32.56 36.04 29.02
CA VAL A 768 31.53 37.05 29.21
C VAL A 768 30.25 36.35 29.64
N GLU A 769 29.48 37.04 30.48
CA GLU A 769 28.16 36.58 30.89
C GLU A 769 27.08 37.34 30.13
N GLY A 770 25.86 36.82 30.20
CA GLY A 770 24.76 37.40 29.44
C GLY A 770 23.74 38.14 30.28
N ASP A 771 24.21 39.04 31.14
CA ASP A 771 23.32 39.94 31.88
C ASP A 771 22.93 41.17 31.06
N HIS A 772 23.74 41.56 30.08
CA HIS A 772 23.48 42.70 29.22
C HIS A 772 23.74 42.32 27.76
N PRO A 773 22.69 41.92 27.02
CA PRO A 773 22.89 41.46 25.64
C PRO A 773 23.04 42.56 24.61
N SER A 774 23.16 43.81 25.03
CA SER A 774 23.34 44.94 24.13
C SER A 774 24.80 45.16 23.76
N GLY A 775 25.68 45.18 24.76
CA GLY A 775 27.09 45.41 24.54
C GLY A 775 27.99 44.44 25.27
N ALA A 776 28.86 43.76 24.54
CA ALA A 776 29.82 42.84 25.10
C ALA A 776 31.18 43.16 24.52
N GLY A 777 32.19 43.29 25.38
CA GLY A 777 33.45 43.84 24.97
C GLY A 777 33.23 45.29 24.53
N GLY A 778 34.18 45.79 23.74
CA GLY A 778 34.05 47.14 23.21
C GLY A 778 33.29 47.16 21.90
N PHE A 779 32.56 46.07 21.65
CA PHE A 779 31.90 45.83 20.37
C PHE A 779 30.39 45.70 20.57
N SER A 780 29.64 46.18 19.59
CA SER A 780 28.19 46.15 19.66
C SER A 780 27.68 44.74 19.36
N ALA A 781 26.39 44.52 19.63
CA ALA A 781 25.82 43.18 19.43
C ALA A 781 25.82 42.78 17.95
N ALA A 782 25.52 43.72 17.07
CA ALA A 782 25.50 43.41 15.64
C ALA A 782 26.91 43.21 15.10
N LEU A 783 27.85 44.06 15.53
CA LEU A 783 29.24 43.87 15.14
C LEU A 783 29.76 42.53 15.62
N LEU A 784 29.35 42.12 16.82
CA LEU A 784 29.75 40.83 17.37
C LEU A 784 29.18 39.68 16.55
N ALA A 785 27.89 39.73 16.20
CA ALA A 785 27.31 38.68 15.38
C ALA A 785 28.02 38.57 14.03
N ARG A 786 28.27 39.72 13.40
CA ARG A 786 28.96 39.69 12.11
C ARG A 786 30.37 39.15 12.26
N GLY A 787 31.00 39.40 13.41
CA GLY A 787 32.31 38.84 13.66
C GLY A 787 32.26 37.33 13.82
N ARG A 788 31.23 36.81 14.49
CA ARG A 788 31.05 35.37 14.61
C ARG A 788 30.94 34.73 13.23
N GLU A 789 30.05 35.27 12.38
CA GLU A 789 29.93 34.71 11.04
C GLU A 789 31.24 34.82 10.27
N ALA A 790 32.00 35.89 10.50
CA ALA A 790 33.27 36.04 9.80
C ALA A 790 34.28 34.98 10.22
N VAL A 791 34.36 34.71 11.53
CA VAL A 791 35.28 33.68 12.01
C VAL A 791 34.87 32.31 11.47
N PHE A 792 33.57 32.02 11.49
CA PHE A 792 33.08 30.77 10.90
C PHE A 792 33.53 30.64 9.44
N LEU A 793 33.33 31.71 8.66
CA LEU A 793 33.74 31.67 7.25
C LEU A 793 35.24 31.45 7.12
N ARG A 794 36.02 32.05 8.02
CA ARG A 794 37.47 31.85 7.98
C ARG A 794 37.84 30.39 8.22
N ASP A 795 37.34 29.81 9.31
CA ASP A 795 37.70 28.44 9.64
C ASP A 795 37.24 27.46 8.57
N ARG A 796 36.01 27.63 8.06
CA ARG A 796 35.53 26.77 7.00
C ARG A 796 36.36 26.93 5.74
N ALA A 797 36.81 28.15 5.44
CA ALA A 797 37.67 28.37 4.29
C ALA A 797 38.99 27.62 4.43
N ASP A 798 39.61 27.72 5.62
CA ASP A 798 40.88 27.03 5.84
C ASP A 798 40.71 25.52 5.69
N ILE A 799 39.70 24.96 6.36
CA ILE A 799 39.43 23.53 6.24
C ILE A 799 39.23 23.15 4.77
N LEU A 800 38.52 24.01 4.03
CA LEU A 800 38.22 23.70 2.62
C LEU A 800 39.50 23.61 1.80
N SER A 801 40.40 24.61 1.92
CA SER A 801 41.64 24.56 1.16
C SER A 801 42.51 23.37 1.56
N LEU A 802 42.60 23.09 2.86
CA LEU A 802 43.38 21.94 3.31
C LEU A 802 42.83 20.65 2.73
N ARG A 803 41.50 20.51 2.71
CA ARG A 803 40.89 19.29 2.21
C ARG A 803 40.96 19.20 0.69
N ILE A 804 41.04 20.34 0.00
CA ILE A 804 41.31 20.31 -1.44
C ILE A 804 42.71 19.76 -1.69
N GLN A 805 43.70 20.27 -0.95
CA GLN A 805 45.06 19.75 -1.10
C GLN A 805 45.12 18.26 -0.77
N ALA A 806 44.37 17.83 0.25
CA ALA A 806 44.38 16.42 0.63
C ALA A 806 43.72 15.56 -0.45
N ALA A 807 42.65 16.07 -1.07
CA ALA A 807 42.01 15.35 -2.16
C ALA A 807 42.89 15.29 -3.40
N LYS A 808 43.74 16.29 -3.60
CA LYS A 808 44.70 16.28 -4.69
C LYS A 808 45.95 15.49 -4.37
N SER A 809 46.14 15.07 -3.12
CA SER A 809 47.32 14.30 -2.73
C SER A 809 47.40 12.97 -3.50
N ARG A 810 48.61 12.40 -3.52
CA ARG A 810 48.81 11.08 -4.10
C ARG A 810 48.14 9.98 -3.30
N GLN A 811 48.00 10.16 -1.98
CA GLN A 811 47.40 9.12 -1.14
C GLN A 811 45.93 8.88 -1.47
N CYS A 812 45.26 9.85 -2.07
CA CYS A 812 43.87 9.70 -2.49
C CYS A 812 43.72 9.13 -3.89
N LYS A 813 44.83 8.90 -4.60
CA LYS A 813 44.75 8.36 -5.96
C LYS A 813 44.08 6.99 -5.99
N THR A 814 44.43 6.11 -5.06
CA THR A 814 43.79 4.81 -4.98
C THR A 814 42.54 4.88 -4.11
N LEU A 815 41.61 3.95 -4.34
CA LEU A 815 40.37 3.88 -3.59
C LEU A 815 40.50 3.11 -2.29
N THR A 816 41.61 2.39 -2.09
CA THR A 816 41.71 1.49 -0.94
C THR A 816 41.74 2.25 0.38
N ASN A 817 42.20 3.49 0.39
CA ASN A 817 42.13 4.33 1.58
C ASN A 817 40.91 5.26 1.51
N LYS A 818 39.74 4.63 1.38
CA LYS A 818 38.50 5.39 1.30
C LYS A 818 38.25 6.19 2.57
N TYR A 819 38.55 5.60 3.73
CA TYR A 819 38.35 6.29 4.99
C TYR A 819 39.29 7.48 5.15
N TYR A 820 40.38 7.53 4.38
CA TYR A 820 41.27 8.69 4.39
C TYR A 820 40.80 9.79 3.46
N CYS A 821 39.97 9.47 2.47
CA CYS A 821 39.52 10.45 1.47
C CYS A 821 37.99 10.40 1.37
N PRO A 822 37.29 10.95 2.37
CA PRO A 822 35.82 10.88 2.33
C PRO A 822 35.20 11.67 1.20
N GLU A 823 35.82 12.77 0.77
CA GLU A 823 35.24 13.60 -0.28
C GLU A 823 35.01 12.81 -1.57
N VAL A 824 36.08 12.22 -2.12
CA VAL A 824 35.97 11.52 -3.39
C VAL A 824 35.00 10.36 -3.28
N PHE A 825 35.04 9.62 -2.16
CA PHE A 825 34.12 8.50 -1.96
C PHE A 825 32.67 8.96 -2.00
N LEU A 826 32.35 10.01 -1.22
CA LEU A 826 30.98 10.50 -1.18
C LEU A 826 30.54 11.03 -2.53
N ASP A 827 31.44 11.64 -3.30
CA ASP A 827 31.07 12.10 -4.63
C ASP A 827 30.81 10.92 -5.57
N ALA A 828 31.57 9.84 -5.41
CA ALA A 828 31.32 8.65 -6.22
C ALA A 828 29.93 8.09 -5.92
N VAL A 829 29.60 7.95 -4.63
CA VAL A 829 28.26 7.50 -4.25
C VAL A 829 27.20 8.43 -4.81
N ALA A 830 27.43 9.74 -4.70
CA ALA A 830 26.46 10.71 -5.18
C ALA A 830 26.24 10.56 -6.68
N THR A 831 27.33 10.42 -7.45
CA THR A 831 27.19 10.28 -8.89
C THR A 831 26.43 9.00 -9.25
N LYS A 832 26.74 7.89 -8.59
CA LYS A 832 26.04 6.65 -8.91
C LYS A 832 24.55 6.73 -8.59
N LEU A 833 24.22 7.10 -7.34
CA LEU A 833 22.82 7.29 -6.98
C LEU A 833 22.12 8.22 -7.96
N ALA A 834 22.81 9.32 -8.32
CA ALA A 834 22.23 10.29 -9.24
C ALA A 834 21.92 9.66 -10.58
N GLN A 835 22.81 8.82 -11.10
CA GLN A 835 22.60 8.30 -12.44
C GLN A 835 21.49 7.26 -12.48
N THR A 836 21.45 6.34 -11.51
CA THR A 836 20.38 5.34 -11.56
C THR A 836 19.03 5.97 -11.23
N ALA A 837 19.01 6.91 -10.27
CA ALA A 837 17.80 7.66 -10.03
C ALA A 837 17.39 8.44 -11.27
N VAL A 838 18.37 8.87 -12.07
CA VAL A 838 18.06 9.60 -13.29
C VAL A 838 17.40 8.69 -14.31
N LEU A 839 17.83 7.43 -14.39
CA LEU A 839 17.18 6.49 -15.28
C LEU A 839 15.71 6.31 -14.90
N PHE A 840 15.46 5.95 -13.64
CA PHE A 840 14.07 5.73 -13.21
C PHE A 840 13.24 6.99 -13.36
N LEU A 841 13.82 8.15 -13.03
CA LEU A 841 13.11 9.42 -13.14
C LEU A 841 12.71 9.70 -14.58
N ASN A 842 13.67 9.57 -15.50
CA ASN A 842 13.41 9.83 -16.90
C ASN A 842 12.29 8.95 -17.43
N VAL A 843 12.30 7.66 -17.09
CA VAL A 843 11.20 6.83 -17.58
C VAL A 843 9.90 7.30 -16.95
N GLU A 844 9.79 7.12 -15.63
CA GLU A 844 8.52 7.29 -14.92
C GLU A 844 7.97 8.71 -15.04
N MSE A 845 8.62 9.67 -14.42
CA MSE A 845 8.04 11.00 -14.31
C MSE A 845 8.08 11.76 -15.62
O MSE A 845 7.07 12.34 -16.03
CB MSE A 845 8.76 11.82 -13.26
CG MSE A 845 8.04 13.11 -12.95
SE MSE A 845 9.12 14.22 -11.81
CE MSE A 845 7.72 15.39 -11.12
N LEU A 846 9.24 11.77 -16.27
CA LEU A 846 9.38 12.52 -17.50
C LEU A 846 8.48 11.97 -18.59
N ASN A 847 8.54 10.66 -18.85
CA ASN A 847 7.71 10.11 -19.90
C ASN A 847 6.22 10.25 -19.58
N ASP A 848 5.85 10.00 -18.31
CA ASP A 848 4.45 10.24 -17.96
C ASP A 848 4.05 11.69 -18.20
N PHE A 849 4.98 12.63 -17.99
CA PHE A 849 4.64 14.02 -18.28
C PHE A 849 4.44 14.25 -19.77
N TYR A 850 5.34 13.70 -20.59
CA TYR A 850 5.19 13.88 -22.03
C TYR A 850 3.89 13.29 -22.54
N VAL A 851 3.38 12.24 -21.90
CA VAL A 851 2.16 11.64 -22.41
C VAL A 851 0.91 12.28 -21.81
N ARG A 852 0.91 12.53 -20.50
CA ARG A 852 -0.29 13.04 -19.83
C ARG A 852 -0.48 14.53 -20.04
N PHE A 853 0.61 15.29 -20.20
CA PHE A 853 0.48 16.74 -20.26
C PHE A 853 -0.44 17.22 -21.38
N PRO A 854 -0.30 16.79 -22.64
CA PRO A 854 -1.22 17.29 -23.67
C PRO A 854 -2.67 16.97 -23.38
N ARG A 855 -2.96 15.75 -22.90
CA ARG A 855 -4.34 15.39 -22.59
C ARG A 855 -4.92 16.28 -21.49
N GLU A 856 -4.13 16.54 -20.44
CA GLU A 856 -4.60 17.40 -19.36
C GLU A 856 -4.83 18.82 -19.86
N VAL A 857 -3.94 19.31 -20.72
CA VAL A 857 -4.14 20.63 -21.33
C VAL A 857 -5.47 20.66 -22.07
N GLU A 858 -5.70 19.66 -22.93
CA GLU A 858 -6.92 19.62 -23.72
C GLU A 858 -8.16 19.62 -22.82
N ALA A 859 -8.19 18.74 -21.83
CA ALA A 859 -9.37 18.61 -20.98
C ALA A 859 -9.62 19.88 -20.18
N LYS A 860 -8.58 20.42 -19.55
CA LYS A 860 -8.77 21.58 -18.69
C LYS A 860 -9.10 22.82 -19.49
N LEU A 861 -8.51 22.97 -20.67
CA LEU A 861 -8.85 24.08 -21.53
C LEU A 861 -10.29 23.97 -22.01
N HIS A 862 -10.73 22.77 -22.41
CA HIS A 862 -12.12 22.59 -22.81
C HIS A 862 -13.06 22.97 -21.68
N GLU A 863 -12.80 22.45 -20.48
CA GLU A 863 -13.66 22.75 -19.34
C GLU A 863 -13.66 24.24 -19.02
N HIS A 864 -12.54 24.92 -19.26
CA HIS A 864 -12.48 26.36 -18.98
C HIS A 864 -13.29 27.15 -20.01
N MSE A 865 -13.03 26.92 -21.28
CA MSE A 865 -13.67 27.67 -22.36
C MSE A 865 -15.18 27.46 -22.42
O MSE A 865 -15.94 28.40 -22.64
CB MSE A 865 -13.05 27.31 -23.70
CG MSE A 865 -11.56 27.55 -23.77
SE MSE A 865 -11.10 29.44 -23.68
CE MSE A 865 -9.16 29.27 -23.53
N HIS A 866 -15.60 26.21 -22.22
CA HIS A 866 -17.03 25.91 -22.27
C HIS A 866 -17.74 26.09 -20.94
N ALA A 867 -17.04 25.86 -19.82
CA ALA A 867 -17.66 26.07 -18.52
C ALA A 867 -17.81 27.55 -18.22
N GLY A 868 -16.77 28.35 -18.49
CA GLY A 868 -16.83 29.76 -18.18
C GLY A 868 -17.45 30.66 -19.23
N GLY A 869 -17.78 30.12 -20.40
CA GLY A 869 -18.17 30.96 -21.51
C GLY A 869 -17.08 31.89 -21.97
N GLY A 870 -15.84 31.62 -21.53
CA GLY A 870 -14.62 32.37 -21.78
C GLY A 870 -13.97 32.19 -23.12
N LEU A 871 -14.58 31.43 -24.04
CA LEU A 871 -14.05 31.34 -25.39
C LEU A 871 -14.16 32.67 -26.11
N GLU A 872 -15.34 33.30 -26.05
CA GLU A 872 -15.53 34.58 -26.71
C GLU A 872 -14.61 35.64 -26.13
N LYS A 873 -14.46 35.66 -24.81
CA LYS A 873 -13.53 36.59 -24.18
C LYS A 873 -12.08 36.28 -24.56
N PHE A 874 -11.75 34.99 -24.67
CA PHE A 874 -10.43 34.59 -25.15
C PHE A 874 -10.14 35.18 -26.52
N ALA A 875 -11.13 35.16 -27.41
CA ALA A 875 -10.95 35.82 -28.70
C ALA A 875 -10.81 37.33 -28.53
N ARG A 876 -11.65 37.92 -27.67
CA ARG A 876 -11.61 39.36 -27.43
C ARG A 876 -10.26 39.84 -26.91
N GLU A 877 -9.47 38.96 -26.27
CA GLU A 877 -8.26 39.42 -25.58
C GLU A 877 -7.19 39.88 -26.55
N ASP A 878 -7.00 39.15 -27.64
CA ASP A 878 -5.99 39.52 -28.62
C ASP A 878 -6.55 40.61 -29.53
N PRO A 879 -5.87 41.75 -29.69
CA PRO A 879 -6.44 42.82 -30.50
C PRO A 879 -6.62 42.46 -31.97
N LYS A 880 -5.62 41.84 -32.60
CA LYS A 880 -5.70 41.57 -34.03
C LYS A 880 -6.89 40.68 -34.36
N VAL A 881 -7.03 39.57 -33.64
CA VAL A 881 -8.15 38.67 -33.93
C VAL A 881 -9.48 39.32 -33.54
N ARG A 882 -9.46 40.23 -32.57
CA ARG A 882 -10.68 40.96 -32.24
C ARG A 882 -11.11 41.82 -33.42
N ARG A 883 -10.17 42.53 -34.03
CA ARG A 883 -10.49 43.33 -35.21
C ARG A 883 -10.97 42.44 -36.35
N HIS A 884 -10.37 41.26 -36.49
CA HIS A 884 -10.78 40.33 -37.54
C HIS A 884 -12.23 39.90 -37.35
N LEU A 885 -12.56 39.42 -36.15
CA LEU A 885 -13.93 38.96 -35.92
C LEU A 885 -14.92 40.11 -35.96
N ASP A 886 -14.51 41.30 -35.55
CA ASP A 886 -15.39 42.47 -35.64
C ASP A 886 -15.69 42.80 -37.10
N LEU A 887 -14.69 42.71 -37.97
CA LEU A 887 -14.94 42.93 -39.40
C LEU A 887 -15.90 41.90 -39.96
N ILE A 888 -15.69 40.62 -39.64
CA ILE A 888 -16.58 39.58 -40.17
C ILE A 888 -18.00 39.80 -39.67
N ARG A 889 -18.16 40.07 -38.38
CA ARG A 889 -19.51 40.27 -37.84
C ARG A 889 -20.17 41.49 -38.47
N ARG A 890 -19.39 42.55 -38.72
CA ARG A 890 -19.94 43.74 -39.34
C ARG A 890 -20.44 43.45 -40.75
N LYS A 891 -19.63 42.74 -41.54
CA LYS A 891 -20.05 42.42 -42.90
C LYS A 891 -21.31 41.57 -42.89
N GLU A 892 -21.36 40.55 -42.02
CA GLU A 892 -22.56 39.71 -41.96
C GLU A 892 -23.79 40.51 -41.55
N LEU A 893 -23.65 41.42 -40.58
CA LEU A 893 -24.78 42.23 -40.14
C LEU A 893 -25.28 43.11 -41.27
N LEU A 894 -24.37 43.79 -41.98
CA LEU A 894 -24.78 44.62 -43.10
C LEU A 894 -25.47 43.79 -44.18
N GLU A 895 -24.98 42.57 -44.44
CA GLU A 895 -25.64 41.71 -45.42
C GLU A 895 -27.09 41.43 -45.01
N THR A 896 -27.30 41.01 -43.76
CA THR A 896 -28.68 40.71 -43.34
C THR A 896 -29.56 41.95 -43.37
N VAL A 897 -29.00 43.12 -43.07
CA VAL A 897 -29.77 44.36 -43.14
C VAL A 897 -30.22 44.62 -44.57
N LEU A 898 -29.28 44.61 -45.52
CA LEU A 898 -29.66 44.80 -46.93
C LEU A 898 -30.69 43.76 -47.37
N GLY A 899 -30.57 42.53 -46.88
CA GLY A 899 -31.57 41.53 -47.21
C GLY A 899 -32.96 41.92 -46.72
N LYS A 900 -33.04 42.42 -45.48
CA LYS A 900 -34.33 42.86 -44.95
C LYS A 900 -34.87 44.04 -45.75
N ILE A 901 -34.00 44.97 -46.14
CA ILE A 901 -34.45 46.12 -46.91
C ILE A 901 -34.99 45.69 -48.27
N GLU A 902 -34.27 44.79 -48.95
CA GLU A 902 -34.74 44.28 -50.24
C GLU A 902 -36.06 43.56 -50.09
N GLU A 903 -36.23 42.81 -49.01
CA GLU A 903 -37.51 42.15 -48.74
C GLU A 903 -38.62 43.18 -48.54
N LEU A 904 -38.32 44.26 -47.81
CA LEU A 904 -39.31 45.32 -47.59
C LEU A 904 -39.69 46.00 -48.90
N HIS A 905 -38.69 46.37 -49.68
CA HIS A 905 -38.91 46.98 -50.98
C HIS A 905 -39.72 46.06 -51.88
N ARG A 906 -39.49 44.74 -51.78
CA ARG A 906 -40.32 43.80 -52.54
C ARG A 906 -41.76 43.85 -52.05
N ILE A 907 -41.94 43.99 -50.74
CA ILE A 907 -43.28 44.03 -50.16
C ILE A 907 -44.04 45.27 -50.63
N SER A 908 -43.34 46.37 -50.86
CA SER A 908 -44.00 47.60 -51.27
C SER A 908 -43.83 47.92 -52.75
N SER A 909 -43.33 46.97 -53.55
CA SER A 909 -43.30 47.12 -54.99
C SER A 909 -43.99 46.00 -55.75
N GLY A 910 -44.16 44.83 -55.14
CA GLY A 910 -44.78 43.70 -55.82
C GLY A 910 -43.96 42.43 -55.74
N ASP B 224 6.23 -41.23 68.62
CA ASP B 224 7.25 -42.17 68.15
C ASP B 224 7.26 -42.07 66.66
N ASP B 225 7.24 -40.82 66.27
CA ASP B 225 7.27 -40.26 64.92
C ASP B 225 8.62 -40.60 64.28
N ASN B 226 9.67 -40.53 65.07
CA ASN B 226 10.99 -40.89 64.57
C ASN B 226 10.88 -42.33 64.12
N MSE B 227 9.99 -43.07 64.76
CA MSE B 227 9.77 -44.44 64.43
C MSE B 227 9.13 -44.83 63.14
O MSE B 227 9.65 -45.74 62.49
CB MSE B 227 9.05 -45.12 65.56
CG MSE B 227 9.63 -46.51 65.80
SE MSE B 227 11.57 -46.53 65.56
CE MSE B 227 11.81 -48.48 65.57
N MSE B 228 8.06 -44.18 62.74
CA MSE B 228 7.48 -44.53 61.48
C MSE B 228 8.49 -44.14 60.47
O MSE B 228 8.72 -44.90 59.52
CB MSE B 228 6.24 -43.75 61.12
CG MSE B 228 5.01 -44.58 61.37
SE MSE B 228 3.84 -43.29 62.26
CE MSE B 228 2.13 -43.80 61.44
N PHE B 229 9.09 -42.94 60.63
CA PHE B 229 9.92 -42.31 59.60
C PHE B 229 11.02 -43.14 59.05
N ILE B 230 11.71 -43.88 59.91
CA ILE B 230 12.82 -44.64 59.38
C ILE B 230 12.25 -45.58 58.32
N THR B 231 11.11 -46.16 58.65
CA THR B 231 10.51 -47.06 57.70
C THR B 231 10.14 -46.36 56.42
N LYS B 232 9.58 -45.17 56.49
CA LYS B 232 9.19 -44.49 55.27
C LYS B 232 10.39 -44.17 54.39
N LYS B 233 11.49 -43.72 54.99
CA LYS B 233 12.64 -43.39 54.17
C LYS B 233 13.14 -44.65 53.49
N MSE B 234 13.12 -45.74 54.24
CA MSE B 234 13.55 -46.99 53.66
C MSE B 234 12.66 -47.44 52.56
O MSE B 234 13.17 -48.01 51.60
CB MSE B 234 13.68 -48.11 54.67
CG MSE B 234 14.48 -47.66 55.86
SE MSE B 234 14.57 -49.42 56.64
CE MSE B 234 16.01 -49.02 57.90
N ILE B 235 11.36 -47.26 52.68
CA ILE B 235 10.49 -47.68 51.63
C ILE B 235 10.79 -46.86 50.39
N GLU B 236 11.07 -45.57 50.56
CA GLU B 236 11.37 -44.76 49.39
C GLU B 236 12.59 -45.33 48.71
N ILE B 237 13.56 -45.72 49.51
CA ILE B 237 14.79 -46.31 48.97
C ILE B 237 14.53 -47.63 48.25
N ARG B 238 13.61 -48.44 48.76
CA ARG B 238 13.27 -49.69 48.13
C ARG B 238 12.72 -49.35 46.78
N ASN B 239 11.89 -48.33 46.71
CA ASN B 239 11.34 -47.96 45.42
C ASN B 239 12.42 -47.63 44.44
N LEU B 240 13.39 -46.84 44.87
CA LEU B 240 14.47 -46.51 43.93
C LEU B 240 15.34 -47.67 43.46
N LEU B 241 15.69 -48.60 44.35
CA LEU B 241 16.50 -49.72 43.89
C LEU B 241 15.66 -50.46 42.86
N GLN B 242 14.37 -50.56 43.16
CA GLN B 242 13.49 -51.28 42.25
C GLN B 242 13.47 -50.64 40.90
N LYS B 243 13.44 -49.33 40.88
CA LYS B 243 13.37 -48.61 39.63
C LYS B 243 14.69 -48.33 38.92
N VAL B 244 15.83 -48.72 39.49
CA VAL B 244 17.09 -48.35 38.82
C VAL B 244 17.31 -48.80 37.39
N GLY B 245 17.07 -50.06 37.07
CA GLY B 245 17.36 -50.52 35.73
C GLY B 245 17.21 -52.01 35.55
N GLN B 246 17.63 -52.54 34.40
CA GLN B 246 17.50 -53.98 34.15
C GLN B 246 18.31 -54.89 35.06
N GLY B 247 19.55 -54.50 35.33
CA GLY B 247 20.48 -55.26 36.11
C GLY B 247 20.38 -54.92 37.57
N SER B 248 19.34 -54.17 37.88
CA SER B 248 19.14 -53.78 39.24
C SER B 248 18.47 -54.98 39.80
N THR B 249 19.23 -56.05 39.87
CA THR B 249 18.72 -57.26 40.43
C THR B 249 18.47 -56.94 41.88
N VAL B 250 19.36 -56.15 42.45
CA VAL B 250 19.39 -55.77 43.87
C VAL B 250 18.19 -55.06 44.46
N THR B 251 17.83 -55.41 45.69
CA THR B 251 16.72 -54.73 46.37
C THR B 251 16.58 -54.90 47.87
N LEU B 252 15.66 -54.11 48.44
CA LEU B 252 15.31 -54.17 49.85
C LEU B 252 14.05 -55.02 50.03
N PRO B 253 14.02 -55.85 51.16
CA PRO B 253 12.81 -56.70 51.27
C PRO B 253 11.49 -56.02 51.69
N SER B 254 10.62 -56.73 51.63
CA SER B 254 9.25 -56.24 51.83
C SER B 254 8.37 -57.44 52.18
N ILE B 255 7.13 -57.15 52.54
CA ILE B 255 6.21 -58.22 52.91
C ILE B 255 5.60 -58.84 51.67
N VAL B 256 5.72 -60.16 51.56
CA VAL B 256 5.09 -60.94 50.49
C VAL B 256 3.95 -61.73 51.11
N VAL B 257 2.78 -61.67 50.49
CA VAL B 257 1.54 -62.21 51.05
C VAL B 257 1.13 -63.43 50.24
N ILE B 258 0.94 -64.56 50.91
CA ILE B 258 0.54 -65.81 50.25
C ILE B 258 -0.62 -66.43 51.01
N GLY B 259 -1.58 -66.98 50.27
CA GLY B 259 -2.75 -67.62 50.88
C GLY B 259 -3.50 -68.58 49.97
N SER B 260 -3.91 -69.73 50.52
CA SER B 260 -4.69 -70.71 49.77
C SER B 260 -6.03 -70.11 49.37
N GLN B 261 -6.76 -70.77 48.48
CA GLN B 261 -7.98 -70.17 47.96
C GLN B 261 -8.94 -69.72 49.04
N SER B 262 -9.25 -70.55 50.03
CA SER B 262 -10.12 -70.07 51.10
C SER B 262 -9.24 -69.03 51.79
N SER B 263 -8.00 -69.45 52.03
CA SER B 263 -6.99 -68.64 52.66
C SER B 263 -6.68 -67.44 51.81
N GLY B 264 -6.63 -67.62 50.50
CA GLY B 264 -6.35 -66.51 49.61
C GLY B 264 -7.41 -65.44 49.69
N LYS B 265 -8.66 -65.86 49.74
CA LYS B 265 -9.76 -64.92 49.82
C LYS B 265 -9.68 -64.19 51.15
N SER B 266 -9.34 -64.96 52.18
CA SER B 266 -9.24 -64.41 53.51
C SER B 266 -8.17 -63.34 53.48
N SER B 267 -7.08 -63.63 52.79
CA SER B 267 -5.95 -62.72 52.66
C SER B 267 -6.33 -61.44 51.95
N VAL B 268 -7.09 -61.54 50.87
CA VAL B 268 -7.49 -60.33 50.17
C VAL B 268 -8.35 -59.48 51.10
N LEU B 269 -9.26 -60.15 51.81
CA LEU B 269 -10.15 -59.42 52.70
C LEU B 269 -9.31 -58.71 53.74
N GLU B 270 -8.31 -59.42 54.25
CA GLU B 270 -7.45 -58.90 55.27
C GLU B 270 -6.68 -57.70 54.79
N ALA B 271 -6.17 -57.75 53.58
CA ALA B 271 -5.42 -56.63 53.07
C ALA B 271 -6.34 -55.43 53.00
N ILE B 272 -7.55 -55.63 52.51
CA ILE B 272 -8.46 -54.50 52.40
C ILE B 272 -8.76 -53.92 53.78
N VAL B 273 -8.99 -54.80 54.74
CA VAL B 273 -9.29 -54.42 56.12
C VAL B 273 -8.16 -53.72 56.86
N GLY B 274 -6.93 -54.00 56.45
CA GLY B 274 -5.78 -53.41 57.11
C GLY B 274 -5.71 -51.90 57.08
N HIS B 275 -6.06 -51.29 55.95
CA HIS B 275 -6.01 -49.84 55.84
C HIS B 275 -7.36 -49.20 55.57
N GLU B 276 -7.89 -49.49 54.39
CA GLU B 276 -9.19 -49.01 53.94
C GLU B 276 -9.70 -49.94 52.85
N PHE B 277 -10.99 -49.91 52.56
CA PHE B 277 -11.54 -50.77 51.52
C PHE B 277 -10.96 -50.42 50.15
N LEU B 278 -10.64 -51.45 49.38
CA LEU B 278 -10.09 -51.27 48.04
C LEU B 278 -10.60 -52.34 47.07
N PRO B 279 -10.54 -52.09 45.77
CA PRO B 279 -11.03 -53.12 44.85
C PRO B 279 -10.20 -54.37 45.08
N LYS B 280 -10.88 -55.50 45.24
CA LYS B 280 -10.21 -56.78 45.48
C LYS B 280 -11.13 -57.96 45.19
N GLY B 281 -10.55 -59.15 45.10
CA GLY B 281 -11.32 -60.33 44.80
C GLY B 281 -12.04 -60.16 43.48
N SER B 282 -13.33 -60.47 43.45
CA SER B 282 -14.11 -60.33 42.23
C SER B 282 -13.45 -61.19 41.15
N ASN B 283 -13.27 -60.62 39.95
CA ASN B 283 -12.62 -61.36 38.88
C ASN B 283 -11.16 -60.92 38.88
N MSE B 284 -10.28 -61.86 39.20
CA MSE B 284 -8.87 -61.57 39.27
C MSE B 284 -8.06 -62.50 38.43
O MSE B 284 -8.18 -63.73 38.56
CB MSE B 284 -8.47 -61.71 40.74
CG MSE B 284 -8.31 -63.15 41.20
SE MSE B 284 -9.91 -64.25 40.79
CE MSE B 284 -8.99 -65.83 40.06
N ILE B 285 -7.22 -61.94 37.57
CA ILE B 285 -6.36 -62.77 36.75
C ILE B 285 -5.40 -63.47 37.71
N THR B 286 -4.89 -62.71 38.67
CA THR B 286 -3.96 -63.20 39.68
C THR B 286 -2.58 -63.38 39.07
N ARG B 287 -2.48 -63.08 37.79
CA ARG B 287 -1.24 -63.19 37.04
C ARG B 287 -0.16 -62.22 37.47
N ARG B 288 -0.56 -61.01 37.85
CA ARG B 288 0.42 -60.00 38.21
C ARG B 288 0.37 -59.52 39.65
N PRO B 289 1.53 -59.47 40.30
CA PRO B 289 1.64 -59.00 41.67
C PRO B 289 1.34 -57.51 41.76
N ILE B 290 0.99 -57.07 42.96
CA ILE B 290 0.63 -55.68 43.21
C ILE B 290 1.49 -55.16 44.35
N GLU B 291 2.44 -54.28 44.03
CA GLU B 291 3.32 -53.68 45.03
C GLU B 291 2.59 -52.51 45.70
N LEU B 292 2.05 -52.74 46.88
CA LEU B 292 1.41 -51.69 47.65
C LEU B 292 2.45 -50.98 48.50
N THR B 293 2.57 -49.67 48.30
CA THR B 293 3.47 -48.84 49.08
C THR B 293 2.66 -47.75 49.74
N LEU B 294 2.69 -47.70 51.07
CA LEU B 294 1.84 -46.82 51.84
C LEU B 294 2.68 -45.68 52.44
N VAL B 295 2.00 -44.56 52.71
CA VAL B 295 2.65 -43.37 53.23
C VAL B 295 1.84 -42.86 54.41
N ASN B 296 2.54 -42.50 55.50
CA ASN B 296 1.87 -41.80 56.59
C ASN B 296 1.31 -40.49 56.07
N ASP B 297 0.05 -40.24 56.38
CA ASP B 297 -0.63 -39.12 55.72
C ASP B 297 -1.10 -38.04 56.69
N PRO B 298 -0.16 -37.53 57.47
CA PRO B 298 -0.45 -36.41 58.35
C PRO B 298 -0.51 -35.23 57.40
N GLU B 299 -1.43 -34.29 57.62
CA GLU B 299 -1.54 -33.13 56.74
C GLU B 299 -2.32 -33.48 55.47
N ALA B 300 -2.78 -34.72 55.38
CA ALA B 300 -3.57 -35.15 54.24
C ALA B 300 -4.95 -35.48 54.79
N LYS B 301 -5.97 -34.79 54.31
CA LYS B 301 -7.33 -35.02 54.81
C LYS B 301 -8.24 -35.83 53.89
N VAL B 302 -7.71 -36.34 52.79
CA VAL B 302 -8.56 -37.11 51.88
C VAL B 302 -7.88 -38.44 51.59
N ASP B 303 -8.64 -39.53 51.71
CA ASP B 303 -8.19 -40.86 51.32
C ASP B 303 -8.01 -40.88 49.81
N TYR B 304 -6.77 -40.77 49.35
CA TYR B 304 -6.48 -40.75 47.91
C TYR B 304 -5.35 -41.71 47.61
N GLY B 305 -5.52 -42.47 46.53
CA GLY B 305 -4.54 -43.43 46.06
C GLY B 305 -4.15 -43.09 44.65
N GLU B 306 -2.86 -43.19 44.33
CA GLU B 306 -2.37 -42.87 43.00
C GLU B 306 -1.48 -43.95 42.40
N PHE B 307 -1.38 -43.96 41.08
CA PHE B 307 -0.56 -44.93 40.37
C PHE B 307 0.76 -44.30 39.93
N PRO B 308 1.89 -45.03 40.23
CA PRO B 308 3.15 -44.39 39.80
C PRO B 308 3.29 -44.23 38.30
N ASP B 309 2.89 -45.23 37.52
CA ASP B 309 3.03 -45.11 36.08
C ASP B 309 2.21 -43.95 35.54
N LEU B 310 0.98 -43.81 36.02
CA LEU B 310 0.15 -42.69 35.63
C LEU B 310 0.49 -41.60 36.64
N GLY B 311 1.69 -41.05 36.50
CA GLY B 311 2.18 -40.05 37.43
C GLY B 311 1.40 -38.76 37.52
N LEU B 312 1.28 -38.25 38.74
CA LEU B 312 0.58 -37.00 38.99
C LEU B 312 -0.92 -37.18 38.89
N ALA B 313 -1.37 -38.42 38.88
CA ALA B 313 -2.79 -38.69 38.79
C ALA B 313 -3.27 -39.22 40.13
N ARG B 314 -4.25 -38.53 40.71
CA ARG B 314 -4.80 -38.94 41.99
C ARG B 314 -6.23 -39.42 41.82
N VAL B 315 -6.61 -40.41 42.62
CA VAL B 315 -7.96 -41.00 42.57
C VAL B 315 -8.61 -40.82 43.93
N THR B 316 -9.79 -40.20 43.94
CA THR B 316 -10.49 -39.91 45.18
C THR B 316 -11.26 -41.13 45.69
N ASP B 317 -12.14 -41.70 44.86
CA ASP B 317 -12.94 -42.84 45.22
C ASP B 317 -12.27 -44.13 44.77
N PHE B 318 -12.29 -45.14 45.64
CA PHE B 318 -11.67 -46.42 45.35
C PHE B 318 -12.49 -47.25 44.36
N SER B 319 -13.65 -46.76 43.92
CA SER B 319 -14.37 -47.43 42.84
C SER B 319 -13.67 -47.23 41.51
N LEU B 320 -13.18 -46.02 41.25
CA LEU B 320 -12.35 -45.80 40.07
C LEU B 320 -11.08 -46.64 40.13
N ILE B 321 -10.49 -46.76 41.32
CA ILE B 321 -9.35 -47.66 41.50
C ILE B 321 -9.76 -49.09 41.19
N GLN B 322 -10.98 -49.47 41.56
CA GLN B 322 -11.45 -50.82 41.26
C GLN B 322 -11.53 -51.06 39.76
N LYS B 323 -12.16 -50.13 39.03
CA LYS B 323 -12.30 -50.30 37.59
C LYS B 323 -10.94 -50.29 36.89
N THR B 324 -10.01 -49.45 37.35
CA THR B 324 -8.71 -49.37 36.71
C THR B 324 -7.90 -50.64 36.97
N LEU B 325 -7.68 -50.97 38.25
CA LEU B 325 -6.81 -52.11 38.55
C LEU B 325 -7.45 -53.43 38.12
N THR B 326 -8.78 -53.52 38.13
CA THR B 326 -9.41 -54.72 37.59
C THR B 326 -9.34 -54.75 36.06
N GLU B 327 -9.31 -53.58 35.42
CA GLU B 327 -9.04 -53.55 33.99
C GLU B 327 -7.63 -54.05 33.69
N LEU B 328 -6.67 -53.71 34.54
CA LEU B 328 -5.34 -54.31 34.41
C LEU B 328 -5.38 -55.80 34.72
N ASN B 329 -6.26 -56.23 35.63
CA ASN B 329 -6.40 -57.65 35.94
C ASN B 329 -6.88 -58.42 34.73
N GLN B 330 -7.84 -57.88 33.99
CA GLN B 330 -8.31 -58.50 32.75
C GLN B 330 -7.33 -58.34 31.60
N SER B 331 -6.48 -57.31 31.63
CA SER B 331 -5.46 -57.16 30.59
C SER B 331 -4.38 -58.22 30.74
N VAL B 332 -3.90 -58.43 31.96
CA VAL B 332 -2.82 -59.37 32.25
C VAL B 332 -1.54 -58.98 31.51
N THR B 339 4.46 -60.62 30.36
CA THR B 339 5.31 -59.66 31.06
C THR B 339 5.59 -60.09 32.49
N ASP B 340 4.52 -60.24 33.27
CA ASP B 340 4.63 -60.66 34.66
C ASP B 340 5.04 -59.49 35.57
N ASP B 341 5.05 -58.29 34.99
CA ASP B 341 5.42 -57.10 35.74
C ASP B 341 4.44 -56.81 36.87
N PRO B 342 4.99 -56.34 38.05
CA PRO B 342 4.01 -56.09 39.11
C PRO B 342 3.65 -54.60 39.20
N ILE B 343 2.37 -54.28 39.09
CA ILE B 343 1.91 -52.90 39.15
C ILE B 343 2.26 -52.33 40.52
N ARG B 344 2.74 -51.09 40.54
CA ARG B 344 3.00 -50.38 41.78
C ARG B 344 1.81 -49.49 42.14
N LEU B 345 1.59 -49.31 43.44
CA LEU B 345 0.50 -48.51 43.95
C LEU B 345 0.97 -47.68 45.14
N THR B 346 0.33 -46.54 45.33
CA THR B 346 0.65 -45.63 46.43
C THR B 346 -0.65 -45.05 46.96
N ILE B 347 -0.91 -45.23 48.25
CA ILE B 347 -2.14 -44.77 48.87
C ILE B 347 -1.79 -44.00 50.12
N HIS B 348 -2.43 -42.85 50.30
CA HIS B 348 -2.18 -41.96 51.44
C HIS B 348 -3.46 -41.86 52.26
N SER B 349 -3.36 -42.17 53.55
CA SER B 349 -4.49 -42.03 54.47
C SER B 349 -3.95 -41.77 55.86
N PRO B 350 -4.52 -40.83 56.61
CA PRO B 350 -3.98 -40.55 57.95
C PRO B 350 -4.13 -41.73 58.89
N ASN B 351 -5.08 -42.62 58.65
CA ASN B 351 -5.27 -43.79 59.48
C ASN B 351 -4.18 -44.84 59.23
N ILE B 352 -3.69 -44.91 58.01
CA ILE B 352 -2.83 -46.04 57.62
C ILE B 352 -1.38 -45.73 58.03
N PRO B 353 -0.69 -46.68 58.64
CA PRO B 353 0.76 -46.55 58.79
C PRO B 353 1.46 -47.02 57.52
N ASP B 354 2.51 -46.30 57.15
CA ASP B 354 3.24 -46.61 55.92
C ASP B 354 3.84 -48.01 55.98
N LEU B 355 3.73 -48.73 54.87
CA LEU B 355 4.14 -50.12 54.82
C LEU B 355 4.70 -50.38 53.43
N SER B 356 4.91 -51.66 53.11
CA SER B 356 5.40 -52.04 51.80
C SER B 356 5.10 -53.50 51.49
N LEU B 357 3.83 -53.84 51.33
CA LEU B 357 3.45 -55.20 51.04
C LEU B 357 3.20 -55.39 49.56
N ILE B 358 3.42 -56.61 49.09
CA ILE B 358 3.15 -56.99 47.71
C ILE B 358 2.29 -58.25 47.73
N ASP B 359 1.20 -58.23 46.97
CA ASP B 359 0.25 -59.33 46.92
C ASP B 359 0.36 -60.02 45.57
N LEU B 360 0.89 -61.23 45.57
CA LEU B 360 0.95 -62.10 44.40
C LEU B 360 -0.23 -63.07 44.41
N PRO B 361 -0.49 -63.76 43.28
CA PRO B 361 -1.63 -64.69 43.25
C PRO B 361 -1.47 -65.82 44.27
N GLY B 362 -2.59 -66.13 44.94
CA GLY B 362 -2.58 -67.20 45.90
C GLY B 362 -2.76 -68.56 45.27
N TYR B 363 -2.29 -69.58 45.98
CA TYR B 363 -2.33 -70.94 45.46
C TYR B 363 -3.76 -71.41 45.26
N ILE B 364 -3.96 -72.23 44.23
CA ILE B 364 -5.28 -72.76 43.90
C ILE B 364 -5.25 -74.28 43.91
N LEU B 375 -0.40 -74.08 34.32
CA LEU B 375 -1.02 -72.84 34.77
C LEU B 375 -0.83 -72.66 36.27
N LYS B 376 -1.45 -73.55 37.04
CA LYS B 376 -1.34 -73.49 38.49
C LYS B 376 0.12 -73.67 38.87
N ARG B 377 0.80 -74.55 38.15
CA ARG B 377 2.21 -74.79 38.40
C ARG B 377 2.95 -73.49 38.15
N LYS B 378 2.56 -72.78 37.10
CA LYS B 378 3.21 -71.51 36.77
C LYS B 378 3.03 -70.49 37.87
N ILE B 379 1.82 -70.43 38.43
CA ILE B 379 1.53 -69.50 39.51
C ILE B 379 2.40 -69.85 40.71
N THR B 380 2.53 -71.15 40.99
CA THR B 380 3.34 -71.58 42.12
C THR B 380 4.78 -71.18 41.89
N GLU B 381 5.23 -71.34 40.67
CA GLU B 381 6.59 -71.00 40.29
C GLU B 381 6.88 -69.55 40.65
N LEU B 382 5.92 -68.66 40.41
CA LEU B 382 6.19 -67.26 40.72
C LEU B 382 6.24 -67.09 42.20
N CYS B 383 5.30 -67.73 42.88
CA CYS B 383 5.21 -67.60 44.32
C CYS B 383 6.46 -68.08 44.96
N ASP B 384 6.95 -69.21 44.50
CA ASP B 384 8.11 -69.79 45.10
C ASP B 384 9.28 -68.88 44.92
N LYS B 385 9.43 -68.34 43.72
CA LYS B 385 10.56 -67.51 43.48
C LYS B 385 10.50 -66.36 44.41
N TYR B 386 9.36 -65.72 44.51
CA TYR B 386 9.26 -64.55 45.37
C TYR B 386 9.50 -64.83 46.81
N ILE B 387 8.97 -65.93 47.31
CA ILE B 387 9.15 -66.28 48.70
C ILE B 387 10.56 -66.59 49.05
N ARG B 388 11.30 -67.23 48.13
CA ARG B 388 12.64 -67.61 48.48
C ARG B 388 13.45 -66.51 49.09
N GLY B 389 13.83 -65.53 48.31
CA GLY B 389 14.64 -64.45 48.82
C GLY B 389 14.16 -63.96 50.17
N PRO B 390 15.08 -63.40 50.96
CA PRO B 390 14.74 -63.01 52.33
C PRO B 390 13.79 -61.83 52.44
N ASN B 391 12.58 -62.00 51.94
CA ASN B 391 11.48 -61.10 52.26
C ASN B 391 10.77 -61.58 53.51
N ILE B 392 10.13 -60.64 54.21
CA ILE B 392 9.31 -60.96 55.37
C ILE B 392 7.96 -61.47 54.84
N ILE B 393 7.77 -62.78 54.87
CA ILE B 393 6.62 -63.41 54.22
C ILE B 393 5.44 -63.43 55.18
N LEU B 394 4.28 -62.99 54.69
CA LEU B 394 3.05 -62.90 55.47
C LEU B 394 2.11 -63.99 54.99
N ALA B 395 2.03 -65.08 55.74
CA ALA B 395 1.11 -66.16 55.40
C ALA B 395 -0.18 -66.02 56.19
N ILE B 396 -1.30 -66.29 55.52
CA ILE B 396 -2.62 -66.26 56.13
C ILE B 396 -3.21 -67.66 56.05
N SER B 397 -4.21 -67.92 56.89
CA SER B 397 -4.82 -69.23 56.95
C SER B 397 -6.26 -69.11 57.44
N ALA B 398 -7.19 -69.64 56.66
CA ALA B 398 -8.57 -69.69 57.10
C ALA B 398 -8.72 -70.69 58.24
N ALA B 399 -9.55 -70.35 59.23
CA ALA B 399 -9.71 -71.20 60.40
C ALA B 399 -10.35 -72.54 60.06
N ASP B 400 -11.16 -72.59 59.00
CA ASP B 400 -11.83 -73.82 58.63
C ASP B 400 -10.85 -74.91 58.20
N THR B 401 -9.87 -74.51 57.41
CA THR B 401 -8.86 -75.43 56.91
C THR B 401 -7.87 -75.85 57.99
N ASP B 402 -7.40 -77.09 57.90
CA ASP B 402 -6.42 -77.59 58.85
C ASP B 402 -5.14 -76.83 58.59
N LEU B 403 -4.35 -76.59 59.64
CA LEU B 403 -3.11 -75.84 59.47
C LEU B 403 -2.16 -76.58 58.53
N ALA B 404 -2.07 -77.89 58.70
CA ALA B 404 -1.21 -78.69 57.84
C ALA B 404 -1.66 -78.62 56.40
N ASN B 405 -2.97 -78.62 56.22
CA ASN B 405 -3.59 -78.57 54.89
C ASN B 405 -3.34 -77.32 54.05
N SER B 406 -3.35 -76.13 54.67
CA SER B 406 -3.16 -74.90 53.92
C SER B 406 -1.80 -74.78 53.24
N THR B 407 -1.82 -74.41 51.95
CA THR B 407 -0.62 -74.24 51.15
C THR B 407 0.25 -73.08 51.64
N ALA B 408 -0.39 -71.97 51.98
CA ALA B 408 0.30 -70.78 52.45
C ALA B 408 1.32 -71.13 53.53
N LEU B 409 0.84 -71.66 54.65
CA LEU B 409 1.76 -72.03 55.73
C LEU B 409 2.70 -73.15 55.32
N GLN B 410 2.24 -74.06 54.47
CA GLN B 410 3.08 -75.18 54.05
C GLN B 410 4.24 -74.71 53.19
N ALA B 411 3.98 -73.78 52.26
CA ALA B 411 5.06 -73.21 51.46
C ALA B 411 5.95 -72.31 52.31
N SER B 412 5.36 -71.58 53.26
CA SER B 412 6.15 -70.79 54.19
C SER B 412 7.15 -71.65 54.95
N ARG B 413 6.72 -72.85 55.35
CA ARG B 413 7.64 -73.78 55.99
C ARG B 413 8.56 -74.44 54.98
N ARG B 414 8.18 -74.47 53.70
CA ARG B 414 9.05 -75.03 52.68
C ARG B 414 10.27 -74.14 52.44
N VAL B 415 10.04 -72.83 52.31
CA VAL B 415 11.14 -71.90 52.07
C VAL B 415 11.78 -71.39 53.36
N ASP B 416 11.10 -71.54 54.49
CA ASP B 416 11.61 -71.07 55.79
C ASP B 416 11.44 -72.20 56.79
N PRO B 417 12.47 -73.04 56.96
CA PRO B 417 12.34 -74.12 57.97
C PRO B 417 12.35 -73.62 59.40
N ARG B 418 13.11 -72.55 59.68
CA ARG B 418 13.16 -72.06 61.04
C ARG B 418 11.91 -71.27 61.42
N GLY B 419 11.13 -70.82 60.43
CA GLY B 419 10.01 -69.94 60.73
C GLY B 419 10.44 -68.61 61.30
N GLU B 420 11.66 -68.17 61.01
CA GLU B 420 12.17 -66.94 61.62
C GLU B 420 11.74 -65.70 60.86
N ARG B 421 11.53 -65.79 59.55
CA ARG B 421 11.20 -64.62 58.74
C ARG B 421 9.76 -64.63 58.23
N THR B 422 8.90 -65.45 58.82
CA THR B 422 7.51 -65.54 58.37
C THR B 422 6.57 -65.37 59.57
N ILE B 423 5.57 -64.51 59.41
CA ILE B 423 4.52 -64.37 60.41
C ILE B 423 3.24 -64.91 59.82
N GLY B 424 2.37 -65.41 60.70
CA GLY B 424 1.14 -66.06 60.30
C GLY B 424 -0.08 -65.29 60.78
N VAL B 425 -1.12 -65.28 59.96
CA VAL B 425 -2.39 -64.66 60.30
C VAL B 425 -3.49 -65.68 60.12
N ILE B 426 -4.29 -65.88 61.15
CA ILE B 426 -5.43 -66.79 61.10
C ILE B 426 -6.69 -65.95 60.88
N THR B 427 -7.28 -66.08 59.70
CA THR B 427 -8.42 -65.30 59.28
C THR B 427 -9.71 -66.11 59.42
N LYS B 428 -10.83 -65.45 59.16
CA LYS B 428 -12.16 -66.07 59.29
C LYS B 428 -12.33 -66.72 60.66
N MSE B 429 -11.90 -66.01 61.70
CA MSE B 429 -11.80 -66.62 63.02
C MSE B 429 -13.03 -66.32 63.87
O MSE B 429 -13.10 -66.68 65.05
CB MSE B 429 -10.53 -66.13 63.74
CG MSE B 429 -9.93 -67.16 64.68
SE MSE B 429 -8.28 -66.57 65.56
CE MSE B 429 -7.61 -68.31 66.13
N ASP B 430 -14.02 -65.65 63.26
CA ASP B 430 -15.25 -65.37 63.97
C ASP B 430 -16.13 -66.59 64.11
N LEU B 431 -15.95 -67.61 63.27
CA LEU B 431 -16.83 -68.76 63.29
C LEU B 431 -16.15 -69.98 63.90
N VAL B 432 -15.52 -69.81 65.06
CA VAL B 432 -14.89 -70.91 65.77
C VAL B 432 -15.00 -70.67 67.26
N GLU B 433 -15.00 -71.75 68.04
CA GLU B 433 -14.96 -71.65 69.48
C GLU B 433 -13.60 -71.07 69.92
N PRO B 434 -13.64 -70.41 71.06
CA PRO B 434 -12.50 -69.76 71.67
C PRO B 434 -11.50 -70.82 72.01
N GLU B 435 -11.99 -72.00 72.28
CA GLU B 435 -11.10 -73.12 72.51
C GLU B 435 -10.38 -73.27 71.16
N LYS B 436 -11.13 -73.09 70.08
CA LYS B 436 -10.59 -73.18 68.74
C LYS B 436 -9.56 -72.11 68.42
N GLY B 437 -9.79 -70.90 68.91
CA GLY B 437 -8.86 -69.83 68.70
C GLY B 437 -7.58 -70.15 69.43
N ALA B 438 -7.72 -70.64 70.64
CA ALA B 438 -6.55 -70.99 71.42
C ALA B 438 -5.86 -72.10 70.69
N ALA B 439 -6.59 -73.01 70.09
CA ALA B 439 -5.81 -74.02 69.48
C ALA B 439 -5.02 -73.41 68.36
N ILE B 440 -5.69 -72.68 67.50
CA ILE B 440 -5.01 -72.09 66.38
C ILE B 440 -4.08 -70.93 66.59
N LEU B 441 -4.49 -69.93 67.37
CA LEU B 441 -3.64 -68.77 67.56
C LEU B 441 -2.38 -69.22 68.22
N SER B 442 -2.48 -70.11 69.19
CA SER B 442 -1.28 -70.62 69.83
C SER B 442 -1.17 -72.10 69.55
N ASP B 443 -0.08 -72.47 68.91
CA ASP B 443 0.18 -73.84 68.55
C ASP B 443 1.63 -74.09 68.82
N ARG B 444 1.97 -75.35 68.97
CA ARG B 444 3.35 -75.75 69.13
C ARG B 444 3.71 -76.70 68.00
N GLN B 445 2.70 -77.14 67.29
CA GLN B 445 2.83 -78.04 66.20
C GLN B 445 3.65 -77.34 65.16
N TYR B 446 3.64 -76.03 65.17
CA TYR B 446 4.45 -75.46 64.09
C TYR B 446 4.91 -74.07 64.50
N PRO B 447 5.78 -73.97 65.51
CA PRO B 447 6.09 -72.65 66.07
C PRO B 447 6.99 -71.84 65.16
N LEU B 448 6.87 -70.53 65.30
CA LEU B 448 7.71 -69.60 64.57
C LEU B 448 7.90 -68.36 65.42
N LYS B 449 9.04 -67.70 65.22
CA LYS B 449 9.18 -66.37 65.80
C LYS B 449 8.12 -65.45 65.20
N LEU B 450 7.95 -64.29 65.83
CA LEU B 450 6.98 -63.27 65.47
C LEU B 450 5.54 -63.74 65.66
N GLY B 451 5.31 -65.01 65.99
CA GLY B 451 4.00 -65.52 66.34
C GLY B 451 2.96 -65.47 65.25
N TYR B 452 1.77 -65.95 65.55
CA TYR B 452 0.60 -65.82 64.69
C TYR B 452 -0.27 -64.69 65.19
N VAL B 453 -1.13 -64.17 64.32
CA VAL B 453 -2.06 -63.10 64.66
C VAL B 453 -3.42 -63.46 64.09
N GLY B 454 -4.38 -63.75 64.98
CA GLY B 454 -5.73 -64.05 64.56
C GLY B 454 -6.56 -62.79 64.50
N VAL B 455 -7.33 -62.64 63.42
CA VAL B 455 -8.18 -61.46 63.24
C VAL B 455 -9.29 -61.79 62.26
N ILE B 456 -10.45 -61.20 62.49
CA ILE B 456 -11.59 -61.39 61.61
C ILE B 456 -11.73 -60.11 60.78
N SER B 457 -11.57 -60.25 59.47
CA SER B 457 -11.68 -59.09 58.60
C SER B 457 -12.86 -59.23 57.65
N LYS B 458 -13.69 -58.21 57.59
CA LYS B 458 -14.87 -58.21 56.73
C LYS B 458 -15.80 -57.07 57.09
N GLY B 471 -19.83 -45.08 55.01
CA GLY B 471 -18.38 -44.99 55.07
C GLY B 471 -17.83 -45.32 56.44
N ASN B 472 -16.60 -44.90 56.70
CA ASN B 472 -15.96 -45.16 57.99
C ASN B 472 -15.88 -46.64 58.30
N LEU B 473 -15.62 -47.45 57.28
CA LEU B 473 -15.51 -48.89 57.44
C LEU B 473 -14.34 -49.26 58.35
N LEU B 474 -13.22 -48.56 58.19
CA LEU B 474 -12.04 -48.80 59.00
C LEU B 474 -12.39 -48.84 60.49
N ALA B 475 -12.90 -47.73 61.00
CA ALA B 475 -13.27 -47.62 62.39
C ALA B 475 -14.18 -48.75 62.73
N SER B 476 -15.09 -49.08 61.82
CA SER B 476 -16.02 -50.14 62.12
C SER B 476 -15.35 -51.46 62.32
N ILE B 477 -14.45 -51.82 61.41
CA ILE B 477 -13.82 -53.11 61.57
C ILE B 477 -13.00 -53.06 62.81
N ASN B 478 -12.70 -51.87 63.28
CA ASN B 478 -11.94 -51.77 64.51
C ASN B 478 -12.85 -51.98 65.71
N ARG B 479 -14.05 -51.39 65.65
CA ARG B 479 -15.01 -51.51 66.72
C ARG B 479 -15.42 -52.96 66.92
N ASN B 480 -15.64 -53.69 65.84
CA ASN B 480 -16.03 -55.09 65.93
C ASN B 480 -14.94 -55.91 66.60
N GLU B 481 -13.69 -55.65 66.24
CA GLU B 481 -12.59 -56.39 66.85
C GLU B 481 -12.57 -56.12 68.35
N LYS B 482 -12.75 -54.85 68.69
CA LYS B 482 -12.74 -54.45 70.09
C LYS B 482 -13.84 -55.16 70.84
N ASN B 483 -15.04 -55.15 70.25
CA ASN B 483 -16.25 -55.79 70.80
C ASN B 483 -16.40 -57.34 70.86
N TYR B 484 -15.94 -58.03 69.82
CA TYR B 484 -16.07 -59.50 69.73
C TYR B 484 -15.36 -60.35 70.79
N PHE B 485 -14.16 -59.97 71.17
CA PHE B 485 -13.41 -60.75 72.15
C PHE B 485 -14.15 -60.75 73.49
N GLY B 486 -15.06 -59.79 73.63
CA GLY B 486 -15.87 -59.64 74.82
C GLY B 486 -16.73 -60.87 75.06
N SER B 487 -17.22 -61.49 73.98
CA SER B 487 -18.06 -62.68 74.12
C SER B 487 -17.26 -63.78 74.82
N HIS B 488 -15.99 -63.91 74.45
CA HIS B 488 -15.11 -64.89 75.05
C HIS B 488 -13.84 -64.14 75.41
N PRO B 489 -13.98 -63.21 76.43
CA PRO B 489 -12.75 -62.48 76.75
C PRO B 489 -11.63 -63.32 77.34
N THR B 490 -11.98 -64.25 78.23
CA THR B 490 -10.98 -65.09 78.88
C THR B 490 -10.17 -65.91 77.89
N GLU B 491 -10.86 -66.46 76.89
CA GLU B 491 -10.18 -67.26 75.88
C GLU B 491 -9.17 -66.40 75.13
N PHE B 492 -9.50 -65.22 74.66
CA PHE B 492 -8.44 -64.50 73.94
C PHE B 492 -8.44 -63.03 74.22
N GLY B 493 -7.87 -62.67 75.35
CA GLY B 493 -7.86 -61.29 75.78
C GLY B 493 -6.65 -61.05 76.61
N PRO B 494 -6.68 -59.90 77.37
CA PRO B 494 -5.45 -59.63 78.13
C PRO B 494 -4.92 -60.70 79.07
N ASP B 495 -3.64 -60.91 78.86
CA ASP B 495 -2.80 -61.86 79.56
C ASP B 495 -2.93 -63.24 78.99
N SER B 496 -3.80 -63.36 78.01
CA SER B 496 -3.99 -64.60 77.31
C SER B 496 -2.74 -64.60 76.50
N GLY B 497 -2.18 -65.73 76.17
CA GLY B 497 -0.99 -65.69 75.34
C GLY B 497 -1.17 -65.16 73.94
N VAL B 498 -2.29 -65.52 73.35
CA VAL B 498 -2.56 -65.18 71.98
C VAL B 498 -2.65 -63.70 71.76
N SER B 499 -2.47 -63.31 70.51
CA SER B 499 -2.52 -61.91 70.16
C SER B 499 -3.53 -61.69 69.07
N THR B 500 -4.41 -60.66 69.16
CA THR B 500 -5.35 -60.43 68.05
C THR B 500 -6.00 -59.11 67.75
N GLY B 501 -6.55 -58.98 66.58
CA GLY B 501 -6.96 -57.65 66.21
C GLY B 501 -5.95 -57.00 65.27
N VAL B 502 -6.41 -55.96 64.56
CA VAL B 502 -5.63 -55.46 63.44
C VAL B 502 -4.47 -54.55 63.88
N MSE B 503 -4.62 -53.83 65.00
CA MSE B 503 -3.65 -52.82 65.38
C MSE B 503 -2.36 -53.42 65.95
O MSE B 503 -1.27 -52.96 65.61
CB MSE B 503 -4.28 -51.85 66.38
CG MSE B 503 -5.49 -51.11 65.81
SE MSE B 503 -6.22 -49.77 67.01
CE MSE B 503 -4.67 -48.58 67.11
N THR B 504 -2.49 -54.43 66.80
CA THR B 504 -1.30 -55.14 67.29
C THR B 504 -0.54 -55.79 66.13
N LEU B 505 -1.27 -56.43 65.21
CA LEU B 505 -0.66 -56.99 64.00
C LEU B 505 0.10 -55.91 63.23
N ARG B 506 -0.52 -54.74 63.08
CA ARG B 506 0.13 -53.65 62.35
C ARG B 506 1.41 -53.20 63.03
N LYS B 507 1.38 -53.03 64.36
CA LYS B 507 2.57 -52.66 65.10
C LYS B 507 3.68 -53.68 64.89
N LYS B 508 3.34 -54.96 64.99
CA LYS B 508 4.34 -56.01 64.77
C LYS B 508 4.91 -55.91 63.36
N LEU B 509 4.05 -55.72 62.36
CA LEU B 509 4.53 -55.55 60.99
C LEU B 509 5.54 -54.42 60.88
N LEU B 510 5.25 -53.28 61.52
CA LEU B 510 6.20 -52.18 61.54
C LEU B 510 7.54 -52.61 62.12
N GLN B 511 7.49 -53.29 63.28
CA GLN B 511 8.74 -53.71 63.93
C GLN B 511 9.56 -54.63 63.04
N VAL B 512 8.94 -55.70 62.53
CA VAL B 512 9.66 -56.67 61.72
C VAL B 512 10.21 -56.04 60.45
N LEU B 513 9.39 -55.22 59.78
CA LEU B 513 9.87 -54.53 58.58
C LEU B 513 11.10 -53.70 58.88
N GLU B 514 11.03 -52.88 59.94
CA GLU B 514 12.18 -52.04 60.29
C GLU B 514 13.42 -52.88 60.56
N GLN B 515 13.26 -53.96 61.33
CA GLN B 515 14.41 -54.78 61.72
C GLN B 515 15.05 -55.47 60.52
N GLN B 516 14.26 -56.22 59.75
CA GLN B 516 14.79 -56.96 58.62
C GLN B 516 15.41 -56.04 57.58
N MSE B 517 14.70 -54.96 57.24
CA MSE B 517 15.23 -53.97 56.31
C MSE B 517 16.57 -53.42 56.79
O MSE B 517 17.55 -53.35 56.03
CB MSE B 517 14.23 -52.84 56.10
CG MSE B 517 13.20 -53.09 55.01
SE MSE B 517 11.92 -51.60 54.89
CE MSE B 517 11.16 -51.96 53.12
N SER B 518 16.61 -53.05 58.08
CA SER B 518 17.85 -52.55 58.66
C SER B 518 18.97 -53.58 58.52
N SER B 519 18.65 -54.87 58.65
CA SER B 519 19.67 -55.91 58.48
C SER B 519 20.20 -55.93 57.06
N LYS B 520 19.31 -55.99 56.07
CA LYS B 520 19.73 -56.01 54.67
C LYS B 520 20.38 -54.71 54.21
N LEU B 521 20.30 -53.64 55.01
CA LEU B 521 20.79 -52.33 54.57
C LEU B 521 22.26 -52.38 54.18
N ASN B 522 23.11 -53.02 54.98
CA ASN B 522 24.54 -53.02 54.71
C ASN B 522 24.87 -53.77 53.42
N GLU B 523 24.35 -54.98 53.27
CA GLU B 523 24.67 -55.77 52.08
C GLU B 523 24.12 -55.09 50.82
N THR B 524 22.89 -54.59 50.89
CA THR B 524 22.34 -53.87 49.74
C THR B 524 23.21 -52.65 49.42
N THR B 525 23.66 -51.91 50.43
CA THR B 525 24.49 -50.73 50.19
C THR B 525 25.78 -51.12 49.47
N GLU B 526 26.44 -52.18 49.94
CA GLU B 526 27.65 -52.64 49.26
C GLU B 526 27.36 -53.00 47.80
N ALA B 527 26.24 -53.69 47.56
CA ALA B 527 25.88 -54.06 46.19
C ALA B 527 25.67 -52.81 45.32
N ILE B 528 25.02 -51.78 45.89
CA ILE B 528 24.80 -50.55 45.13
C ILE B 528 26.12 -49.91 44.77
N GLN B 529 27.05 -49.85 45.73
CA GLN B 529 28.35 -49.29 45.42
C GLN B 529 29.05 -50.08 44.32
N ARG B 530 28.89 -51.42 44.33
CA ARG B 530 29.49 -52.21 43.25
C ARG B 530 28.86 -51.85 41.90
N GLU B 531 27.54 -51.79 41.84
CA GLU B 531 26.89 -51.49 40.55
C GLU B 531 27.17 -50.06 40.10
N LEU B 532 27.36 -49.14 41.05
CA LEU B 532 27.78 -47.80 40.70
C LEU B 532 29.20 -47.81 40.11
N GLU B 533 30.09 -48.59 40.70
CA GLU B 533 31.42 -48.73 40.12
C GLU B 533 31.35 -49.27 38.70
N GLU B 534 30.55 -50.32 38.49
CA GLU B 534 30.48 -50.91 37.16
C GLU B 534 29.85 -49.96 36.16
N THR B 535 28.76 -49.29 36.55
CA THR B 535 28.15 -48.30 35.68
C THR B 535 29.14 -47.19 35.34
N THR B 536 29.93 -46.75 36.33
CA THR B 536 30.95 -45.75 36.07
C THR B 536 32.00 -46.26 35.10
N TYR B 537 32.40 -47.52 35.23
CA TYR B 537 33.37 -48.09 34.30
C TYR B 537 32.81 -48.11 32.89
N GLN B 538 31.57 -48.57 32.72
CA GLN B 538 30.94 -48.54 31.42
C GLN B 538 30.86 -47.12 30.88
N PHE B 539 30.66 -46.14 31.78
CA PHE B 539 30.70 -44.73 31.40
C PHE B 539 32.09 -44.32 30.97
N LYS B 540 33.13 -45.00 31.47
CA LYS B 540 34.50 -44.70 31.06
C LYS B 540 34.80 -45.28 29.69
N VAL B 541 34.43 -46.55 29.47
CA VAL B 541 34.75 -47.19 28.19
C VAL B 541 33.87 -46.62 27.09
N GLN B 542 32.58 -46.50 27.36
CA GLN B 542 31.61 -45.96 26.43
C GLN B 542 31.42 -44.49 26.80
N TYR B 543 31.71 -43.59 25.87
CA TYR B 543 31.48 -42.14 25.95
C TYR B 543 32.55 -41.39 26.75
N ASN B 544 33.60 -42.06 27.24
CA ASN B 544 34.74 -41.40 27.91
C ASN B 544 34.32 -40.51 29.09
N GLU B 545 33.21 -40.85 29.75
CA GLU B 545 32.70 -40.14 30.92
C GLU B 545 32.39 -38.66 30.67
N GLN B 546 32.13 -38.27 29.44
CA GLN B 546 31.80 -36.86 29.25
C GLN B 546 30.32 -36.63 29.54
N PRO B 547 29.97 -35.57 30.25
CA PRO B 547 28.58 -35.35 30.63
C PRO B 547 27.72 -35.02 29.42
N MSE B 548 26.43 -35.28 29.56
CA MSE B 548 25.50 -35.02 28.46
C MSE B 548 24.05 -34.93 28.92
O MSE B 548 23.52 -35.84 29.57
CB MSE B 548 25.63 -36.10 27.40
CG MSE B 548 24.65 -35.96 26.25
SE MSE B 548 25.48 -36.31 24.52
CE MSE B 548 26.71 -34.78 24.47
N SER B 549 23.40 -33.82 28.57
CA SER B 549 21.98 -33.63 28.78
C SER B 549 21.30 -33.52 27.42
N ALA B 550 19.98 -33.76 27.42
CA ALA B 550 19.23 -33.64 26.17
C ALA B 550 19.40 -32.25 25.56
N GLU B 551 19.29 -31.21 26.39
CA GLU B 551 19.49 -29.84 25.90
C GLU B 551 20.92 -29.63 25.42
N SER B 552 21.90 -30.27 26.06
CA SER B 552 23.28 -30.15 25.58
C SER B 552 23.43 -30.76 24.19
N TYR B 553 22.84 -31.93 23.98
CA TYR B 553 22.87 -32.56 22.65
C TYR B 553 22.21 -31.67 21.62
N LEU B 554 20.99 -31.20 21.90
CA LEU B 554 20.28 -30.33 20.96
C LEU B 554 21.09 -29.08 20.65
N ALA B 555 21.67 -28.46 21.69
CA ALA B 555 22.45 -27.25 21.49
C ALA B 555 23.67 -27.52 20.62
N ALA B 556 24.39 -28.62 20.89
CA ALA B 556 25.59 -28.91 20.13
C ALA B 556 25.27 -29.17 18.66
N SER B 557 24.23 -29.97 18.39
CA SER B 557 23.88 -30.24 17.01
C SER B 557 23.37 -28.98 16.30
N LEU B 558 22.64 -28.13 17.02
CA LEU B 558 22.20 -26.87 16.43
C LEU B 558 23.38 -25.95 16.11
N ASP B 559 24.39 -25.92 16.98
CA ASP B 559 25.57 -25.13 16.69
C ASP B 559 26.32 -25.66 15.48
N ASP B 560 26.40 -26.99 15.36
CA ASP B 560 27.00 -27.57 14.16
C ASP B 560 26.26 -27.13 12.91
N PHE B 561 24.92 -27.21 12.94
CA PHE B 561 24.15 -26.80 11.78
C PHE B 561 24.33 -25.32 11.47
N LYS B 562 24.45 -24.48 12.51
CA LYS B 562 24.65 -23.06 12.26
C LYS B 562 26.01 -22.78 11.63
N HIS B 563 27.05 -23.51 12.04
CA HIS B 563 28.35 -23.32 11.40
C HIS B 563 28.33 -23.79 9.95
N GLN B 564 27.72 -24.95 9.69
CA GLN B 564 27.60 -25.45 8.33
C GLN B 564 26.85 -24.47 7.44
N PHE B 565 25.72 -23.96 7.95
CA PHE B 565 24.94 -22.98 7.20
C PHE B 565 25.72 -21.69 6.97
N HIS B 566 26.51 -21.28 7.96
CA HIS B 566 27.34 -20.10 7.77
C HIS B 566 28.31 -20.30 6.62
N GLU B 567 28.94 -21.48 6.55
CA GLU B 567 29.80 -21.79 5.40
C GLU B 567 29.02 -21.68 4.10
N PHE B 568 27.78 -22.20 4.08
CA PHE B 568 26.97 -22.09 2.87
C PHE B 568 26.73 -20.63 2.50
N ALA B 569 26.37 -19.79 3.48
CA ALA B 569 26.08 -18.40 3.19
C ALA B 569 27.30 -17.69 2.63
N SER B 570 28.49 -18.02 3.15
CA SER B 570 29.70 -17.50 2.54
C SER B 570 29.89 -18.05 1.12
N SER B 571 29.33 -19.23 0.83
CA SER B 571 29.50 -19.84 -0.49
C SER B 571 28.56 -19.24 -1.54
N PHE B 572 27.33 -18.87 -1.16
CA PHE B 572 26.30 -18.63 -2.15
C PHE B 572 26.50 -17.29 -2.87
N GLY B 573 26.26 -16.19 -2.17
CA GLY B 573 26.53 -14.90 -2.80
C GLY B 573 25.63 -14.60 -3.98
N ARG B 574 26.16 -13.82 -4.92
CA ARG B 574 25.31 -13.19 -5.93
C ARG B 574 25.54 -13.71 -7.35
N PRO B 575 26.78 -13.99 -7.80
CA PRO B 575 26.94 -14.54 -9.16
C PRO B 575 26.25 -15.87 -9.39
N GLN B 576 26.07 -16.67 -8.33
CA GLN B 576 25.29 -17.89 -8.45
C GLN B 576 23.84 -17.58 -8.83
N LEU B 577 23.25 -16.58 -8.17
CA LEU B 577 21.94 -16.10 -8.59
C LEU B 577 21.97 -15.60 -10.03
N GLN B 578 23.08 -14.98 -10.43
CA GLN B 578 23.20 -14.50 -11.81
C GLN B 578 23.07 -15.65 -12.81
N THR B 579 23.83 -16.73 -12.60
CA THR B 579 23.74 -17.86 -13.51
C THR B 579 22.36 -18.50 -13.45
N LEU B 580 21.80 -18.61 -12.25
CA LEU B 580 20.48 -19.22 -12.10
C LEU B 580 19.42 -18.46 -12.90
N LEU B 581 19.37 -17.14 -12.72
CA LEU B 581 18.42 -16.34 -13.48
C LEU B 581 18.70 -16.40 -14.98
N LYS B 582 19.98 -16.32 -15.35
CA LYS B 582 20.34 -16.30 -16.77
C LYS B 582 19.90 -17.57 -17.49
N ASP B 583 19.81 -18.70 -16.78
CA ASP B 583 19.35 -19.92 -17.43
C ASP B 583 17.86 -19.87 -17.76
N ALA B 584 17.03 -19.52 -16.77
CA ALA B 584 15.60 -19.39 -17.04
C ALA B 584 15.34 -18.37 -18.12
N LEU B 585 16.03 -17.22 -18.04
CA LEU B 585 15.87 -16.21 -19.08
C LEU B 585 16.41 -16.70 -20.42
N ASP B 586 17.35 -17.64 -20.41
CA ASP B 586 17.78 -18.28 -21.65
C ASP B 586 16.60 -18.97 -22.33
N GLN B 587 15.90 -19.82 -21.59
CA GLN B 587 14.72 -20.46 -22.19
C GLN B 587 13.70 -19.43 -22.65
N LYS B 588 13.54 -18.33 -21.89
CA LYS B 588 12.59 -17.31 -22.29
C LYS B 588 12.98 -16.65 -23.62
N VAL B 589 14.27 -16.36 -23.78
CA VAL B 589 14.77 -15.84 -25.06
C VAL B 589 14.42 -16.79 -26.19
N LEU B 590 14.69 -18.08 -25.99
CA LEU B 590 14.33 -19.07 -27.00
C LEU B 590 12.84 -19.00 -27.35
N ASP B 591 11.98 -18.96 -26.31
CA ASP B 591 10.54 -18.92 -26.55
C ASP B 591 10.16 -17.72 -27.42
N GLN B 592 10.61 -16.53 -27.02
CA GLN B 592 10.20 -15.31 -27.74
C GLN B 592 10.73 -15.31 -29.16
N LEU B 593 12.04 -15.53 -29.30
CA LEU B 593 12.69 -15.54 -30.60
C LEU B 593 12.02 -16.55 -31.54
N ALA B 594 11.71 -17.74 -31.03
CA ALA B 594 11.05 -18.76 -31.85
C ALA B 594 9.65 -18.33 -32.24
N ALA B 595 8.89 -17.76 -31.30
CA ALA B 595 7.52 -17.37 -31.58
C ALA B 595 7.44 -16.22 -32.57
N ARG B 596 8.50 -15.42 -32.67
CA ARG B 596 8.49 -14.25 -33.55
C ARG B 596 9.13 -14.47 -34.90
N TYR B 597 10.12 -15.35 -35.00
CA TYR B 597 10.91 -15.49 -36.22
C TYR B 597 10.76 -16.83 -36.93
N TRP B 598 10.79 -17.95 -36.20
CA TRP B 598 10.94 -19.26 -36.82
C TRP B 598 9.60 -19.82 -37.28
N ASN B 599 9.62 -21.06 -37.76
CA ASN B 599 8.48 -21.65 -38.44
C ASN B 599 7.40 -22.10 -37.47
N ARG B 600 6.15 -21.97 -37.92
CA ARG B 600 4.97 -22.40 -37.19
C ARG B 600 4.62 -23.83 -37.58
N PRO B 601 3.86 -24.54 -36.75
CA PRO B 601 3.59 -25.95 -37.02
C PRO B 601 2.68 -26.15 -38.23
N ILE B 602 2.83 -27.30 -38.86
CA ILE B 602 2.05 -27.66 -40.03
C ILE B 602 0.76 -28.32 -39.58
N GLU B 603 -0.38 -27.79 -40.03
CA GLU B 603 -1.67 -28.30 -39.60
C GLU B 603 -2.34 -29.20 -40.63
N ASP B 604 -2.45 -28.73 -41.88
CA ASP B 604 -3.12 -29.49 -42.92
C ASP B 604 -2.09 -29.99 -43.95
N LEU B 605 -2.56 -30.37 -45.13
CA LEU B 605 -1.72 -30.88 -46.21
C LEU B 605 -1.93 -30.08 -47.48
N SER B 606 -2.11 -28.78 -47.35
CA SER B 606 -2.20 -27.88 -48.49
C SER B 606 -0.85 -27.24 -48.74
N PRO B 607 -0.61 -26.74 -49.95
CA PRO B 607 0.61 -25.96 -50.18
C PRO B 607 0.64 -24.73 -49.27
N ALA B 608 1.83 -24.41 -48.78
CA ALA B 608 1.98 -23.27 -47.88
C ALA B 608 1.71 -21.98 -48.64
N PRO B 609 0.87 -21.08 -48.13
CA PRO B 609 0.68 -19.80 -48.82
C PRO B 609 1.97 -19.00 -48.79
N ARG B 610 2.28 -18.37 -49.92
CA ARG B 610 3.57 -17.70 -50.06
C ARG B 610 3.65 -16.53 -49.12
N GLU B 611 4.37 -16.70 -48.02
CA GLU B 611 4.61 -15.62 -47.09
C GLU B 611 5.61 -14.65 -47.69
N PRO B 612 5.36 -13.34 -47.64
CA PRO B 612 6.27 -12.39 -48.31
C PRO B 612 7.68 -12.40 -47.73
N ASP B 613 7.80 -12.27 -46.41
CA ASP B 613 9.10 -12.24 -45.75
C ASP B 613 9.39 -13.59 -45.10
N ASN B 614 10.63 -14.03 -45.23
CA ASN B 614 11.08 -15.29 -44.64
C ASN B 614 12.42 -15.09 -43.95
N ILE B 615 12.72 -15.99 -43.02
CA ILE B 615 13.94 -15.88 -42.22
C ILE B 615 15.18 -16.08 -43.05
N ILE B 616 15.06 -16.76 -44.20
CA ILE B 616 16.25 -17.08 -44.99
C ILE B 616 16.81 -15.84 -45.68
N ASP B 617 15.96 -14.86 -45.97
CA ASP B 617 16.38 -13.62 -46.59
C ASP B 617 16.53 -12.47 -45.59
N LEU B 618 16.78 -12.79 -44.31
CA LEU B 618 16.99 -11.73 -43.34
C LEU B 618 18.34 -11.03 -43.51
N PRO B 619 19.46 -11.74 -43.69
CA PRO B 619 20.73 -11.02 -43.89
C PRO B 619 20.69 -10.06 -45.07
N LYS B 620 20.02 -10.43 -46.15
CA LYS B 620 19.88 -9.58 -47.33
C LYS B 620 18.45 -9.04 -47.34
N ALA B 621 18.20 -8.06 -46.48
CA ALA B 621 16.90 -7.40 -46.42
C ALA B 621 17.12 -5.90 -46.30
N ASP B 622 16.10 -5.15 -46.70
CA ASP B 622 16.16 -3.69 -46.63
C ASP B 622 16.30 -3.29 -45.16
N PRO B 623 17.33 -2.52 -44.80
CA PRO B 623 17.54 -2.19 -43.39
C PRO B 623 16.36 -1.46 -42.73
N ASP B 624 15.62 -0.67 -43.49
CA ASP B 624 14.45 0.02 -42.95
C ASP B 624 13.19 -0.75 -43.29
N SER B 625 13.14 -2.00 -42.81
CA SER B 625 12.00 -2.86 -43.09
C SER B 625 11.01 -2.80 -41.95
N PRO B 626 9.78 -2.33 -42.17
CA PRO B 626 8.81 -2.27 -41.08
C PRO B 626 8.45 -3.64 -40.52
N TYR B 627 8.53 -4.69 -41.35
CA TYR B 627 8.21 -6.03 -40.85
C TYR B 627 9.26 -6.51 -39.86
N TRP B 628 10.54 -6.46 -40.25
CA TRP B 628 11.59 -6.95 -39.36
C TRP B 628 11.74 -6.05 -38.13
N HIS B 629 11.65 -4.73 -38.32
CA HIS B 629 11.65 -3.82 -37.17
C HIS B 629 10.51 -4.16 -36.22
N ARG B 630 9.29 -4.28 -36.75
CA ARG B 630 8.16 -4.61 -35.89
C ARG B 630 8.33 -5.94 -35.19
N GLN B 631 9.00 -6.89 -35.86
CA GLN B 631 9.15 -8.22 -35.30
C GLN B 631 10.14 -8.22 -34.13
N LEU B 632 11.32 -7.63 -34.34
CA LEU B 632 12.28 -7.56 -33.24
C LEU B 632 11.77 -6.69 -32.10
N ASP B 633 11.03 -5.63 -32.43
CA ASP B 633 10.53 -4.75 -31.38
C ASP B 633 9.45 -5.41 -30.54
N THR B 634 8.49 -6.09 -31.18
CA THR B 634 7.48 -6.80 -30.41
C THR B 634 8.08 -8.00 -29.68
N ALA B 635 9.16 -8.56 -30.23
CA ALA B 635 9.85 -9.64 -29.53
C ALA B 635 10.51 -9.14 -28.25
N CYS B 636 11.27 -8.04 -28.33
CA CYS B 636 11.91 -7.51 -27.15
C CYS B 636 10.89 -7.04 -26.13
N SER B 637 9.83 -6.35 -26.58
CA SER B 637 8.78 -5.96 -25.66
C SER B 637 8.14 -7.17 -25.00
N GLY B 638 7.98 -8.26 -25.76
CA GLY B 638 7.42 -9.47 -25.19
C GLY B 638 8.32 -10.08 -24.12
N LEU B 639 9.63 -10.10 -24.37
CA LEU B 639 10.56 -10.63 -23.38
C LEU B 639 10.54 -9.79 -22.11
N THR B 640 10.56 -8.47 -22.25
CA THR B 640 10.65 -7.62 -21.08
C THR B 640 9.34 -7.61 -20.29
N ARG B 641 8.21 -7.59 -20.99
CA ARG B 641 6.92 -7.59 -20.30
C ARG B 641 6.49 -9.00 -19.93
N LEU B 642 7.41 -9.80 -19.40
CA LEU B 642 7.10 -11.09 -18.81
C LEU B 642 7.35 -10.99 -17.31
N GLY B 643 6.78 -11.93 -16.57
CA GLY B 643 6.95 -11.88 -15.13
C GLY B 643 8.37 -12.19 -14.69
N VAL B 644 9.32 -11.34 -15.11
CA VAL B 644 10.71 -11.57 -14.75
C VAL B 644 10.92 -11.43 -13.24
N GLY B 645 10.14 -10.57 -12.59
CA GLY B 645 10.25 -10.46 -11.14
C GLY B 645 9.85 -11.74 -10.43
N ARG B 646 8.67 -12.26 -10.74
CA ARG B 646 8.20 -13.47 -10.09
C ARG B 646 9.04 -14.67 -10.51
N LEU B 647 9.56 -14.67 -11.74
CA LEU B 647 10.43 -15.74 -12.18
C LEU B 647 11.73 -15.75 -11.37
N ALA B 648 12.36 -14.58 -11.22
CA ALA B 648 13.57 -14.49 -10.41
C ALA B 648 13.29 -14.90 -8.96
N ALA B 649 12.16 -14.43 -8.41
CA ALA B 649 11.85 -14.74 -7.02
C ALA B 649 11.64 -16.23 -6.81
N THR B 650 10.90 -16.89 -7.70
CA THR B 650 10.63 -18.30 -7.50
C THR B 650 11.85 -19.15 -7.81
N VAL B 651 12.68 -18.73 -8.78
CA VAL B 651 13.91 -19.47 -9.08
C VAL B 651 14.85 -19.40 -7.88
N ALA B 652 15.09 -18.19 -7.37
CA ALA B 652 15.95 -18.07 -6.19
C ALA B 652 15.37 -18.79 -4.99
N ALA B 653 14.04 -18.78 -4.85
CA ALA B 653 13.41 -19.48 -3.73
C ALA B 653 13.67 -20.98 -3.80
N SER B 654 13.34 -21.61 -4.93
CA SER B 654 13.57 -23.04 -5.06
C SER B 654 15.05 -23.36 -4.90
N ALA B 655 15.93 -22.47 -5.38
CA ALA B 655 17.37 -22.72 -5.25
C ALA B 655 17.80 -22.70 -3.78
N ILE B 656 17.40 -21.66 -3.06
CA ILE B 656 17.79 -21.54 -1.64
C ILE B 656 17.23 -22.71 -0.84
N GLN B 657 15.94 -23.00 -1.02
CA GLN B 657 15.35 -24.09 -0.25
C GLN B 657 16.01 -25.43 -0.58
N GLN B 658 16.34 -25.65 -1.85
CA GLN B 658 17.03 -26.88 -2.22
C GLN B 658 18.38 -26.96 -1.54
N HIS B 659 19.14 -25.85 -1.53
CA HIS B 659 20.42 -25.84 -0.82
C HIS B 659 20.24 -26.13 0.66
N VAL B 660 19.16 -25.63 1.25
CA VAL B 660 18.92 -25.86 2.68
C VAL B 660 18.60 -27.33 2.92
N GLU B 661 17.86 -27.95 2.00
CA GLU B 661 17.51 -29.35 2.19
C GLU B 661 18.73 -30.25 2.02
N LYS B 662 19.62 -29.91 1.08
CA LYS B 662 20.86 -30.66 0.91
C LYS B 662 21.75 -30.52 2.14
N LEU B 663 21.95 -29.28 2.58
CA LEU B 663 22.70 -29.01 3.81
C LEU B 663 22.13 -29.79 4.98
N LEU B 664 20.79 -29.86 5.06
CA LEU B 664 20.14 -30.64 6.10
C LEU B 664 20.47 -32.12 5.96
N ASP B 665 20.48 -32.63 4.73
CA ASP B 665 20.82 -34.03 4.49
C ASP B 665 22.21 -34.36 5.03
N LYS B 666 23.18 -33.50 4.74
CA LYS B 666 24.53 -33.74 5.26
C LYS B 666 24.68 -33.35 6.73
N SER B 667 23.70 -32.66 7.30
CA SER B 667 23.85 -32.13 8.65
C SER B 667 23.53 -33.17 9.71
N SER B 668 23.63 -32.74 10.98
CA SER B 668 23.34 -33.61 12.12
C SER B 668 21.87 -33.93 12.27
N PHE B 669 21.01 -33.31 11.47
CA PHE B 669 19.58 -33.53 11.57
C PHE B 669 19.08 -34.52 10.53
N ALA B 670 19.95 -35.40 10.04
CA ALA B 670 19.52 -36.49 9.17
C ALA B 670 18.45 -37.34 9.86
N LYS B 671 18.70 -37.72 11.11
CA LYS B 671 17.69 -38.33 11.96
C LYS B 671 16.79 -37.22 12.48
N HIS B 672 15.91 -37.55 13.42
CA HIS B 672 14.97 -36.58 13.97
C HIS B 672 14.14 -35.93 12.86
N PRO B 673 13.29 -36.69 12.18
CA PRO B 673 12.53 -36.10 11.07
C PRO B 673 11.62 -34.97 11.50
N SER B 674 11.17 -34.97 12.77
CA SER B 674 10.37 -33.87 13.27
C SER B 674 11.18 -32.57 13.28
N ALA B 675 12.36 -32.59 13.90
CA ALA B 675 13.20 -31.39 13.93
C ALA B 675 13.62 -30.98 12.53
N ARG B 676 14.02 -31.94 11.70
CA ARG B 676 14.37 -31.62 10.32
C ARG B 676 13.23 -30.93 9.60
N LYS B 677 12.01 -31.45 9.75
CA LYS B 677 10.84 -30.81 9.14
C LYS B 677 10.61 -29.42 9.69
N VAL B 678 10.87 -29.21 10.98
CA VAL B 678 10.73 -27.87 11.54
C VAL B 678 11.68 -26.91 10.87
N ILE B 679 12.93 -27.33 10.65
CA ILE B 679 13.92 -26.47 9.99
C ILE B 679 13.48 -26.16 8.56
N SER B 680 13.19 -27.21 7.78
CA SER B 680 12.81 -27.01 6.38
C SER B 680 11.60 -26.09 6.27
N ASP B 681 10.58 -26.32 7.11
CA ASP B 681 9.40 -25.46 7.08
C ASP B 681 9.74 -24.03 7.49
N ALA B 682 10.75 -23.86 8.36
CA ALA B 682 11.17 -22.50 8.71
C ALA B 682 11.76 -21.78 7.49
N ALA B 683 12.68 -22.43 6.78
CA ALA B 683 13.22 -21.82 5.57
C ALA B 683 12.11 -21.50 4.57
N ALA B 684 11.21 -22.47 4.35
CA ALA B 684 10.13 -22.27 3.39
C ALA B 684 9.24 -21.09 3.77
N THR B 685 8.91 -20.96 5.06
CA THR B 685 8.02 -19.88 5.46
C THR B 685 8.71 -18.52 5.39
N VAL B 686 10.03 -18.46 5.65
CA VAL B 686 10.74 -17.19 5.49
C VAL B 686 10.73 -16.75 4.02
N LEU B 687 11.15 -17.65 3.13
CA LEU B 687 11.17 -17.31 1.71
C LEU B 687 9.78 -16.93 1.22
N ALA B 688 8.75 -17.66 1.67
CA ALA B 688 7.39 -17.34 1.26
C ALA B 688 6.97 -15.95 1.77
N ASP B 689 7.37 -15.62 2.99
CA ASP B 689 7.05 -14.30 3.54
C ASP B 689 7.68 -13.18 2.71
N ARG B 690 8.94 -13.36 2.30
CA ARG B 690 9.63 -12.30 1.57
C ARG B 690 9.38 -12.31 0.06
N SER B 691 8.73 -13.35 -0.48
CA SER B 691 8.71 -13.54 -1.93
C SER B 691 8.07 -12.36 -2.67
N TYR B 692 6.94 -11.86 -2.18
CA TYR B 692 6.20 -10.82 -2.89
C TYR B 692 7.03 -9.54 -3.01
N ALA B 693 7.60 -9.08 -1.89
CA ALA B 693 8.37 -7.84 -1.92
C ALA B 693 9.51 -7.92 -2.92
N THR B 694 10.19 -9.07 -2.97
CA THR B 694 11.27 -9.23 -3.93
C THR B 694 10.76 -9.15 -5.36
N SER B 695 9.66 -9.86 -5.67
CA SER B 695 9.16 -9.84 -7.05
C SER B 695 8.74 -8.42 -7.46
N ASP B 696 7.87 -7.78 -6.67
CA ASP B 696 7.41 -6.44 -7.02
C ASP B 696 8.58 -5.47 -7.15
N GLY B 697 9.50 -5.51 -6.19
CA GLY B 697 10.67 -4.66 -6.26
C GLY B 697 11.50 -4.90 -7.52
N ILE B 698 11.63 -6.16 -7.93
CA ILE B 698 12.39 -6.45 -9.14
C ILE B 698 11.71 -5.86 -10.37
N GLU B 699 10.38 -5.99 -10.46
CA GLU B 699 9.67 -5.38 -11.58
C GLU B 699 9.85 -3.86 -11.59
N ILE B 700 9.75 -3.22 -10.42
CA ILE B 700 9.89 -1.77 -10.35
C ILE B 700 11.31 -1.36 -10.75
N SER B 701 12.32 -2.06 -10.25
CA SER B 701 13.70 -1.74 -10.59
C SER B 701 14.00 -1.99 -12.06
N LEU B 702 13.34 -2.96 -12.68
CA LEU B 702 13.52 -3.21 -14.10
C LEU B 702 12.73 -2.25 -14.96
N LYS B 703 11.77 -1.53 -14.38
CA LYS B 703 10.92 -0.62 -15.16
C LYS B 703 11.67 0.29 -16.11
N PRO B 704 12.86 0.84 -15.77
CA PRO B 704 13.56 1.66 -16.77
C PRO B 704 14.18 0.86 -17.89
N TYR B 705 14.68 -0.35 -17.62
CA TYR B 705 15.21 -1.17 -18.69
C TYR B 705 14.13 -1.83 -19.53
N LYS B 706 12.88 -1.85 -19.06
CA LYS B 706 11.78 -2.25 -19.93
C LYS B 706 11.58 -1.25 -21.06
N PHE B 707 11.82 0.03 -20.79
CA PHE B 707 11.60 1.07 -21.79
C PHE B 707 12.73 1.13 -22.81
N ASP B 708 13.97 1.27 -22.34
CA ASP B 708 15.13 1.37 -23.21
C ASP B 708 16.29 0.56 -22.62
N PRO B 709 16.39 -0.71 -22.97
CA PRO B 709 17.53 -1.53 -22.52
C PRO B 709 18.76 -1.31 -23.40
N ASP B 710 19.30 -0.09 -23.36
CA ASP B 710 20.38 0.25 -24.28
C ASP B 710 21.55 -0.70 -24.08
N ILE B 711 22.10 -1.20 -25.20
CA ILE B 711 23.10 -2.26 -25.18
C ILE B 711 24.45 -1.66 -25.51
N GLN B 712 25.41 -1.89 -24.64
CA GLN B 712 26.78 -1.46 -24.89
C GLN B 712 27.53 -2.52 -25.69
N PRO B 713 28.56 -2.12 -26.45
CA PRO B 713 29.26 -3.09 -27.30
C PRO B 713 29.80 -4.30 -26.56
N ASN B 714 30.25 -4.13 -25.31
CA ASN B 714 30.74 -5.28 -24.55
C ASN B 714 29.60 -6.23 -24.20
N GLU B 715 28.47 -5.70 -23.77
CA GLU B 715 27.29 -6.53 -23.56
C GLU B 715 26.91 -7.25 -24.84
N TRP B 716 27.03 -6.58 -25.98
CA TRP B 716 26.73 -7.21 -27.25
C TRP B 716 27.67 -8.37 -27.52
N ALA B 717 28.97 -8.19 -27.26
CA ALA B 717 29.92 -9.27 -27.47
C ALA B 717 29.59 -10.48 -26.59
N GLN B 718 29.33 -10.23 -25.30
CA GLN B 718 28.93 -11.32 -24.41
C GLN B 718 27.71 -12.06 -24.95
N GLY B 719 26.68 -11.31 -25.35
CA GLY B 719 25.51 -11.94 -25.93
C GLY B 719 25.83 -12.76 -27.17
N ARG B 720 26.78 -12.28 -27.97
CA ARG B 720 27.20 -13.02 -29.16
C ARG B 720 27.80 -14.36 -28.77
N GLU B 721 28.75 -14.36 -27.83
CA GLU B 721 29.36 -15.61 -27.41
C GLU B 721 28.34 -16.58 -26.82
N HIS B 722 27.35 -16.05 -26.08
CA HIS B 722 26.38 -16.92 -25.41
C HIS B 722 25.38 -17.53 -26.40
N VAL B 723 24.92 -16.73 -27.37
CA VAL B 723 23.87 -17.18 -28.28
C VAL B 723 24.31 -18.43 -29.04
N VAL B 724 25.58 -18.51 -29.43
CA VAL B 724 26.05 -19.68 -30.17
C VAL B 724 25.81 -20.96 -29.37
N GLY B 725 26.23 -20.96 -28.11
CA GLY B 725 26.04 -22.14 -27.27
C GLY B 725 24.57 -22.46 -27.05
N VAL B 726 23.78 -21.43 -26.71
CA VAL B 726 22.36 -21.65 -26.44
C VAL B 726 21.67 -22.21 -27.67
N LEU B 727 21.87 -21.56 -28.81
CA LEU B 727 21.22 -21.97 -30.05
C LEU B 727 21.63 -23.38 -30.45
N GLN B 728 22.92 -23.71 -30.34
CA GLN B 728 23.32 -25.06 -30.72
C GLN B 728 22.76 -26.10 -29.77
N ALA B 729 22.65 -25.77 -28.48
CA ALA B 729 21.99 -26.69 -27.56
C ALA B 729 20.55 -26.94 -28.00
N GLU B 730 19.86 -25.88 -28.41
CA GLU B 730 18.50 -26.04 -28.91
C GLU B 730 18.48 -26.92 -30.16
N LEU B 731 19.47 -26.77 -31.04
CA LEU B 731 19.54 -27.61 -32.23
C LEU B 731 19.72 -29.08 -31.85
N GLU B 732 20.62 -29.36 -30.90
CA GLU B 732 20.86 -30.74 -30.49
C GLU B 732 19.61 -31.35 -29.86
N GLN B 733 18.89 -30.56 -29.06
CA GLN B 733 17.62 -31.05 -28.52
C GLN B 733 16.62 -31.34 -29.64
N CYS B 734 16.59 -30.48 -30.66
CA CYS B 734 15.65 -30.69 -31.77
C CYS B 734 15.98 -31.96 -32.53
N GLN B 735 17.26 -32.18 -32.85
CA GLN B 735 17.64 -33.38 -33.59
C GLN B 735 17.36 -34.63 -32.77
N ALA B 736 17.64 -34.60 -31.47
CA ALA B 736 17.33 -35.74 -30.62
C ALA B 736 15.84 -36.03 -30.60
N ALA B 737 15.01 -34.99 -30.54
CA ALA B 737 13.57 -35.20 -30.59
C ALA B 737 13.13 -35.79 -31.92
N MSE B 738 13.79 -35.39 -33.00
CA MSE B 738 13.50 -35.96 -34.32
C MSE B 738 13.79 -37.44 -34.34
O MSE B 738 12.95 -38.24 -34.76
CB MSE B 738 14.32 -35.25 -35.40
CG MSE B 738 14.40 -36.00 -36.74
SE MSE B 738 12.73 -36.12 -37.74
CE MSE B 738 13.43 -36.75 -39.44
N LYS B 739 14.97 -37.82 -33.84
CA LYS B 739 15.34 -39.24 -33.83
C LYS B 739 14.39 -40.03 -32.95
N ALA B 740 13.99 -39.46 -31.81
CA ALA B 740 13.02 -40.13 -30.94
C ALA B 740 11.69 -40.32 -31.66
N LEU B 741 11.28 -39.34 -32.47
CA LEU B 741 10.08 -39.49 -33.27
C LEU B 741 10.24 -40.63 -34.28
N GLU B 742 11.43 -40.73 -34.89
CA GLU B 742 11.68 -41.83 -35.82
C GLU B 742 11.49 -43.18 -35.13
N ASN B 743 12.18 -43.37 -33.99
CA ASN B 743 12.03 -44.63 -33.25
C ASN B 743 10.60 -44.87 -32.80
N SER B 744 9.84 -43.79 -32.54
CA SER B 744 8.46 -43.97 -32.10
C SER B 744 7.58 -44.46 -33.25
N VAL B 745 7.72 -43.85 -34.43
CA VAL B 745 6.90 -44.23 -35.56
C VAL B 745 7.32 -45.59 -36.09
N GLY B 746 8.59 -45.95 -35.95
CA GLY B 746 9.09 -47.21 -36.46
C GLY B 746 10.45 -47.07 -37.09
N GLY B 747 10.58 -47.46 -38.35
CA GLY B 747 11.83 -47.28 -39.06
C GLY B 747 12.08 -45.82 -39.42
N ARG B 748 13.36 -45.47 -39.47
CA ARG B 748 13.75 -44.17 -40.04
C ARG B 748 13.27 -44.05 -41.48
N LYS B 749 13.37 -45.13 -42.26
CA LYS B 749 12.93 -45.09 -43.65
C LYS B 749 11.43 -44.92 -43.76
N LYS B 750 10.66 -45.49 -42.83
CA LYS B 750 9.20 -45.35 -42.87
C LYS B 750 8.79 -43.90 -42.62
N LEU B 751 9.34 -43.28 -41.56
CA LEU B 751 9.08 -41.87 -41.32
C LEU B 751 9.61 -41.02 -42.48
N LYS B 752 10.67 -41.48 -43.15
CA LYS B 752 11.11 -40.79 -44.35
C LYS B 752 10.08 -40.91 -45.48
N GLU B 753 9.35 -42.03 -45.54
CA GLU B 753 8.29 -42.18 -46.53
C GLU B 753 7.13 -41.24 -46.25
N VAL B 754 6.67 -41.20 -44.99
CA VAL B 754 5.56 -40.27 -44.67
C VAL B 754 6.00 -38.83 -44.86
N MSE B 755 7.26 -38.52 -44.57
CA MSE B 755 7.79 -37.18 -44.80
C MSE B 755 7.80 -36.83 -46.29
O MSE B 755 7.43 -35.72 -46.66
CB MSE B 755 9.21 -37.04 -44.26
CG MSE B 755 9.29 -36.88 -42.77
SE MSE B 755 11.04 -36.26 -42.22
CE MSE B 755 12.15 -37.65 -43.03
N SER B 756 8.25 -37.77 -47.11
CA SER B 756 8.21 -37.55 -48.56
C SER B 756 6.78 -37.31 -49.03
N PHE B 757 5.81 -38.03 -48.45
CA PHE B 757 4.42 -37.83 -48.87
C PHE B 757 3.91 -36.46 -48.44
N VAL B 758 4.20 -36.04 -47.22
CA VAL B 758 3.74 -34.73 -46.77
C VAL B 758 4.43 -33.61 -47.56
N ASP B 759 5.71 -33.81 -47.90
CA ASP B 759 6.39 -32.84 -48.74
C ASP B 759 5.77 -32.77 -50.12
N LYS B 760 5.43 -33.92 -50.69
CA LYS B 760 4.78 -33.92 -52.01
C LYS B 760 3.45 -33.21 -51.97
N ALA B 761 2.63 -33.47 -50.95
CA ALA B 761 1.35 -32.79 -50.83
C ALA B 761 1.52 -31.30 -50.54
N ARG B 762 2.63 -30.94 -49.92
CA ARG B 762 2.91 -29.53 -49.64
C ARG B 762 3.35 -28.79 -50.89
N LYS B 763 3.99 -29.49 -51.82
CA LYS B 763 4.25 -28.96 -53.14
C LYS B 763 3.03 -29.24 -54.02
N GLY B 764 3.13 -28.89 -55.30
CA GLY B 764 2.02 -29.23 -56.19
C GLY B 764 1.96 -30.66 -56.64
N GLU B 765 2.94 -31.49 -56.26
CA GLU B 765 3.09 -32.81 -56.87
C GLU B 765 1.89 -33.72 -56.66
N ILE B 766 1.19 -33.57 -55.54
CA ILE B 766 0.07 -34.45 -55.21
C ILE B 766 -0.96 -33.65 -54.43
N ILE B 767 -2.24 -34.01 -54.57
CA ILE B 767 -3.33 -33.34 -53.86
C ILE B 767 -4.16 -34.38 -53.11
N VAL B 768 -4.72 -33.96 -51.98
CA VAL B 768 -5.53 -34.85 -51.15
C VAL B 768 -6.93 -34.31 -50.89
N GLU B 769 -7.16 -33.00 -50.96
CA GLU B 769 -8.49 -32.40 -50.89
C GLU B 769 -9.24 -32.77 -49.61
N GLY B 770 -8.55 -33.18 -48.56
CA GLY B 770 -9.17 -33.59 -47.30
C GLY B 770 -8.94 -32.57 -46.22
N ASP B 771 -9.98 -32.31 -45.42
CA ASP B 771 -9.80 -31.48 -44.23
C ASP B 771 -9.25 -32.30 -43.08
N HIS B 772 -9.62 -33.59 -43.03
CA HIS B 772 -9.08 -34.53 -42.04
C HIS B 772 -8.83 -35.83 -42.79
N PRO B 773 -7.61 -36.04 -43.30
CA PRO B 773 -7.34 -37.22 -44.13
C PRO B 773 -7.09 -38.46 -43.27
N SER B 774 -7.88 -39.51 -43.49
CA SER B 774 -7.71 -40.73 -42.74
C SER B 774 -6.67 -41.65 -43.39
N GLY B 775 -6.86 -41.98 -44.66
CA GLY B 775 -5.87 -42.80 -45.35
C GLY B 775 -5.56 -42.28 -46.72
N ALA B 776 -4.33 -41.83 -46.95
CA ALA B 776 -3.92 -41.34 -48.26
C ALA B 776 -2.53 -41.87 -48.53
N GLY B 777 -2.34 -42.46 -49.72
CA GLY B 777 -1.08 -43.12 -49.98
C GLY B 777 -0.80 -44.25 -49.03
N GLY B 778 -1.83 -44.77 -48.35
CA GLY B 778 -1.64 -45.88 -47.46
C GLY B 778 -1.24 -45.51 -46.05
N PHE B 779 -1.47 -44.28 -45.61
CA PHE B 779 -0.98 -43.84 -44.31
C PHE B 779 -2.18 -43.53 -43.42
N SER B 780 -2.06 -43.86 -42.14
CA SER B 780 -3.15 -43.65 -41.20
C SER B 780 -3.22 -42.19 -40.78
N ALA B 781 -4.34 -41.83 -40.15
CA ALA B 781 -4.55 -40.46 -39.72
C ALA B 781 -3.48 -40.03 -38.73
N ALA B 782 -3.06 -40.94 -37.86
CA ALA B 782 -2.00 -40.62 -36.91
C ALA B 782 -0.65 -40.53 -37.61
N LEU B 783 -0.41 -41.43 -38.58
CA LEU B 783 0.83 -41.39 -39.33
C LEU B 783 0.99 -40.07 -40.09
N LEU B 784 -0.10 -39.53 -40.64
CA LEU B 784 -0.01 -38.24 -41.29
C LEU B 784 0.41 -37.16 -40.30
N ALA B 785 -0.22 -37.15 -39.13
CA ALA B 785 0.16 -36.18 -38.11
C ALA B 785 1.63 -36.30 -37.74
N ARG B 786 2.12 -37.54 -37.58
CA ARG B 786 3.52 -37.73 -37.25
C ARG B 786 4.44 -37.30 -38.38
N GLY B 787 4.01 -37.45 -39.63
CA GLY B 787 4.81 -36.97 -40.75
C GLY B 787 4.88 -35.46 -40.79
N ARG B 788 3.74 -34.79 -40.53
CA ARG B 788 3.75 -33.34 -40.42
C ARG B 788 4.67 -32.87 -39.30
N GLU B 789 4.58 -33.51 -38.13
CA GLU B 789 5.47 -33.15 -37.03
C GLU B 789 6.93 -33.36 -37.41
N ALA B 790 7.20 -34.40 -38.21
CA ALA B 790 8.57 -34.65 -38.64
C ALA B 790 9.07 -33.57 -39.59
N VAL B 791 8.21 -33.12 -40.52
CA VAL B 791 8.58 -32.03 -41.41
C VAL B 791 8.83 -30.75 -40.62
N PHE B 792 7.96 -30.48 -39.64
CA PHE B 792 8.17 -29.33 -38.77
C PHE B 792 9.52 -29.40 -38.09
N LEU B 793 9.86 -30.54 -37.48
CA LEU B 793 11.15 -30.67 -36.82
C LEU B 793 12.31 -30.49 -37.80
N ARG B 794 12.16 -31.00 -39.03
CA ARG B 794 13.21 -30.83 -40.02
C ARG B 794 13.43 -29.36 -40.34
N ASP B 795 12.35 -28.65 -40.67
CA ASP B 795 12.47 -27.24 -41.01
C ASP B 795 13.02 -26.43 -39.84
N ARG B 796 12.57 -26.72 -38.62
CA ARG B 796 13.09 -26.04 -37.45
C ARG B 796 14.58 -26.30 -37.26
N ALA B 797 15.02 -27.52 -37.57
CA ALA B 797 16.45 -27.81 -37.48
C ALA B 797 17.23 -26.98 -38.48
N ASP B 798 16.75 -26.91 -39.73
CA ASP B 798 17.45 -26.14 -40.75
C ASP B 798 17.51 -24.66 -40.37
N ILE B 799 16.38 -24.09 -39.95
CA ILE B 799 16.36 -22.70 -39.51
C ILE B 799 17.34 -22.50 -38.35
N LEU B 800 17.40 -23.45 -37.42
CA LEU B 800 18.28 -23.31 -36.28
C LEU B 800 19.74 -23.25 -36.71
N SER B 801 20.15 -24.19 -37.57
CA SER B 801 21.53 -24.17 -38.05
C SER B 801 21.82 -22.87 -38.81
N LEU B 802 20.84 -22.40 -39.59
CA LEU B 802 20.99 -21.16 -40.34
C LEU B 802 21.23 -19.98 -39.40
N ARG B 803 20.48 -19.90 -38.31
CA ARG B 803 20.66 -18.79 -37.38
C ARG B 803 21.93 -18.94 -36.56
N ILE B 804 22.41 -20.17 -36.37
CA ILE B 804 23.72 -20.35 -35.76
C ILE B 804 24.80 -19.76 -36.66
N GLN B 805 24.73 -20.09 -37.96
CA GLN B 805 25.66 -19.50 -38.92
C GLN B 805 25.54 -17.99 -38.92
N ALA B 806 24.32 -17.46 -38.77
CA ALA B 806 24.15 -16.02 -38.77
C ALA B 806 24.74 -15.38 -37.52
N ALA B 807 24.61 -16.04 -36.37
CA ALA B 807 25.20 -15.50 -35.15
C ALA B 807 26.71 -15.57 -35.20
N LYS B 808 27.28 -16.55 -35.91
CA LYS B 808 28.72 -16.56 -36.11
C LYS B 808 29.15 -15.68 -37.27
N SER B 809 28.21 -15.13 -38.05
CA SER B 809 28.55 -14.28 -39.18
C SER B 809 29.27 -13.02 -38.72
N ARG B 810 29.99 -12.40 -39.68
CA ARG B 810 30.66 -11.15 -39.39
C ARG B 810 29.67 -10.01 -39.18
N GLN B 811 28.50 -10.08 -39.84
CA GLN B 811 27.54 -9.00 -39.74
C GLN B 811 26.93 -8.87 -38.35
N CYS B 812 26.96 -9.93 -37.54
CA CYS B 812 26.46 -9.84 -36.18
C CYS B 812 27.53 -9.44 -35.16
N LYS B 813 28.79 -9.34 -35.59
CA LYS B 813 29.84 -8.92 -34.68
C LYS B 813 29.61 -7.50 -34.17
N THR B 814 29.13 -6.61 -35.03
CA THR B 814 28.86 -5.25 -34.62
C THR B 814 27.45 -5.12 -34.03
N LEU B 815 27.28 -4.07 -33.22
CA LEU B 815 26.02 -3.82 -32.55
C LEU B 815 25.04 -3.05 -33.44
N THR B 816 25.51 -2.42 -34.51
CA THR B 816 24.65 -1.56 -35.31
C THR B 816 23.59 -2.35 -36.06
N ASN B 817 23.80 -3.64 -36.29
CA ASN B 817 22.79 -4.47 -36.94
C ASN B 817 21.89 -5.18 -35.92
N LYS B 818 21.34 -4.40 -34.99
CA LYS B 818 20.52 -4.98 -33.94
C LYS B 818 19.30 -5.68 -34.52
N TYR B 819 18.64 -5.04 -35.49
CA TYR B 819 17.47 -5.68 -36.11
C TYR B 819 17.85 -6.85 -37.01
N TYR B 820 19.12 -6.95 -37.42
CA TYR B 820 19.56 -8.08 -38.22
C TYR B 820 19.97 -9.30 -37.40
N CYS B 821 20.24 -9.11 -36.11
CA CYS B 821 20.69 -10.19 -35.23
C CYS B 821 19.81 -10.24 -33.99
N PRO B 822 18.58 -10.74 -34.12
CA PRO B 822 17.68 -10.78 -32.96
C PRO B 822 18.17 -11.69 -31.86
N GLU B 823 18.89 -12.75 -32.21
CA GLU B 823 19.41 -13.67 -31.22
C GLU B 823 20.33 -12.95 -30.24
N VAL B 824 21.38 -12.32 -30.77
CA VAL B 824 22.39 -11.67 -29.94
C VAL B 824 21.76 -10.54 -29.11
N PHE B 825 20.90 -9.74 -29.74
CA PHE B 825 20.26 -8.66 -29.01
C PHE B 825 19.41 -9.19 -27.86
N LEU B 826 18.54 -10.17 -28.14
CA LEU B 826 17.68 -10.69 -27.09
C LEU B 826 18.49 -11.32 -25.97
N ASP B 827 19.62 -11.97 -26.30
CA ASP B 827 20.45 -12.54 -25.24
C ASP B 827 21.09 -11.43 -24.41
N ALA B 828 21.48 -10.32 -25.04
CA ALA B 828 22.03 -9.19 -24.29
C ALA B 828 21.01 -8.63 -23.32
N VAL B 829 19.78 -8.42 -23.80
CA VAL B 829 18.71 -7.96 -22.93
C VAL B 829 18.51 -8.93 -21.77
N ALA B 830 18.52 -10.23 -22.07
CA ALA B 830 18.33 -11.24 -21.02
C ALA B 830 19.42 -11.12 -19.96
N THR B 831 20.68 -11.01 -20.39
CA THR B 831 21.78 -10.88 -19.45
C THR B 831 21.62 -9.64 -18.58
N LYS B 832 21.29 -8.51 -19.20
CA LYS B 832 21.18 -7.28 -18.42
C LYS B 832 20.05 -7.37 -17.41
N LEU B 833 18.83 -7.67 -17.87
CA LEU B 833 17.72 -7.84 -16.94
C LEU B 833 18.07 -8.80 -15.83
N ALA B 834 18.75 -9.90 -16.17
CA ALA B 834 19.14 -10.86 -15.16
C ALA B 834 20.03 -10.23 -14.11
N GLN B 835 20.98 -9.37 -14.53
CA GLN B 835 21.92 -8.83 -13.55
C GLN B 835 21.28 -7.74 -12.68
N THR B 836 20.53 -6.82 -13.27
CA THR B 836 19.94 -5.78 -12.42
C THR B 836 18.84 -6.36 -11.54
N ALA B 837 18.08 -7.33 -12.04
CA ALA B 837 17.15 -8.05 -11.19
C ALA B 837 17.89 -8.83 -10.10
N VAL B 838 19.09 -9.33 -10.42
CA VAL B 838 19.86 -10.13 -9.47
C VAL B 838 20.36 -9.28 -8.31
N LEU B 839 20.70 -8.01 -8.58
CA LEU B 839 21.15 -7.13 -7.50
C LEU B 839 20.06 -6.98 -6.43
N PHE B 840 18.88 -6.51 -6.85
CA PHE B 840 17.78 -6.34 -5.93
C PHE B 840 17.37 -7.67 -5.30
N LEU B 841 17.43 -8.76 -6.08
CA LEU B 841 17.08 -10.07 -5.54
C LEU B 841 18.01 -10.43 -4.39
N ASN B 842 19.31 -10.27 -4.59
CA ASN B 842 20.28 -10.60 -3.55
C ASN B 842 20.02 -9.78 -2.29
N VAL B 843 19.81 -8.47 -2.44
CA VAL B 843 19.58 -7.63 -1.26
C VAL B 843 18.27 -8.00 -0.59
N GLU B 844 17.15 -7.82 -1.29
CA GLU B 844 15.83 -7.95 -0.68
C GLU B 844 15.56 -9.36 -0.17
N MSE B 845 16.01 -10.38 -0.89
CA MSE B 845 15.69 -11.75 -0.50
C MSE B 845 16.84 -12.49 0.18
O MSE B 845 16.62 -13.11 1.23
CB MSE B 845 15.25 -12.59 -1.70
CG MSE B 845 14.98 -14.04 -1.35
SE MSE B 845 14.03 -15.09 -2.70
CE MSE B 845 12.25 -14.34 -2.49
N LEU B 846 18.04 -12.46 -0.40
CA LEU B 846 19.11 -13.31 0.13
C LEU B 846 19.50 -12.88 1.54
N ASN B 847 19.79 -11.59 1.74
CA ASN B 847 20.16 -11.14 3.07
C ASN B 847 19.02 -11.31 4.05
N ASP B 848 17.78 -11.06 3.62
CA ASP B 848 16.64 -11.30 4.48
C ASP B 848 16.59 -12.76 4.92
N PHE B 849 16.97 -13.68 4.05
CA PHE B 849 17.03 -15.08 4.43
C PHE B 849 18.16 -15.33 5.43
N TYR B 850 19.34 -14.75 5.18
CA TYR B 850 20.47 -14.95 6.08
C TYR B 850 20.19 -14.41 7.47
N VAL B 851 19.36 -13.37 7.59
CA VAL B 851 19.08 -12.81 8.90
C VAL B 851 17.87 -13.47 9.56
N ARG B 852 16.79 -13.73 8.82
CA ARG B 852 15.61 -14.30 9.46
C ARG B 852 15.74 -15.79 9.71
N PHE B 853 16.46 -16.50 8.85
CA PHE B 853 16.50 -17.96 8.95
C PHE B 853 17.01 -18.44 10.31
N PRO B 854 18.16 -17.99 10.81
CA PRO B 854 18.59 -18.50 12.14
C PRO B 854 17.60 -18.19 13.24
N ARG B 855 17.04 -16.97 13.27
CA ARG B 855 16.09 -16.62 14.31
C ARG B 855 14.84 -17.51 14.22
N GLU B 856 14.32 -17.72 13.01
CA GLU B 856 13.14 -18.56 12.84
C GLU B 856 13.42 -19.99 13.25
N VAL B 857 14.59 -20.52 12.87
CA VAL B 857 14.99 -21.86 13.28
C VAL B 857 15.01 -21.97 14.79
N GLU B 858 15.71 -21.05 15.47
CA GLU B 858 15.80 -21.13 16.92
C GLU B 858 14.42 -21.05 17.57
N ALA B 859 13.59 -20.08 17.14
CA ALA B 859 12.28 -19.92 17.76
C ALA B 859 11.41 -21.15 17.55
N LYS B 860 11.36 -21.65 16.31
CA LYS B 860 10.49 -22.77 16.01
C LYS B 860 10.97 -24.07 16.65
N LEU B 861 12.29 -24.28 16.72
CA LEU B 861 12.83 -25.45 17.39
C LEU B 861 12.55 -25.40 18.89
N HIS B 862 12.82 -24.26 19.52
CA HIS B 862 12.56 -24.13 20.96
C HIS B 862 11.07 -24.37 21.26
N GLU B 863 10.19 -23.70 20.51
CA GLU B 863 8.76 -23.86 20.70
C GLU B 863 8.32 -25.30 20.43
N HIS B 864 8.99 -25.98 19.51
CA HIS B 864 8.64 -27.36 19.19
C HIS B 864 9.03 -28.31 20.31
N MSE B 865 10.27 -28.19 20.80
CA MSE B 865 10.75 -29.03 21.88
C MSE B 865 9.91 -28.85 23.13
O MSE B 865 9.44 -29.83 23.72
CB MSE B 865 12.21 -28.72 22.20
CG MSE B 865 13.17 -28.94 21.03
SE MSE B 865 12.95 -30.67 20.18
CE MSE B 865 14.56 -30.70 19.09
N HIS B 866 9.68 -27.59 23.52
CA HIS B 866 9.03 -27.35 24.81
C HIS B 866 7.51 -27.48 24.73
N ALA B 867 6.91 -27.09 23.60
CA ALA B 867 5.47 -27.22 23.46
C ALA B 867 5.06 -28.67 23.21
N GLY B 868 5.77 -29.35 22.31
CA GLY B 868 5.42 -30.70 21.93
C GLY B 868 6.02 -31.80 22.78
N GLY B 869 6.88 -31.45 23.73
CA GLY B 869 7.64 -32.46 24.44
C GLY B 869 8.57 -33.25 23.55
N GLY B 870 8.86 -32.74 22.36
CA GLY B 870 9.72 -33.42 21.41
C GLY B 870 11.19 -33.36 21.73
N LEU B 871 11.56 -32.72 22.83
CA LEU B 871 12.94 -32.78 23.30
C LEU B 871 13.26 -34.18 23.82
N GLU B 872 12.39 -34.73 24.67
CA GLU B 872 12.61 -36.07 25.19
C GLU B 872 12.60 -37.11 24.06
N LYS B 873 11.68 -36.97 23.11
CA LYS B 873 11.68 -37.85 21.96
C LYS B 873 12.91 -37.63 21.10
N PHE B 874 13.34 -36.37 20.97
CA PHE B 874 14.57 -36.08 20.23
C PHE B 874 15.74 -36.85 20.82
N ALA B 875 15.85 -36.89 22.15
CA ALA B 875 16.90 -37.66 22.78
C ALA B 875 16.69 -39.17 22.58
N ARG B 876 15.46 -39.65 22.78
CA ARG B 876 15.15 -41.06 22.66
C ARG B 876 15.42 -41.59 21.25
N GLU B 877 15.45 -40.71 20.26
CA GLU B 877 15.43 -41.14 18.86
C GLU B 877 16.74 -41.78 18.42
N ASP B 878 17.86 -41.19 18.79
CA ASP B 878 19.14 -41.72 18.35
C ASP B 878 19.57 -42.87 19.25
N PRO B 879 19.98 -44.01 18.69
CA PRO B 879 20.34 -45.15 19.54
C PRO B 879 21.53 -44.87 20.46
N LYS B 880 22.57 -44.18 19.96
CA LYS B 880 23.75 -43.96 20.78
C LYS B 880 23.45 -43.04 21.96
N VAL B 881 22.78 -41.92 21.71
CA VAL B 881 22.48 -41.00 22.79
C VAL B 881 21.43 -41.59 23.75
N ARG B 882 20.61 -42.53 23.27
CA ARG B 882 19.70 -43.21 24.19
C ARG B 882 20.48 -44.00 25.24
N ARG B 883 21.48 -44.76 24.80
CA ARG B 883 22.32 -45.49 25.73
C ARG B 883 23.13 -44.54 26.61
N HIS B 884 23.57 -43.42 26.05
CA HIS B 884 24.35 -42.46 26.82
C HIS B 884 23.52 -41.87 27.96
N LEU B 885 22.34 -41.35 27.65
CA LEU B 885 21.49 -40.74 28.67
C LEU B 885 20.93 -41.78 29.63
N ASP B 886 20.67 -43.00 29.16
CA ASP B 886 20.23 -44.06 30.07
C ASP B 886 21.34 -44.42 31.05
N LEU B 887 22.58 -44.48 30.57
CA LEU B 887 23.72 -44.75 31.46
C LEU B 887 23.87 -43.66 32.51
N ILE B 888 23.81 -42.39 32.06
CA ILE B 888 23.95 -41.28 33.00
C ILE B 888 22.81 -41.27 34.01
N ARG B 889 21.57 -41.52 33.55
CA ARG B 889 20.45 -41.54 34.48
C ARG B 889 20.59 -42.67 35.49
N ARG B 890 21.11 -43.81 35.06
CA ARG B 890 21.30 -44.92 35.99
C ARG B 890 22.34 -44.58 37.05
N LYS B 891 23.48 -44.03 36.61
CA LYS B 891 24.53 -43.63 37.55
C LYS B 891 24.02 -42.58 38.53
N GLU B 892 23.29 -41.59 38.02
CA GLU B 892 22.73 -40.56 38.88
C GLU B 892 21.76 -41.15 39.88
N LEU B 893 20.96 -42.13 39.46
CA LEU B 893 20.02 -42.77 40.37
C LEU B 893 20.75 -43.47 41.51
N LEU B 894 21.78 -44.25 41.19
CA LEU B 894 22.52 -44.93 42.25
C LEU B 894 23.18 -43.92 43.20
N GLU B 895 23.75 -42.85 42.65
CA GLU B 895 24.37 -41.84 43.50
C GLU B 895 23.36 -41.22 44.46
N THR B 896 22.20 -40.81 43.94
CA THR B 896 21.18 -40.22 44.79
C THR B 896 20.66 -41.21 45.82
N VAL B 897 20.64 -42.51 45.48
CA VAL B 897 20.27 -43.54 46.45
C VAL B 897 21.25 -43.54 47.62
N LEU B 898 22.55 -43.63 47.30
CA LEU B 898 23.56 -43.58 48.36
C LEU B 898 23.41 -42.32 49.21
N GLY B 899 23.11 -41.20 48.56
CA GLY B 899 22.89 -39.96 49.30
C GLY B 899 21.72 -40.06 50.26
N LYS B 900 20.62 -40.68 49.82
CA LYS B 900 19.46 -40.83 50.70
C LYS B 900 19.78 -41.71 51.89
N ILE B 901 20.57 -42.77 51.68
CA ILE B 901 20.95 -43.64 52.81
C ILE B 901 21.82 -42.87 53.80
N GLU B 902 22.81 -42.13 53.30
CA GLU B 902 23.68 -41.35 54.17
C GLU B 902 22.89 -40.30 54.93
N GLU B 903 21.89 -39.68 54.29
CA GLU B 903 21.01 -38.75 54.97
C GLU B 903 20.20 -39.44 56.05
N LEU B 904 19.76 -40.66 55.77
CA LEU B 904 18.99 -41.44 56.76
C LEU B 904 19.81 -41.66 58.02
N HIS B 905 21.08 -42.03 57.85
CA HIS B 905 21.94 -42.20 59.02
C HIS B 905 22.09 -40.89 59.81
N ARG B 906 22.14 -39.75 59.10
CA ARG B 906 22.26 -38.47 59.79
C ARG B 906 21.01 -38.13 60.59
N ILE B 907 19.81 -38.38 60.02
CA ILE B 907 18.59 -37.99 60.73
C ILE B 907 18.39 -38.84 61.99
N SER B 908 18.74 -40.11 61.94
CA SER B 908 18.63 -41.03 63.08
C SER B 908 20.03 -41.47 63.45
N SER B 909 20.51 -41.01 64.61
CA SER B 909 21.88 -41.30 65.04
C SER B 909 22.21 -42.78 64.88
N GLY B 910 21.38 -43.65 65.45
CA GLY B 910 21.55 -45.09 65.33
C GLY B 910 20.42 -45.70 64.49
N THR B 911 20.83 -46.50 63.50
CA THR B 911 19.88 -47.17 62.63
C THR B 911 19.99 -48.69 62.78
C1 EDO C . -11.15 23.14 -26.49
O1 EDO C . -11.97 22.07 -25.99
C2 EDO C . -11.98 24.04 -27.40
O2 EDO C . -13.06 24.59 -26.66
C1 EDO D . 12.00 -3.15 4.78
O1 EDO D . 13.01 -3.03 3.77
C2 EDO D . 10.76 -3.81 4.18
O2 EDO D . 11.11 -5.12 3.71
#